data_4OIX
# 
_entry.id   4OIX 
# 
_audit_conform.dict_name       mmcif_pdbx.dic 
_audit_conform.dict_version    5.379 
_audit_conform.dict_location   http://mmcif.pdb.org/dictionaries/ascii/mmcif_pdbx.dic 
# 
loop_
_database_2.database_id 
_database_2.database_code 
_database_2.pdbx_database_accession 
_database_2.pdbx_DOI 
PDB   4OIX         pdb_00004oix 10.2210/pdb4oix/pdb 
RCSB  RCSB084550   ?            ?                   
WWPDB D_1000084550 ?            ?                   
# 
loop_
_pdbx_database_related.db_name 
_pdbx_database_related.db_id 
_pdbx_database_related.details 
_pdbx_database_related.content_type 
PDB 4OJ1 . unspecified 
PDB 4OJ3 . unspecified 
PDB 4OJG . unspecified 
PDB 4OJH . unspecified 
# 
_pdbx_database_status.status_code                     REL 
_pdbx_database_status.entry_id                        4OIX 
_pdbx_database_status.recvd_initial_deposition_date   2014-01-20 
_pdbx_database_status.deposit_site                    RCSB 
_pdbx_database_status.process_site                    RCSB 
_pdbx_database_status.status_code_sf                  REL 
_pdbx_database_status.status_code_mr                  ? 
_pdbx_database_status.SG_entry                        ? 
_pdbx_database_status.status_code_cs                  ? 
_pdbx_database_status.methods_development_category    ? 
_pdbx_database_status.pdb_format_compatible           Y 
_pdbx_database_status.status_code_nmr_data            ? 
# 
loop_
_audit_author.name 
_audit_author.pdbx_ordinal 
'Dilovic, I.'   1 
'Bolognesi, M.' 2 
'Ricagno, S.'   3 
# 
_citation.id                        primary 
_citation.title                     'Crystal structure of truncated Acylphosphatase from S. sulfataricus' 
_citation.journal_abbrev            'TO BE PUBLISHED' 
_citation.journal_volume            ? 
_citation.page_first                ? 
_citation.page_last                 ? 
_citation.year                      ? 
_citation.journal_id_ASTM           ? 
_citation.country                   ? 
_citation.journal_id_ISSN           ? 
_citation.journal_id_CSD            0353 
_citation.book_publisher            ? 
_citation.pdbx_database_id_PubMed   ? 
_citation.pdbx_database_id_DOI      ? 
# 
loop_
_citation_author.citation_id 
_citation_author.name 
_citation_author.ordinal 
_citation_author.identifier_ORCID 
primary 'Dilovic, I.'   1 ? 
primary 'Bolognesi, M.' 2 ? 
primary 'Ricagno, S.'   3 ? 
# 
_cell.entry_id           4OIX 
_cell.length_a           31.780 
_cell.length_b           39.510 
_cell.length_c           64.130 
_cell.angle_alpha        90.00 
_cell.angle_beta         90.00 
_cell.angle_gamma        90.00 
_cell.Z_PDB              4 
_cell.pdbx_unique_axis   ? 
_cell.length_a_esd       ? 
_cell.length_b_esd       ? 
_cell.length_c_esd       ? 
_cell.angle_alpha_esd    ? 
_cell.angle_beta_esd     ? 
_cell.angle_gamma_esd    ? 
# 
_symmetry.entry_id                         4OIX 
_symmetry.space_group_name_H-M             'P 21 21 21' 
_symmetry.pdbx_full_space_group_name_H-M   ? 
_symmetry.cell_setting                     ? 
_symmetry.Int_Tables_number                19 
_symmetry.space_group_name_Hall            ? 
# 
loop_
_entity.id 
_entity.type 
_entity.src_method 
_entity.pdbx_description 
_entity.formula_weight 
_entity.pdbx_number_of_molecules 
_entity.pdbx_ec 
_entity.pdbx_mutation 
_entity.pdbx_fragment 
_entity.details 
1 polymer man Acylphosphatase 11652.300 1  3.6.1.7 ? 'Delta-11 AcP' ? 
2 water   nat water           18.015    92 ?       ? ?              ? 
# 
_entity_name_com.entity_id   1 
_entity_name_com.name        'Acylphosphate phosphohydrolase' 
# 
_entity_poly.entity_id                      1 
_entity_poly.type                           'polypeptide(L)' 
_entity_poly.nstd_linkage                   no 
_entity_poly.nstd_monomer                   no 
_entity_poly.pdbx_seq_one_letter_code       
;MKKWSDTEVFEMLKRMYARVYGLVQGVGFRKFVQIHAIRLGIKGYAKNLPDGSVEVVAEGYEEALSKLLERIKQGPPAAE
VEKVDYSFSEYKGEFEDFETY
;
_entity_poly.pdbx_seq_one_letter_code_can   
;MKKWSDTEVFEMLKRMYARVYGLVQGVGFRKFVQIHAIRLGIKGYAKNLPDGSVEVVAEGYEEALSKLLERIKQGPPAAE
VEKVDYSFSEYKGEFEDFETY
;
_entity_poly.pdbx_strand_id                 A 
_entity_poly.pdbx_target_identifier         ? 
# 
loop_
_entity_poly_seq.entity_id 
_entity_poly_seq.num 
_entity_poly_seq.mon_id 
_entity_poly_seq.hetero 
1 1   MET n 
1 2   LYS n 
1 3   LYS n 
1 4   TRP n 
1 5   SER n 
1 6   ASP n 
1 7   THR n 
1 8   GLU n 
1 9   VAL n 
1 10  PHE n 
1 11  GLU n 
1 12  MET n 
1 13  LEU n 
1 14  LYS n 
1 15  ARG n 
1 16  MET n 
1 17  TYR n 
1 18  ALA n 
1 19  ARG n 
1 20  VAL n 
1 21  TYR n 
1 22  GLY n 
1 23  LEU n 
1 24  VAL n 
1 25  GLN n 
1 26  GLY n 
1 27  VAL n 
1 28  GLY n 
1 29  PHE n 
1 30  ARG n 
1 31  LYS n 
1 32  PHE n 
1 33  VAL n 
1 34  GLN n 
1 35  ILE n 
1 36  HIS n 
1 37  ALA n 
1 38  ILE n 
1 39  ARG n 
1 40  LEU n 
1 41  GLY n 
1 42  ILE n 
1 43  LYS n 
1 44  GLY n 
1 45  TYR n 
1 46  ALA n 
1 47  LYS n 
1 48  ASN n 
1 49  LEU n 
1 50  PRO n 
1 51  ASP n 
1 52  GLY n 
1 53  SER n 
1 54  VAL n 
1 55  GLU n 
1 56  VAL n 
1 57  VAL n 
1 58  ALA n 
1 59  GLU n 
1 60  GLY n 
1 61  TYR n 
1 62  GLU n 
1 63  GLU n 
1 64  ALA n 
1 65  LEU n 
1 66  SER n 
1 67  LYS n 
1 68  LEU n 
1 69  LEU n 
1 70  GLU n 
1 71  ARG n 
1 72  ILE n 
1 73  LYS n 
1 74  GLN n 
1 75  GLY n 
1 76  PRO n 
1 77  PRO n 
1 78  ALA n 
1 79  ALA n 
1 80  GLU n 
1 81  VAL n 
1 82  GLU n 
1 83  LYS n 
1 84  VAL n 
1 85  ASP n 
1 86  TYR n 
1 87  SER n 
1 88  PHE n 
1 89  SER n 
1 90  GLU n 
1 91  TYR n 
1 92  LYS n 
1 93  GLY n 
1 94  GLU n 
1 95  PHE n 
1 96  GLU n 
1 97  ASP n 
1 98  PHE n 
1 99  GLU n 
1 100 THR n 
1 101 TYR n 
# 
_entity_src_gen.entity_id                          1 
_entity_src_gen.pdbx_src_id                        1 
_entity_src_gen.pdbx_alt_source_flag               sample 
_entity_src_gen.pdbx_seq_type                      ? 
_entity_src_gen.pdbx_beg_seq_num                   ? 
_entity_src_gen.pdbx_end_seq_num                   ? 
_entity_src_gen.gene_src_common_name               ? 
_entity_src_gen.gene_src_genus                     ? 
_entity_src_gen.pdbx_gene_src_gene                 'acyP, SSO0887' 
_entity_src_gen.gene_src_species                   ? 
_entity_src_gen.gene_src_strain                    'ATCC 35092 / DSM 1617 / JCM 11322 / P2' 
_entity_src_gen.gene_src_tissue                    ? 
_entity_src_gen.gene_src_tissue_fraction           ? 
_entity_src_gen.gene_src_details                   ? 
_entity_src_gen.pdbx_gene_src_fragment             ? 
_entity_src_gen.pdbx_gene_src_scientific_name      'Sulfolobus solfataricus' 
_entity_src_gen.pdbx_gene_src_ncbi_taxonomy_id     273057 
_entity_src_gen.pdbx_gene_src_variant              ? 
_entity_src_gen.pdbx_gene_src_cell_line            ? 
_entity_src_gen.pdbx_gene_src_atcc                 ? 
_entity_src_gen.pdbx_gene_src_organ                ? 
_entity_src_gen.pdbx_gene_src_organelle            ? 
_entity_src_gen.pdbx_gene_src_cell                 ? 
_entity_src_gen.pdbx_gene_src_cellular_location    ? 
_entity_src_gen.host_org_common_name               ? 
_entity_src_gen.pdbx_host_org_scientific_name      'Escherichia coli' 
_entity_src_gen.pdbx_host_org_ncbi_taxonomy_id     511693 
_entity_src_gen.host_org_genus                     ? 
_entity_src_gen.pdbx_host_org_gene                 ? 
_entity_src_gen.pdbx_host_org_organ                ? 
_entity_src_gen.host_org_species                   ? 
_entity_src_gen.pdbx_host_org_tissue               ? 
_entity_src_gen.pdbx_host_org_tissue_fraction      ? 
_entity_src_gen.pdbx_host_org_strain               BL21 
_entity_src_gen.pdbx_host_org_variant              ? 
_entity_src_gen.pdbx_host_org_cell_line            ? 
_entity_src_gen.pdbx_host_org_atcc                 ? 
_entity_src_gen.pdbx_host_org_culture_collection   ? 
_entity_src_gen.pdbx_host_org_cell                 ? 
_entity_src_gen.pdbx_host_org_organelle            ? 
_entity_src_gen.pdbx_host_org_cellular_location    ? 
_entity_src_gen.pdbx_host_org_vector_type          plasmid 
_entity_src_gen.pdbx_host_org_vector               ? 
_entity_src_gen.host_org_details                   ? 
_entity_src_gen.expression_system_id               ? 
_entity_src_gen.plasmid_name                       pGEX-2T 
_entity_src_gen.plasmid_details                    ? 
_entity_src_gen.pdbx_description                   ? 
# 
_struct_ref.id                         1 
_struct_ref.db_name                    UNP 
_struct_ref.db_code                    ACYP_SULSO 
_struct_ref.pdbx_db_accession          Q97ZL0 
_struct_ref.entity_id                  1 
_struct_ref.pdbx_seq_one_letter_code   
;MKKWSDTEVFEMLKRMYARVYGLVQGVGFRKFVQIHAIRLGIKGYAKNLPDGSVEVVAEGYEEALSKLLERIKQGPPAAE
VEKVDYSFSEYKGEFEDFETY
;
_struct_ref.pdbx_align_begin           1 
_struct_ref.pdbx_db_isoform            ? 
# 
_struct_ref_seq.align_id                      1 
_struct_ref_seq.ref_id                        1 
_struct_ref_seq.pdbx_PDB_id_code              4OIX 
_struct_ref_seq.pdbx_strand_id                A 
_struct_ref_seq.seq_align_beg                 1 
_struct_ref_seq.pdbx_seq_align_beg_ins_code   ? 
_struct_ref_seq.seq_align_end                 101 
_struct_ref_seq.pdbx_seq_align_end_ins_code   ? 
_struct_ref_seq.pdbx_db_accession             Q97ZL0 
_struct_ref_seq.db_align_beg                  1 
_struct_ref_seq.pdbx_db_align_beg_ins_code    ? 
_struct_ref_seq.db_align_end                  101 
_struct_ref_seq.pdbx_db_align_end_ins_code    ? 
_struct_ref_seq.pdbx_auth_seq_align_beg       1 
_struct_ref_seq.pdbx_auth_seq_align_end       101 
# 
loop_
_chem_comp.id 
_chem_comp.type 
_chem_comp.mon_nstd_flag 
_chem_comp.name 
_chem_comp.pdbx_synonyms 
_chem_comp.formula 
_chem_comp.formula_weight 
ALA 'L-peptide linking' y ALANINE         ? 'C3 H7 N O2'     89.093  
ARG 'L-peptide linking' y ARGININE        ? 'C6 H15 N4 O2 1' 175.209 
ASN 'L-peptide linking' y ASPARAGINE      ? 'C4 H8 N2 O3'    132.118 
ASP 'L-peptide linking' y 'ASPARTIC ACID' ? 'C4 H7 N O4'     133.103 
GLN 'L-peptide linking' y GLUTAMINE       ? 'C5 H10 N2 O3'   146.144 
GLU 'L-peptide linking' y 'GLUTAMIC ACID' ? 'C5 H9 N O4'     147.129 
GLY 'peptide linking'   y GLYCINE         ? 'C2 H5 N O2'     75.067  
HIS 'L-peptide linking' y HISTIDINE       ? 'C6 H10 N3 O2 1' 156.162 
HOH non-polymer         . WATER           ? 'H2 O'           18.015  
ILE 'L-peptide linking' y ISOLEUCINE      ? 'C6 H13 N O2'    131.173 
LEU 'L-peptide linking' y LEUCINE         ? 'C6 H13 N O2'    131.173 
LYS 'L-peptide linking' y LYSINE          ? 'C6 H15 N2 O2 1' 147.195 
MET 'L-peptide linking' y METHIONINE      ? 'C5 H11 N O2 S'  149.211 
PHE 'L-peptide linking' y PHENYLALANINE   ? 'C9 H11 N O2'    165.189 
PRO 'L-peptide linking' y PROLINE         ? 'C5 H9 N O2'     115.130 
SER 'L-peptide linking' y SERINE          ? 'C3 H7 N O3'     105.093 
THR 'L-peptide linking' y THREONINE       ? 'C4 H9 N O3'     119.119 
TRP 'L-peptide linking' y TRYPTOPHAN      ? 'C11 H12 N2 O2'  204.225 
TYR 'L-peptide linking' y TYROSINE        ? 'C9 H11 N O3'    181.189 
VAL 'L-peptide linking' y VALINE          ? 'C5 H11 N O2'    117.146 
# 
_exptl.entry_id          4OIX 
_exptl.method            'X-RAY DIFFRACTION' 
_exptl.crystals_number   1 
# 
_exptl_crystal.id                    1 
_exptl_crystal.density_meas          ? 
_exptl_crystal.density_Matthews      1.73 
_exptl_crystal.density_percent_sol   28.80 
_exptl_crystal.description           ? 
_exptl_crystal.F_000                 ? 
_exptl_crystal.preparation           ? 
# 
_exptl_crystal_grow.crystal_id      1 
_exptl_crystal_grow.method          'VAPOR DIFFUSION, SITTING DROP' 
_exptl_crystal_grow.temp            293 
_exptl_crystal_grow.temp_details    ? 
_exptl_crystal_grow.pH              7.5 
_exptl_crystal_grow.pdbx_details    '10% PEG 8000, 8% ethylene glycol, pH 7.5, VAPOR DIFFUSION, SITTING DROP, temperature 293K' 
_exptl_crystal_grow.pdbx_pH_range   ? 
# 
_diffrn.id                     1 
_diffrn.ambient_temp           110 
_diffrn.ambient_temp_details   ? 
_diffrn.crystal_id             1 
# 
_diffrn_detector.diffrn_id              1 
_diffrn_detector.detector               CCD 
_diffrn_detector.type                   'MAR CCD 165 mm' 
_diffrn_detector.pdbx_collection_date   2013-03-12 
_diffrn_detector.details                'bent collimating mirror and toroid' 
# 
_diffrn_radiation.diffrn_id                        1 
_diffrn_radiation.wavelength_id                    1 
_diffrn_radiation.pdbx_monochromatic_or_laue_m_l   M 
_diffrn_radiation.monochromator                    'Si(111) monochromator' 
_diffrn_radiation.pdbx_diffrn_protocol             'SINGLE WAVELENGTH' 
_diffrn_radiation.pdbx_scattering_type             x-ray 
# 
_diffrn_radiation_wavelength.id           1 
_diffrn_radiation_wavelength.wavelength   1.0716 
_diffrn_radiation_wavelength.wt           1.0 
# 
_diffrn_source.diffrn_id                   1 
_diffrn_source.source                      SYNCHROTRON 
_diffrn_source.type                        'ESRF BEAMLINE BM14' 
_diffrn_source.pdbx_synchrotron_site       ESRF 
_diffrn_source.pdbx_synchrotron_beamline   BM14 
_diffrn_source.pdbx_wavelength             ? 
_diffrn_source.pdbx_wavelength_list        1.0716 
# 
_reflns.entry_id                     4OIX 
_reflns.observed_criterion_sigma_I   ? 
_reflns.observed_criterion_sigma_F   ? 
_reflns.d_resolution_low             31.78 
_reflns.d_resolution_high            1.55 
_reflns.number_obs                   11780 
_reflns.number_all                   12271 
_reflns.percent_possible_obs         96.0 
_reflns.pdbx_Rmerge_I_obs            0.044 
_reflns.pdbx_Rsym_value              ? 
_reflns.pdbx_netI_over_sigmaI        23.1 
_reflns.B_iso_Wilson_estimate        10.8 
_reflns.pdbx_redundancy              4.7 
_reflns.R_free_details               ? 
_reflns.limit_h_max                  ? 
_reflns.limit_h_min                  ? 
_reflns.limit_k_max                  ? 
_reflns.limit_k_min                  ? 
_reflns.limit_l_max                  ? 
_reflns.limit_l_min                  ? 
_reflns.observed_criterion_F_max     ? 
_reflns.observed_criterion_F_min     ? 
_reflns.pdbx_chi_squared             ? 
_reflns.pdbx_scaling_rejects         ? 
_reflns.pdbx_ordinal                 1 
_reflns.pdbx_diffrn_id               1 
# 
_reflns_shell.d_res_high             1.55 
_reflns_shell.d_res_low              1.63 
_reflns_shell.percent_possible_all   80.3 
_reflns_shell.Rmerge_I_obs           0.061 
_reflns_shell.pdbx_Rsym_value        ? 
_reflns_shell.meanI_over_sigI_obs    10.7 
_reflns_shell.pdbx_redundancy        3.0 
_reflns_shell.percent_possible_obs   ? 
_reflns_shell.number_unique_all      1398 
_reflns_shell.number_measured_all    ? 
_reflns_shell.number_measured_obs    ? 
_reflns_shell.number_unique_obs      ? 
_reflns_shell.pdbx_chi_squared       ? 
_reflns_shell.pdbx_ordinal           1 
_reflns_shell.pdbx_diffrn_id         1 
# 
_refine.entry_id                                 4OIX 
_refine.ls_number_reflns_obs                     10928 
_refine.ls_number_reflns_all                     ? 
_refine.pdbx_ls_sigma_I                          ? 
_refine.pdbx_ls_sigma_F                          . 
_refine.pdbx_data_cutoff_high_absF               ? 
_refine.pdbx_data_cutoff_low_absF                ? 
_refine.pdbx_data_cutoff_high_rms_absF           ? 
_refine.ls_d_res_low                             28.49 
_refine.ls_d_res_high                            1.55 
_refine.ls_percent_reflns_obs                    95.73 
_refine.ls_R_factor_obs                          0.14960 
_refine.ls_R_factor_all                          ? 
_refine.ls_R_factor_R_work                       0.14742 
_refine.ls_R_factor_R_free                       0.17795 
_refine.ls_R_factor_R_free_error                 ? 
_refine.ls_R_factor_R_free_error_details         ? 
_refine.ls_percent_reflns_R_free                 6.9 
_refine.ls_number_reflns_R_free                  814 
_refine.ls_number_parameters                     ? 
_refine.ls_number_restraints                     ? 
_refine.occupancy_min                            ? 
_refine.occupancy_max                            ? 
_refine.correlation_coeff_Fo_to_Fc               0.967 
_refine.correlation_coeff_Fo_to_Fc_free          0.957 
_refine.B_iso_mean                               14.493 
_refine.aniso_B[1][1]                            -0.94 
_refine.aniso_B[2][2]                            1.56 
_refine.aniso_B[3][3]                            -0.62 
_refine.aniso_B[1][2]                            0.00 
_refine.aniso_B[1][3]                            0.00 
_refine.aniso_B[2][3]                            0.00 
_refine.solvent_model_details                    MASK 
_refine.solvent_model_param_ksol                 ? 
_refine.solvent_model_param_bsol                 ? 
_refine.pdbx_solvent_vdw_probe_radii             1.20 
_refine.pdbx_solvent_ion_probe_radii             0.80 
_refine.pdbx_solvent_shrinkage_radii             0.80 
_refine.pdbx_ls_cross_valid_method               THROUGHOUT 
_refine.details                                  'HYDROGENS HAVE BEEN ADDED IN THE RIDING POSITIONS' 
_refine.pdbx_starting_model                      'pdb entry 2BJE' 
_refine.pdbx_method_to_determine_struct          'MOLECULAR REPLACEMENT' 
_refine.pdbx_isotropic_thermal_model             ? 
_refine.pdbx_stereochemistry_target_values       'MAXIMUM LIKELIHOOD' 
_refine.pdbx_stereochem_target_val_spec_case     ? 
_refine.pdbx_R_Free_selection_details            RANDOM 
_refine.pdbx_overall_ESU_R                       0.115 
_refine.pdbx_overall_ESU_R_Free                  0.079 
_refine.overall_SU_ML                            0.043 
_refine.pdbx_overall_phase_error                 ? 
_refine.overall_SU_B                             2.581 
_refine.overall_SU_R_Cruickshank_DPI             ? 
_refine.ls_redundancy_reflns_obs                 ? 
_refine.B_iso_min                                ? 
_refine.B_iso_max                                ? 
_refine.overall_SU_R_free                        ? 
_refine.ls_wR_factor_R_free                      ? 
_refine.ls_wR_factor_R_work                      ? 
_refine.overall_FOM_free_R_set                   ? 
_refine.overall_FOM_work_R_set                   ? 
_refine.pdbx_diffrn_id                           1 
_refine.pdbx_refine_id                           'X-RAY DIFFRACTION' 
_refine.pdbx_TLS_residual_ADP_flag               ? 
_refine.pdbx_overall_SU_R_free_Cruickshank_DPI   ? 
_refine.pdbx_overall_SU_R_Blow_DPI               ? 
_refine.pdbx_overall_SU_R_free_Blow_DPI          ? 
# 
_refine_hist.pdbx_refine_id                   'X-RAY DIFFRACTION' 
_refine_hist.cycle_id                         LAST 
_refine_hist.pdbx_number_atoms_protein        725 
_refine_hist.pdbx_number_atoms_nucleic_acid   0 
_refine_hist.pdbx_number_atoms_ligand         0 
_refine_hist.number_atoms_solvent             92 
_refine_hist.number_atoms_total               817 
_refine_hist.d_res_high                       1.55 
_refine_hist.d_res_low                        28.49 
# 
loop_
_refine_ls_restr.type 
_refine_ls_restr.dev_ideal 
_refine_ls_restr.dev_ideal_target 
_refine_ls_restr.weight 
_refine_ls_restr.number 
_refine_ls_restr.pdbx_restraint_function 
_refine_ls_restr.pdbx_refine_id 
r_bond_refined_d       0.006  0.019  ? 747  ? 'X-RAY DIFFRACTION' 
r_bond_other_d         0.001  0.020  ? 725  ? 'X-RAY DIFFRACTION' 
r_angle_refined_deg    1.058  1.984  ? 1003 ? 'X-RAY DIFFRACTION' 
r_angle_other_deg      0.639  3.000  ? 1673 ? 'X-RAY DIFFRACTION' 
r_dihedral_angle_1_deg 5.952  5.000  ? 91   ? 'X-RAY DIFFRACTION' 
r_dihedral_angle_2_deg 24.095 23.611 ? 36   ? 'X-RAY DIFFRACTION' 
r_dihedral_angle_3_deg 11.897 15.000 ? 138  ? 'X-RAY DIFFRACTION' 
r_dihedral_angle_4_deg 18.155 15.000 ? 5    ? 'X-RAY DIFFRACTION' 
r_chiral_restr         0.065  0.200  ? 103  ? 'X-RAY DIFFRACTION' 
r_gen_planes_refined   0.005  0.020  ? 839  ? 'X-RAY DIFFRACTION' 
r_gen_planes_other     0.001  0.020  ? 172  ? 'X-RAY DIFFRACTION' 
r_rigid_bond_restr     2.390  3.000  ? 1472 ? 'X-RAY DIFFRACTION' 
r_sphericity_free      24.304 5.000  ? 20   ? 'X-RAY DIFFRACTION' 
r_sphericity_bonded    5.234  5.000  ? 1528 ? 'X-RAY DIFFRACTION' 
# 
_refine_ls_shell.pdbx_total_number_of_bins_used   20 
_refine_ls_shell.d_res_high                       1.550 
_refine_ls_shell.d_res_low                        1.590 
_refine_ls_shell.number_reflns_R_work             645 
_refine_ls_shell.R_factor_R_work                  0.140 
_refine_ls_shell.percent_reflns_obs               74.53 
_refine_ls_shell.R_factor_R_free                  0.214 
_refine_ls_shell.R_factor_R_free_error            ? 
_refine_ls_shell.percent_reflns_R_free            ? 
_refine_ls_shell.number_reflns_R_free             34 
_refine_ls_shell.number_reflns_all                ? 
_refine_ls_shell.R_factor_all                     ? 
_refine_ls_shell.number_reflns_obs                ? 
_refine_ls_shell.redundancy_reflns_obs            ? 
_refine_ls_shell.pdbx_refine_id                   'X-RAY DIFFRACTION' 
# 
_struct.entry_id                  4OIX 
_struct.title                     'Crystal structure of truncated Acylphosphatase from S. sulfataricus' 
_struct.pdbx_model_details        ? 
_struct.pdbx_CASP_flag            ? 
_struct.pdbx_model_type_details   ? 
# 
_struct_keywords.entry_id        4OIX 
_struct_keywords.pdbx_keywords   HYDROLASE 
_struct_keywords.text            'native-like aggregation, hydrolase, acylphosphatase' 
# 
loop_
_struct_asym.id 
_struct_asym.pdbx_blank_PDB_chainid_flag 
_struct_asym.pdbx_modified 
_struct_asym.entity_id 
_struct_asym.details 
A N N 1 ? 
B N N 2 ? 
# 
_struct_biol.id        1 
_struct_biol.details   ? 
# 
loop_
_struct_conf.conf_type_id 
_struct_conf.id 
_struct_conf.pdbx_PDB_helix_id 
_struct_conf.beg_label_comp_id 
_struct_conf.beg_label_asym_id 
_struct_conf.beg_label_seq_id 
_struct_conf.pdbx_beg_PDB_ins_code 
_struct_conf.end_label_comp_id 
_struct_conf.end_label_asym_id 
_struct_conf.end_label_seq_id 
_struct_conf.pdbx_end_PDB_ins_code 
_struct_conf.beg_auth_comp_id 
_struct_conf.beg_auth_asym_id 
_struct_conf.beg_auth_seq_id 
_struct_conf.end_auth_comp_id 
_struct_conf.end_auth_asym_id 
_struct_conf.end_auth_seq_id 
_struct_conf.pdbx_PDB_helix_class 
_struct_conf.details 
_struct_conf.pdbx_PDB_helix_length 
HELX_P HELX_P1 1 GLY A 28 ? LEU A 40 ? GLY A 28 LEU A 40 1 ? 13 
HELX_P HELX_P2 2 GLU A 62 ? GLY A 75 ? GLU A 62 GLY A 75 1 ? 14 
# 
_struct_conf_type.id          HELX_P 
_struct_conf_type.criteria    ? 
_struct_conf_type.reference   ? 
# 
_struct_sheet.id               A 
_struct_sheet.type             ? 
_struct_sheet.number_strands   5 
_struct_sheet.details          ? 
# 
loop_
_struct_sheet_order.sheet_id 
_struct_sheet_order.range_id_1 
_struct_sheet_order.range_id_2 
_struct_sheet_order.offset 
_struct_sheet_order.sense 
A 1 2 ? anti-parallel 
A 2 3 ? anti-parallel 
A 3 4 ? anti-parallel 
A 4 5 ? parallel      
# 
loop_
_struct_sheet_range.sheet_id 
_struct_sheet_range.id 
_struct_sheet_range.beg_label_comp_id 
_struct_sheet_range.beg_label_asym_id 
_struct_sheet_range.beg_label_seq_id 
_struct_sheet_range.pdbx_beg_PDB_ins_code 
_struct_sheet_range.end_label_comp_id 
_struct_sheet_range.end_label_asym_id 
_struct_sheet_range.end_label_seq_id 
_struct_sheet_range.pdbx_end_PDB_ins_code 
_struct_sheet_range.beg_auth_comp_id 
_struct_sheet_range.beg_auth_asym_id 
_struct_sheet_range.beg_auth_seq_id 
_struct_sheet_range.end_auth_comp_id 
_struct_sheet_range.end_auth_asym_id 
_struct_sheet_range.end_auth_seq_id 
A 1 GLU A 80 ? SER A 89  ? GLU A 80 SER A 89  
A 2 LEU A 13 ? LEU A 23  ? LEU A 13 LEU A 23  
A 3 VAL A 54 ? TYR A 61  ? VAL A 54 TYR A 61  
A 4 LYS A 43 ? ASN A 48  ? LYS A 43 ASN A 48  
A 5 PHE A 98 ? TYR A 101 ? PHE A 98 TYR A 101 
# 
loop_
_pdbx_struct_sheet_hbond.sheet_id 
_pdbx_struct_sheet_hbond.range_id_1 
_pdbx_struct_sheet_hbond.range_id_2 
_pdbx_struct_sheet_hbond.range_1_label_atom_id 
_pdbx_struct_sheet_hbond.range_1_label_comp_id 
_pdbx_struct_sheet_hbond.range_1_label_asym_id 
_pdbx_struct_sheet_hbond.range_1_label_seq_id 
_pdbx_struct_sheet_hbond.range_1_PDB_ins_code 
_pdbx_struct_sheet_hbond.range_1_auth_atom_id 
_pdbx_struct_sheet_hbond.range_1_auth_comp_id 
_pdbx_struct_sheet_hbond.range_1_auth_asym_id 
_pdbx_struct_sheet_hbond.range_1_auth_seq_id 
_pdbx_struct_sheet_hbond.range_2_label_atom_id 
_pdbx_struct_sheet_hbond.range_2_label_comp_id 
_pdbx_struct_sheet_hbond.range_2_label_asym_id 
_pdbx_struct_sheet_hbond.range_2_label_seq_id 
_pdbx_struct_sheet_hbond.range_2_PDB_ins_code 
_pdbx_struct_sheet_hbond.range_2_auth_atom_id 
_pdbx_struct_sheet_hbond.range_2_auth_comp_id 
_pdbx_struct_sheet_hbond.range_2_auth_asym_id 
_pdbx_struct_sheet_hbond.range_2_auth_seq_id 
A 1 2 O LYS A 83 ? O LYS A 83 N TYR A 21 ? N TYR A 21 
A 2 3 N ALA A 18 ? N ALA A 18 O VAL A 56 ? O VAL A 56 
A 3 4 O GLU A 55 ? O GLU A 55 N LYS A 47 ? N LYS A 47 
A 4 5 N GLY A 44 ? N GLY A 44 O GLU A 99 ? O GLU A 99 
# 
_atom_sites.entry_id                    4OIX 
_atom_sites.fract_transf_matrix[1][1]   0.02368891 
_atom_sites.fract_transf_matrix[1][2]   0.01697394 
_atom_sites.fract_transf_matrix[1][3]   0.01186718 
_atom_sites.fract_transf_matrix[2][1]   0.01275858 
_atom_sites.fract_transf_matrix[2][2]   -0.02128502 
_atom_sites.fract_transf_matrix[2][3]   0.00497622 
_atom_sites.fract_transf_matrix[3][1]   0.00659937 
_atom_sites.fract_transf_matrix[3][2]   0.00065644 
_atom_sites.fract_transf_matrix[3][3]   -0.01411237 
_atom_sites.fract_transf_vector[1]      0.264737 
_atom_sites.fract_transf_vector[2]      0.001012 
_atom_sites.fract_transf_vector[3]      0.108196 
# 
loop_
_atom_type.symbol 
C 
N 
O 
S 
# 
loop_
_atom_site.group_PDB 
_atom_site.id 
_atom_site.type_symbol 
_atom_site.label_atom_id 
_atom_site.label_alt_id 
_atom_site.label_comp_id 
_atom_site.label_asym_id 
_atom_site.label_entity_id 
_atom_site.label_seq_id 
_atom_site.pdbx_PDB_ins_code 
_atom_site.Cartn_x 
_atom_site.Cartn_y 
_atom_site.Cartn_z 
_atom_site.occupancy 
_atom_site.B_iso_or_equiv 
_atom_site.pdbx_formal_charge 
_atom_site.auth_seq_id 
_atom_site.auth_comp_id 
_atom_site.auth_asym_id 
_atom_site.auth_atom_id 
_atom_site.pdbx_PDB_model_num 
ATOM   1   N N   . MET A 1 12  ? 13.035  -10.151 -9.463  1.00 35.32 ? 12  MET A N   1 
ATOM   2   C CA  . MET A 1 12  ? 12.159  -9.261  -10.279 1.00 30.28 ? 12  MET A CA  1 
ATOM   3   C C   . MET A 1 12  ? 10.874  -8.900  -9.516  1.00 24.43 ? 12  MET A C   1 
ATOM   4   O O   . MET A 1 12  ? 10.532  -7.729  -9.431  1.00 23.15 ? 12  MET A O   1 
ATOM   5   C CB  . MET A 1 12  ? 11.825  -9.902  -11.641 1.00 35.69 ? 12  MET A CB  1 
ATOM   6   C CG  . MET A 1 12  ? 13.035  -10.088 -12.552 1.00 40.92 ? 12  MET A CG  1 
ATOM   7   S SD  . MET A 1 12  ? 12.665  -10.797 -14.176 1.00 49.31 ? 12  MET A SD  1 
ATOM   8   C CE  . MET A 1 12  ? 14.302  -11.305 -14.698 1.00 40.45 ? 12  MET A CE  1 
ATOM   9   N N   . LEU A 1 13  ? 10.192  -9.901  -8.950  1.00 17.98 ? 13  LEU A N   1 
ATOM   10  C CA  . LEU A 1 13  ? 8.869   -9.717  -8.336  1.00 15.90 ? 13  LEU A CA  1 
ATOM   11  C C   . LEU A 1 13  ? 8.907   -10.001 -6.836  1.00 14.39 ? 13  LEU A C   1 
ATOM   12  O O   . LEU A 1 13  ? 9.612   -10.889 -6.393  1.00 15.18 ? 13  LEU A O   1 
ATOM   13  C CB  . LEU A 1 13  ? 7.848   -10.652 -8.991  1.00 17.21 ? 13  LEU A CB  1 
ATOM   14  C CG  . LEU A 1 13  ? 7.764   -10.625 -10.516 1.00 18.36 ? 13  LEU A CG  1 
ATOM   15  C CD1 . LEU A 1 13  ? 6.759   -11.652 -11.012 1.00 19.46 ? 13  LEU A CD1 1 
ATOM   16  C CD2 . LEU A 1 13  ? 7.416   -9.230  -11.014 1.00 19.57 ? 13  LEU A CD2 1 
ATOM   17  N N   . LYS A 1 14  ? 8.140   -9.231  -6.061  1.00 13.26 ? 14  LYS A N   1 
ATOM   18  C CA  A LYS A 1 14  ? 8.081   -9.405  -4.611  0.50 13.04 ? 14  LYS A CA  1 
ATOM   19  C CA  B LYS A 1 14  ? 8.081   -9.388  -4.606  0.50 13.10 ? 14  LYS A CA  1 
ATOM   20  C C   . LYS A 1 14  ? 6.688   -9.088  -4.079  1.00 11.68 ? 14  LYS A C   1 
ATOM   21  O O   . LYS A 1 14  ? 5.857   -8.536  -4.786  1.00 11.02 ? 14  LYS A O   1 
ATOM   22  C CB  A LYS A 1 14  ? 9.092   -8.488  -3.902  0.50 14.46 ? 14  LYS A CB  1 
ATOM   23  C CB  B LYS A 1 14  ? 9.070   -8.439  -3.911  0.50 14.79 ? 14  LYS A CB  1 
ATOM   24  C CG  A LYS A 1 14  ? 10.559  -8.710  -4.244  0.50 18.22 ? 14  LYS A CG  1 
ATOM   25  C CG  B LYS A 1 14  ? 10.501  -8.947  -3.835  0.50 19.02 ? 14  LYS A CG  1 
ATOM   26  C CD  A LYS A 1 14  ? 11.120  -9.972  -3.603  0.50 23.19 ? 14  LYS A CD  1 
ATOM   27  C CD  B LYS A 1 14  ? 10.624  -10.226 -3.017  0.50 24.59 ? 14  LYS A CD  1 
ATOM   28  C CE  A LYS A 1 14  ? 12.631  -10.051 -3.774  0.50 32.22 ? 14  LYS A CE  1 
ATOM   29  C CE  B LYS A 1 14  ? 11.170  -9.972  -1.618  0.50 31.56 ? 14  LYS A CE  1 
ATOM   30  N NZ  A LYS A 1 14  ? 13.172  -11.389 -3.407  0.50 39.33 ? 14  LYS A NZ  1 
ATOM   31  N NZ  B LYS A 1 14  ? 12.053  -11.082 -1.159  0.50 38.66 ? 14  LYS A NZ  1 
ATOM   32  N N   . ARG A 1 15  ? 6.467   -9.470  -2.825  1.00 11.60 ? 15  ARG A N   1 
ATOM   33  C CA  . ARG A 1 15  ? 5.356   -8.967  -2.046  1.00 11.06 ? 15  ARG A CA  1 
ATOM   34  C C   . ARG A 1 15  ? 5.930   -7.986  -1.031  1.00 11.76 ? 15  ARG A C   1 
ATOM   35  O O   . ARG A 1 15  ? 6.974   -8.248  -0.411  1.00 11.77 ? 15  ARG A O   1 
ATOM   36  C CB  . ARG A 1 15  ? 4.625   -10.074 -1.286  1.00 11.64 ? 15  ARG A CB  1 
ATOM   37  C CG  . ARG A 1 15  ? 3.546   -9.516  -0.358  1.00 12.40 ? 15  ARG A CG  1 
ATOM   38  C CD  . ARG A 1 15  ? 2.748   -10.600 0.339   1.00 14.42 ? 15  ARG A CD  1 
ATOM   39  N NE  . ARG A 1 15  ? 1.993   -11.391 -0.617  1.00 15.43 ? 15  ARG A NE  1 
ATOM   40  C CZ  . ARG A 1 15  ? 0.986   -12.202 -0.306  1.00 17.19 ? 15  ARG A CZ  1 
ATOM   41  N NH1 . ARG A 1 15  ? 0.571   -12.316 0.948   1.00 20.81 ? 15  ARG A NH1 1 
ATOM   42  N NH2 . ARG A 1 15  ? 0.376   -12.881 -1.260  1.00 16.99 ? 15  ARG A NH2 1 
ATOM   43  N N   . MET A 1 16  ? 5.220   -6.877  -0.838  1.00 10.16 ? 16  MET A N   1 
ATOM   44  C CA  . MET A 1 16  ? 5.555   -5.901  0.185   1.00 9.54  ? 16  MET A CA  1 
ATOM   45  C C   . MET A 1 16  ? 4.373   -5.786  1.138   1.00 9.52  ? 16  MET A C   1 
ATOM   46  O O   . MET A 1 16  ? 3.222   -5.715  0.707   1.00 10.64 ? 16  MET A O   1 
ATOM   47  C CB  . MET A 1 16  ? 5.854   -4.546  -0.451  1.00 9.54  ? 16  MET A CB  1 
ATOM   48  C CG  . MET A 1 16  ? 6.209   -3.453  0.541   1.00 10.38 ? 16  MET A CG  1 
ATOM   49  S SD  . MET A 1 16  ? 6.642   -1.891  -0.230  1.00 12.47 ? 16  MET A SD  1 
ATOM   50  C CE  . MET A 1 16  ? 5.066   -1.412  -0.920  1.00 12.49 ? 16  MET A CE  1 
ATOM   51  N N   . TYR A 1 17  ? 4.679   -5.796  2.433   1.00 10.52 ? 17  TYR A N   1 
ATOM   52  C CA  . TYR A 1 17  ? 3.708   -5.508  3.476   1.00 10.93 ? 17  TYR A CA  1 
ATOM   53  C C   . TYR A 1 17  ? 4.078   -4.174  4.107   1.00 10.93 ? 17  TYR A C   1 
ATOM   54  O O   . TYR A 1 17  ? 5.243   -3.920  4.377   1.00 11.84 ? 17  TYR A O   1 
ATOM   55  C CB  . TYR A 1 17  ? 3.738   -6.605  4.543   1.00 11.49 ? 17  TYR A CB  1 
ATOM   56  C CG  . TYR A 1 17  ? 2.858   -6.303  5.735   1.00 13.10 ? 17  TYR A CG  1 
ATOM   57  C CD1 . TYR A 1 17  ? 1.513   -6.646  5.733   1.00 14.91 ? 17  TYR A CD1 1 
ATOM   58  C CD2 . TYR A 1 17  ? 3.367   -5.641  6.845   1.00 13.36 ? 17  TYR A CD2 1 
ATOM   59  C CE1 . TYR A 1 17  ? 0.698   -6.354  6.812   1.00 15.46 ? 17  TYR A CE1 1 
ATOM   60  C CE2 . TYR A 1 17  ? 2.559   -5.349  7.935   1.00 15.07 ? 17  TYR A CE2 1 
ATOM   61  C CZ  . TYR A 1 17  ? 1.229   -5.713  7.914   1.00 14.98 ? 17  TYR A CZ  1 
ATOM   62  O OH  . TYR A 1 17  ? 0.428   -5.423  8.990   1.00 16.17 ? 17  TYR A OH  1 
ATOM   63  N N   . ALA A 1 18  ? 3.083   -3.326  4.351   1.00 10.10 ? 18  ALA A N   1 
ATOM   64  C CA  . ALA A 1 18  ? 3.316   -2.061  5.025   1.00 10.47 ? 18  ALA A CA  1 
ATOM   65  C C   . ALA A 1 18  ? 2.180   -1.823  5.992   1.00 10.91 ? 18  ALA A C   1 
ATOM   66  O O   . ALA A 1 18  ? 1.031   -2.074  5.665   1.00 12.02 ? 18  ALA A O   1 
ATOM   67  C CB  . ALA A 1 18  ? 3.417   -0.918  4.023   1.00 11.30 ? 18  ALA A CB  1 
ATOM   68  N N   . ARG A 1 19  ? 2.515   -1.389  7.198   1.00 11.14 ? 19  ARG A N   1 
ATOM   69  C CA  . ARG A 1 19  ? 1.519   -0.906  8.116   1.00 11.47 ? 19  ARG A CA  1 
ATOM   70  C C   . ARG A 1 19  ? 1.768   0.567   8.389   1.00 10.26 ? 19  ARG A C   1 
ATOM   71  O O   . ARG A 1 19  ? 2.893   0.971   8.714   1.00 9.26  ? 19  ARG A O   1 
ATOM   72  C CB  . ARG A 1 19  ? 1.531   -1.686  9.409   1.00 12.96 ? 19  ARG A CB  1 
ATOM   73  C CG  . ARG A 1 19  ? 0.365   -1.275  10.290  1.00 14.79 ? 19  ARG A CG  1 
ATOM   74  C CD  . ARG A 1 19  ? -0.155  -2.456  11.027  1.00 15.12 ? 19  ARG A CD  1 
ATOM   75  N NE  . ARG A 1 19  ? -1.035  -2.052  12.106  1.00 13.88 ? 19  ARG A NE  1 
ATOM   76  C CZ  . ARG A 1 19  ? -1.140  -2.705  13.257  1.00 15.45 ? 19  ARG A CZ  1 
ATOM   77  N NH1 . ARG A 1 19  ? -0.400  -3.781  13.497  1.00 16.39 ? 19  ARG A NH1 1 
ATOM   78  N NH2 . ARG A 1 19  ? -1.970  -2.265  14.180  1.00 15.91 ? 19  ARG A NH2 1 
ATOM   79  N N   . VAL A 1 20  ? 0.695   1.340   8.297   1.00 9.02  ? 20  VAL A N   1 
ATOM   80  C CA  . VAL A 1 20  ? 0.773   2.782   8.234   1.00 8.39  ? 20  VAL A CA  1 
ATOM   81  C C   . VAL A 1 20  ? 0.012   3.355   9.411   1.00 8.78  ? 20  VAL A C   1 
ATOM   82  O O   . VAL A 1 20  ? -1.161  3.029   9.616   1.00 8.84  ? 20  VAL A O   1 
ATOM   83  C CB  . VAL A 1 20  ? 0.155   3.308   6.921   1.00 8.15  ? 20  VAL A CB  1 
ATOM   84  C CG1 . VAL A 1 20  ? 0.382   4.805   6.782   1.00 8.74  ? 20  VAL A CG1 1 
ATOM   85  C CG2 . VAL A 1 20  ? 0.735   2.562   5.722   1.00 8.42  ? 20  VAL A CG2 1 
ATOM   86  N N   . TYR A 1 21  ? 0.691   4.216   10.162  1.00 8.85  ? 21  TYR A N   1 
ATOM   87  C CA  . TYR A 1 21  ? 0.132   4.846   11.349  1.00 8.85  ? 21  TYR A CA  1 
ATOM   88  C C   . TYR A 1 21  ? 0.056   6.347   11.166  1.00 9.01  ? 21  TYR A C   1 
ATOM   89  O O   . TYR A 1 21  ? 0.928   6.942   10.531  1.00 9.63  ? 21  TYR A O   1 
ATOM   90  C CB  . TYR A 1 21  ? 1.011   4.564   12.561  1.00 9.24  ? 21  TYR A CB  1 
ATOM   91  C CG  . TYR A 1 21  ? 1.208   3.110   12.882  1.00 10.10 ? 21  TYR A CG  1 
ATOM   92  C CD1 . TYR A 1 21  ? 2.277   2.402   12.344  1.00 11.25 ? 21  TYR A CD1 1 
ATOM   93  C CD2 . TYR A 1 21  ? 0.342   2.447   13.743  1.00 11.29 ? 21  TYR A CD2 1 
ATOM   94  C CE1 . TYR A 1 21  ? 2.473   1.070   12.650  1.00 12.96 ? 21  TYR A CE1 1 
ATOM   95  C CE2 . TYR A 1 21  ? 0.524   1.115   14.056  1.00 12.10 ? 21  TYR A CE2 1 
ATOM   96  C CZ  . TYR A 1 21  ? 1.588   0.430   13.514  1.00 13.39 ? 21  TYR A CZ  1 
ATOM   97  O OH  . TYR A 1 21  ? 1.757   -0.890  13.839  1.00 15.88 ? 21  TYR A OH  1 
ATOM   98  N N   . GLY A 1 22  ? -0.984  6.951   11.746  1.00 8.47  ? 22  GLY A N   1 
ATOM   99  C CA  . GLY A 1 22  ? -1.140  8.398   11.790  1.00 9.50  ? 22  GLY A CA  1 
ATOM   100 C C   . GLY A 1 22  ? -2.614  8.755   11.699  1.00 9.48  ? 22  GLY A C   1 
ATOM   101 O O   . GLY A 1 22  ? -3.466  8.056   12.240  1.00 12.24 ? 22  GLY A O   1 
ATOM   102 N N   . LEU A 1 23  ? -2.921  9.837   11.001  1.00 8.05  ? 23  LEU A N   1 
ATOM   103 C CA  . LEU A 1 23  ? -4.303  10.157  10.672  1.00 8.29  ? 23  LEU A CA  1 
ATOM   104 C C   . LEU A 1 23  ? -4.470  9.739   9.227   1.00 7.91  ? 23  LEU A C   1 
ATOM   105 O O   . LEU A 1 23  ? -4.224  10.512  8.309   1.00 8.37  ? 23  LEU A O   1 
ATOM   106 C CB  . LEU A 1 23  ? -4.596  11.643  10.890  1.00 8.93  ? 23  LEU A CB  1 
ATOM   107 C CG  . LEU A 1 23  ? -4.325  12.148  12.302  1.00 9.15  ? 23  LEU A CG  1 
ATOM   108 C CD1 . LEU A 1 23  ? -4.563  13.646  12.396  1.00 9.04  ? 23  LEU A CD1 1 
ATOM   109 C CD2 . LEU A 1 23  ? -5.176  11.391  13.315  1.00 9.94  ? 23  LEU A CD2 1 
ATOM   110 N N   . VAL A 1 24  ? -4.836  8.475   9.047   1.00 7.87  ? 24  VAL A N   1 
ATOM   111 C CA  . VAL A 1 24  ? -4.823  7.840   7.730   1.00 7.84  ? 24  VAL A CA  1 
ATOM   112 C C   . VAL A 1 24  ? -6.123  7.141   7.333   1.00 8.42  ? 24  VAL A C   1 
ATOM   113 O O   . VAL A 1 24  ? -6.169  6.514   6.275   1.00 9.12  ? 24  VAL A O   1 
ATOM   114 C CB  . VAL A 1 24  ? -3.637  6.857   7.615   1.00 8.00  ? 24  VAL A CB  1 
ATOM   115 C CG1 . VAL A 1 24  ? -2.332  7.624   7.621   1.00 8.93  ? 24  VAL A CG1 1 
ATOM   116 C CG2 . VAL A 1 24  ? -3.648  5.815   8.733   1.00 7.68  ? 24  VAL A CG2 1 
ATOM   117 N N   . GLN A 1 25  ? -7.167  7.269   8.164   1.00 8.57  ? 25  GLN A N   1 
ATOM   118 C CA  . GLN A 1 25  ? -8.528  6.843   7.821   1.00 8.44  ? 25  GLN A CA  1 
ATOM   119 C C   . GLN A 1 25  ? -9.446  8.044   7.661   1.00 8.97  ? 25  GLN A C   1 
ATOM   120 O O   . GLN A 1 25  ? -9.319  9.038   8.363   1.00 8.98  ? 25  GLN A O   1 
ATOM   121 C CB  . GLN A 1 25  ? -9.078  5.876   8.874   1.00 8.53  ? 25  GLN A CB  1 
ATOM   122 C CG  . GLN A 1 25  ? -8.266  4.600   8.951   1.00 8.39  ? 25  GLN A CG  1 
ATOM   123 C CD  . GLN A 1 25  ? -8.822  3.573   9.914   1.00 8.67  ? 25  GLN A CD  1 
ATOM   124 O OE1 . GLN A 1 25  ? -9.782  3.839   10.634  1.00 9.67  ? 25  GLN A OE1 1 
ATOM   125 N NE2 . GLN A 1 25  ? -8.212  2.390   9.934   1.00 7.96  ? 25  GLN A NE2 1 
ATOM   126 N N   . GLY A 1 26  ? -10.356 7.955   6.699   1.00 9.19  ? 26  GLY A N   1 
ATOM   127 C CA  . GLY A 1 26  ? -11.298 9.033   6.417   1.00 9.86  ? 26  GLY A CA  1 
ATOM   128 C C   . GLY A 1 26  ? -10.692 10.242  5.721   1.00 9.50  ? 26  GLY A C   1 
ATOM   129 O O   . GLY A 1 26  ? -11.277 11.332  5.741   1.00 11.18 ? 26  GLY A O   1 
ATOM   130 N N   . VAL A 1 27  ? -9.527  10.047  5.101   1.00 8.54  ? 27  VAL A N   1 
ATOM   131 C CA  . VAL A 1 27  ? -8.760  11.136  4.477   1.00 8.58  ? 27  VAL A CA  1 
ATOM   132 C C   . VAL A 1 27  ? -8.315  10.807  3.046   1.00 8.60  ? 27  VAL A C   1 
ATOM   133 O O   . VAL A 1 27  ? -7.449  11.481  2.488   1.00 9.01  ? 27  VAL A O   1 
ATOM   134 C CB  . VAL A 1 27  ? -7.530  11.524  5.338   1.00 9.32  ? 27  VAL A CB  1 
ATOM   135 C CG1 . VAL A 1 27  ? -7.970  12.182  6.632   1.00 9.81  ? 27  VAL A CG1 1 
ATOM   136 C CG2 . VAL A 1 27  ? -6.637  10.321  5.610   1.00 9.38  ? 27  VAL A CG2 1 
ATOM   137 N N   . GLY A 1 28  ? -8.915  9.782   2.445   1.00 8.49  ? 28  GLY A N   1 
ATOM   138 C CA  . GLY A 1 28  ? -8.580  9.393   1.082   1.00 8.63  ? 28  GLY A CA  1 
ATOM   139 C C   . GLY A 1 28  ? -7.204  8.780   0.899   1.00 8.29  ? 28  GLY A C   1 
ATOM   140 O O   . GLY A 1 28  ? -6.711  8.687   -0.232  1.00 9.35  ? 28  GLY A O   1 
ATOM   141 N N   . PHE A 1 29  ? -6.572  8.367   1.994   1.00 7.15  ? 29  PHE A N   1 
ATOM   142 C CA  . PHE A 1 29  ? -5.258  7.731   1.928   1.00 7.18  ? 29  PHE A CA  1 
ATOM   143 C C   . PHE A 1 29  ? -5.237  6.504   1.020   1.00 6.83  ? 29  PHE A C   1 
ATOM   144 O O   . PHE A 1 29  ? -4.322  6.342   0.215   1.00 7.89  ? 29  PHE A O   1 
ATOM   145 C CB  . PHE A 1 29  ? -4.775  7.346   3.332   1.00 6.96  ? 29  PHE A CB  1 
ATOM   146 C CG  . PHE A 1 29  ? -3.451  6.636   3.335   1.00 6.92  ? 29  PHE A CG  1 
ATOM   147 C CD1 . PHE A 1 29  ? -3.386  5.258   3.495   1.00 7.33  ? 29  PHE A CD1 1 
ATOM   148 C CD2 . PHE A 1 29  ? -2.268  7.339   3.172   1.00 6.97  ? 29  PHE A CD2 1 
ATOM   149 C CE1 . PHE A 1 29  ? -2.164  4.596   3.481   1.00 7.82  ? 29  PHE A CE1 1 
ATOM   150 C CE2 . PHE A 1 29  ? -1.043  6.687   3.155   1.00 7.71  ? 29  PHE A CE2 1 
ATOM   151 C CZ  . PHE A 1 29  ? -0.995  5.313   3.310   1.00 7.50  ? 29  PHE A CZ  1 
ATOM   152 N N   . ARG A 1 30  ? -6.233  5.633   1.151   1.00 7.10  ? 30  ARG A N   1 
ATOM   153 C CA  . ARG A 1 30  ? -6.251  4.401   0.365   1.00 7.55  ? 30  ARG A CA  1 
ATOM   154 C C   . ARG A 1 30  ? -6.611  4.662   -1.101  1.00 8.33  ? 30  ARG A C   1 
ATOM   155 O O   . ARG A 1 30  ? -6.189  3.912   -1.966  1.00 9.57  ? 30  ARG A O   1 
ATOM   156 C CB  . ARG A 1 30  ? -7.191  3.366   0.983   1.00 8.08  ? 30  ARG A CB  1 
ATOM   157 C CG  . ARG A 1 30  ? -6.751  2.891   2.357   1.00 8.15  ? 30  ARG A CG  1 
ATOM   158 C CD  . ARG A 1 30  ? -7.693  1.832   2.876   1.00 7.96  ? 30  ARG A CD  1 
ATOM   159 N NE  . ARG A 1 30  ? -9.038  2.362   3.077   1.00 8.12  ? 30  ARG A NE  1 
ATOM   160 C CZ  . ARG A 1 30  ? -10.096 1.629   3.397   1.00 8.20  ? 30  ARG A CZ  1 
ATOM   161 N NH1 . ARG A 1 30  ? -9.984  0.307   3.525   1.00 8.36  ? 30  ARG A NH1 1 
ATOM   162 N NH2 . ARG A 1 30  ? -11.268 2.228   3.591   1.00 9.12  ? 30  ARG A NH2 1 
ATOM   163 N N   . LYS A 1 31  ? -7.381  5.713   -1.382  1.00 9.14  ? 31  LYS A N   1 
ATOM   164 C CA  . LYS A 1 31  ? -7.659  6.076   -2.777  1.00 9.50  ? 31  LYS A CA  1 
ATOM   165 C C   . LYS A 1 31  ? -6.370  6.537   -3.451  1.00 9.34  ? 31  LYS A C   1 
ATOM   166 O O   . LYS A 1 31  ? -6.095  6.159   -4.583  1.00 9.67  ? 31  LYS A O   1 
ATOM   167 C CB  . LYS A 1 31  ? -8.759  7.136   -2.884  1.00 12.15 ? 31  LYS A CB  1 
ATOM   168 C CG  . LYS A 1 31  ? -9.126  7.482   -4.325  1.00 15.14 ? 31  LYS A CG  1 
ATOM   169 C CD  . LYS A 1 31  ? -10.614 7.727   -4.465  1.00 19.71 ? 31  LYS A CD  1 
ATOM   170 C CE  . LYS A 1 31  ? -10.973 8.271   -5.837  1.00 24.81 ? 31  LYS A CE  1 
ATOM   171 N NZ  . LYS A 1 31  ? -12.377 8.778   -5.847  1.00 31.04 ? 31  LYS A NZ  1 
ATOM   172 N N   . PHE A 1 32  ? -5.572  7.317   -2.728  1.00 8.70  ? 32  PHE A N   1 
ATOM   173 C CA  . PHE A 1 32  ? -4.265  7.788   -3.199  1.00 8.82  ? 32  PHE A CA  1 
ATOM   174 C C   . PHE A 1 32  ? -3.339  6.594   -3.473  1.00 9.00  ? 32  PHE A C   1 
ATOM   175 O O   . PHE A 1 32  ? -2.707  6.500   -4.522  1.00 8.97  ? 32  PHE A O   1 
ATOM   176 C CB  . PHE A 1 32  ? -3.689  8.726   -2.128  1.00 9.40  ? 32  PHE A CB  1 
ATOM   177 C CG  . PHE A 1 32  ? -2.323  9.287   -2.430  1.00 9.77  ? 32  PHE A CG  1 
ATOM   178 C CD1 . PHE A 1 32  ? -2.194  10.432  -3.204  1.00 11.09 ? 32  PHE A CD1 1 
ATOM   179 C CD2 . PHE A 1 32  ? -1.183  8.734   -1.868  1.00 10.42 ? 32  PHE A CD2 1 
ATOM   180 C CE1 . PHE A 1 32  ? -0.956  10.992  -3.443  1.00 11.61 ? 32  PHE A CE1 1 
ATOM   181 C CE2 . PHE A 1 32  ? 0.063   9.292   -2.106  1.00 11.31 ? 32  PHE A CE2 1 
ATOM   182 C CZ  . PHE A 1 32  ? 0.175   10.411  -2.904  1.00 11.93 ? 32  PHE A CZ  1 
ATOM   183 N N   . VAL A 1 33  ? -3.276  5.666   -2.523  1.00 8.50  ? 33  VAL A N   1 
ATOM   184 C CA  . VAL A 1 33  ? -2.447  4.477   -2.681  1.00 8.34  ? 33  VAL A CA  1 
ATOM   185 C C   . VAL A 1 33  ? -2.920  3.623   -3.857  1.00 9.04  ? 33  VAL A C   1 
ATOM   186 O O   . VAL A 1 33  ? -2.100  3.125   -4.639  1.00 9.90  ? 33  VAL A O   1 
ATOM   187 C CB  . VAL A 1 33  ? -2.403  3.644   -1.382  1.00 7.91  ? 33  VAL A CB  1 
ATOM   188 C CG1 . VAL A 1 33  ? -1.704  2.307   -1.610  1.00 8.38  ? 33  VAL A CG1 1 
ATOM   189 C CG2 . VAL A 1 33  ? -1.695  4.440   -0.299  1.00 8.26  ? 33  VAL A CG2 1 
ATOM   190 N N   . GLN A 1 34  ? -4.234  3.460   -3.984  1.00 9.56  ? 34  GLN A N   1 
ATOM   191 C CA  . GLN A 1 34  ? -4.780  2.649   -5.067  1.00 11.22 ? 34  GLN A CA  1 
ATOM   192 C C   . GLN A 1 34  ? -4.459  3.217   -6.444  1.00 12.38 ? 34  GLN A C   1 
ATOM   193 O O   . GLN A 1 34  ? -4.075  2.472   -7.339  1.00 13.78 ? 34  GLN A O   1 
ATOM   194 C CB  . GLN A 1 34  ? -6.291  2.482   -4.941  1.00 13.25 ? 34  GLN A CB  1 
ATOM   195 C CG  . GLN A 1 34  ? -6.826  1.557   -6.022  1.00 15.97 ? 34  GLN A CG  1 
ATOM   196 C CD  . GLN A 1 34  ? -8.313  1.410   -5.980  1.00 20.36 ? 34  GLN A CD  1 
ATOM   197 O OE1 . GLN A 1 34  ? -8.831  0.482   -5.364  1.00 27.36 ? 34  GLN A OE1 1 
ATOM   198 N NE2 . GLN A 1 34  ? -9.015  2.320   -6.641  1.00 22.52 ? 34  GLN A NE2 1 
ATOM   199 N N   . ILE A 1 35  ? -4.622  4.522   -6.617  1.00 13.40 ? 35  ILE A N   1 
ATOM   200 C CA  . ILE A 1 35  ? -4.355  5.155   -7.921  1.00 14.95 ? 35  ILE A CA  1 
ATOM   201 C C   . ILE A 1 35  ? -2.902  4.896   -8.309  1.00 12.09 ? 35  ILE A C   1 
ATOM   202 O O   . ILE A 1 35  ? -2.593  4.508   -9.435  1.00 13.13 ? 35  ILE A O   1 
ATOM   203 C CB  . ILE A 1 35  ? -4.666  6.667   -7.873  1.00 18.60 ? 35  ILE A CB  1 
ATOM   204 C CG1 . ILE A 1 35  ? -6.184  6.872   -7.770  1.00 20.18 ? 35  ILE A CG1 1 
ATOM   205 C CG2 . ILE A 1 35  ? -4.106  7.390   -9.101  1.00 21.90 ? 35  ILE A CG2 1 
ATOM   206 C CD1 . ILE A 1 35  ? -6.606  8.230   -7.243  1.00 22.99 ? 35  ILE A CD1 1 
ATOM   207 N N   . HIS A 1 36  ? -2.002  5.091   -7.360  1.00 10.84 ? 36  HIS A N   1 
ATOM   208 C CA  . HIS A 1 36  ? -0.586  4.849   -7.615  1.00 10.76 ? 36  HIS A CA  1 
ATOM   209 C C   . HIS A 1 36  ? -0.238  3.385   -7.825  1.00 11.16 ? 36  HIS A C   1 
ATOM   210 O O   . HIS A 1 36  ? 0.596   3.057   -8.679  1.00 11.73 ? 36  HIS A O   1 
ATOM   211 C CB  . HIS A 1 36  ? 0.252   5.479   -6.507  1.00 10.94 ? 36  HIS A CB  1 
ATOM   212 C CG  . HIS A 1 36  ? 0.394   6.951   -6.681  1.00 11.55 ? 36  HIS A CG  1 
ATOM   213 N ND1 . HIS A 1 36  ? -0.192  7.880   -5.847  1.00 13.31 ? 36  HIS A ND1 1 
ATOM   214 C CD2 . HIS A 1 36  ? 1.008   7.655   -7.660  1.00 11.02 ? 36  HIS A CD2 1 
ATOM   215 C CE1 . HIS A 1 36  ? 0.083   9.094   -6.292  1.00 13.17 ? 36  HIS A CE1 1 
ATOM   216 N NE2 . HIS A 1 36  ? 0.807   8.983   -7.388  1.00 10.76 ? 36  HIS A NE2 1 
ATOM   217 N N   . ALA A 1 37  ? -0.876  2.496   -7.066  1.00 10.55 ? 37  ALA A N   1 
ATOM   218 C CA  . ALA A 1 37  ? -0.653  1.064   -7.233  1.00 10.44 ? 37  ALA A CA  1 
ATOM   219 C C   . ALA A 1 37  ? -1.049  0.614   -8.631  1.00 10.74 ? 37  ALA A C   1 
ATOM   220 O O   . ALA A 1 37  ? -0.305  -0.121  -9.284  1.00 11.88 ? 37  ALA A O   1 
ATOM   221 C CB  . ALA A 1 37  ? -1.430  0.273   -6.197  1.00 9.17  ? 37  ALA A CB  1 
ATOM   222 N N   . ILE A 1 38  ? -2.212  1.065   -9.092  1.00 11.24 ? 38  ILE A N   1 
ATOM   223 C CA  . ILE A 1 38  ? -2.700  0.694   -10.423 1.00 11.30 ? 38  ILE A CA  1 
ATOM   224 C C   . ILE A 1 38  ? -1.750  1.177   -11.519 1.00 11.48 ? 38  ILE A C   1 
ATOM   225 O O   . ILE A 1 38  ? -1.421  0.428   -12.434 1.00 13.41 ? 38  ILE A O   1 
ATOM   226 C CB  . ILE A 1 38  ? -4.129  1.213   -10.673 1.00 11.96 ? 38  ILE A CB  1 
ATOM   227 C CG1 . ILE A 1 38  ? -5.128  0.453   -9.788  1.00 13.09 ? 38  ILE A CG1 1 
ATOM   228 C CG2 . ILE A 1 38  ? -4.505  1.071   -12.151 1.00 12.80 ? 38  ILE A CG2 1 
ATOM   229 C CD1 . ILE A 1 38  ? -6.521  1.053   -9.724  1.00 15.56 ? 38  ILE A CD1 1 
ATOM   230 N N   . ARG A 1 39  ? -1.295  2.421   -11.419 1.00 12.56 ? 39  ARG A N   1 
ATOM   231 C CA  . ARG A 1 39  ? -0.325  2.956   -12.384 1.00 15.13 ? 39  ARG A CA  1 
ATOM   232 C C   . ARG A 1 39  ? 0.956   2.148   -12.446 1.00 15.74 ? 39  ARG A C   1 
ATOM   233 O O   . ARG A 1 39  ? 1.582   2.051   -13.502 1.00 19.73 ? 39  ARG A O   1 
ATOM   234 C CB  . ARG A 1 39  ? 0.032   4.398   -12.051 1.00 17.29 ? 39  ARG A CB  1 
ATOM   235 C CG  . ARG A 1 39  ? -1.070  5.350   -12.408 1.00 18.87 ? 39  ARG A CG  1 
ATOM   236 C CD  . ARG A 1 39  ? -0.722  6.774   -12.055 1.00 20.59 ? 39  ARG A CD  1 
ATOM   237 N NE  . ARG A 1 39  ? -1.890  7.628   -12.229 1.00 20.17 ? 39  ARG A NE  1 
ATOM   238 C CZ  . ARG A 1 39  ? -2.003  8.858   -11.741 1.00 24.33 ? 39  ARG A CZ  1 
ATOM   239 N NH1 . ARG A 1 39  ? -1.012  9.399   -11.039 1.00 27.29 ? 39  ARG A NH1 1 
ATOM   240 N NH2 . ARG A 1 39  ? -3.113  9.548   -11.954 1.00 28.58 ? 39  ARG A NH2 1 
ATOM   241 N N   . LEU A 1 40  ? 1.353   1.590   -11.306 1.00 13.59 ? 40  LEU A N   1 
ATOM   242 C CA  . LEU A 1 40  ? 2.596   0.833   -11.186 1.00 12.40 ? 40  LEU A CA  1 
ATOM   243 C C   . LEU A 1 40  ? 2.406   -0.673  -11.436 1.00 11.76 ? 40  LEU A C   1 
ATOM   244 O O   . LEU A 1 40  ? 3.356   -1.438  -11.312 1.00 12.74 ? 40  LEU A O   1 
ATOM   245 C CB  . LEU A 1 40  ? 3.199   1.066   -9.791  1.00 11.57 ? 40  LEU A CB  1 
ATOM   246 C CG  . LEU A 1 40  ? 3.633   2.499   -9.485  1.00 11.04 ? 40  LEU A CG  1 
ATOM   247 C CD1 . LEU A 1 40  ? 3.754   2.719   -7.985  1.00 10.49 ? 40  LEU A CD1 1 
ATOM   248 C CD2 . LEU A 1 40  ? 4.944   2.815   -10.198 1.00 11.60 ? 40  LEU A CD2 1 
ATOM   249 N N   . GLY A 1 41  ? 1.188   -1.090  -11.775 1.00 12.66 ? 41  GLY A N   1 
ATOM   250 C CA  . GLY A 1 41  ? 0.893   -2.490  -12.098 1.00 12.41 ? 41  GLY A CA  1 
ATOM   251 C C   . GLY A 1 41  ? 0.775   -3.395  -10.886 1.00 11.81 ? 41  GLY A C   1 
ATOM   252 O O   . GLY A 1 41  ? 0.815   -4.615  -11.010 1.00 13.45 ? 41  GLY A O   1 
ATOM   253 N N   . ILE A 1 42  ? 0.596   -2.786  -9.713  1.00 11.18 ? 42  ILE A N   1 
ATOM   254 C CA  . ILE A 1 42  ? 0.620   -3.491  -8.437  1.00 10.29 ? 42  ILE A CA  1 
ATOM   255 C C   . ILE A 1 42  ? -0.772  -4.002  -8.064  1.00 10.58 ? 42  ILE A C   1 
ATOM   256 O O   . ILE A 1 42  ? -1.768  -3.304  -8.252  1.00 12.65 ? 42  ILE A O   1 
ATOM   257 C CB  . ILE A 1 42  ? 1.176   -2.544  -7.341  1.00 10.12 ? 42  ILE A CB  1 
ATOM   258 C CG1 . ILE A 1 42  ? 2.676   -2.356  -7.556  1.00 11.35 ? 42  ILE A CG1 1 
ATOM   259 C CG2 . ILE A 1 42  ? 0.877   -3.054  -5.933  1.00 10.09 ? 42  ILE A CG2 1 
ATOM   260 C CD1 . ILE A 1 42  ? 3.284   -1.231  -6.754  1.00 11.99 ? 42  ILE A CD1 1 
ATOM   261 N N   . LYS A 1 43  ? -0.820  -5.229  -7.539  1.00 10.53 ? 43  LYS A N   1 
ATOM   262 C CA  . LYS A 1 43  ? -2.062  -5.862  -7.077  1.00 11.74 ? 43  LYS A CA  1 
ATOM   263 C C   . LYS A 1 43  ? -1.940  -6.135  -5.585  1.00 10.63 ? 43  LYS A C   1 
ATOM   264 O O   . LYS A 1 43  ? -0.842  -6.156  -5.040  1.00 11.80 ? 43  LYS A O   1 
ATOM   265 C CB  . LYS A 1 43  ? -2.299  -7.178  -7.826  1.00 13.83 ? 43  LYS A CB  1 
ATOM   266 C CG  . LYS A 1 43  ? -2.248  -7.066  -9.337  1.00 18.15 ? 43  LYS A CG  1 
ATOM   267 C CD  . LYS A 1 43  ? -3.363  -6.210  -9.888  1.00 23.21 ? 43  LYS A CD  1 
ATOM   268 C CE  . LYS A 1 43  ? -3.394  -6.265  -11.408 1.00 30.53 ? 43  LYS A CE  1 
ATOM   269 N NZ  . LYS A 1 43  ? -4.675  -5.730  -11.948 1.00 36.85 ? 43  LYS A NZ  1 
ATOM   270 N N   . GLY A 1 44  ? -3.083  -6.314  -4.924  1.00 10.85 ? 44  GLY A N   1 
ATOM   271 C CA  . GLY A 1 44  ? -3.127  -6.503  -3.482  1.00 10.63 ? 44  GLY A CA  1 
ATOM   272 C C   . GLY A 1 44  ? -4.276  -5.724  -2.878  1.00 10.04 ? 44  GLY A C   1 
ATOM   273 O O   . GLY A 1 44  ? -5.362  -5.665  -3.446  1.00 10.67 ? 44  GLY A O   1 
ATOM   274 N N   . TYR A 1 45  ? -4.040  -5.103  -1.728  1.00 9.97  ? 45  TYR A N   1 
ATOM   275 C CA  . TYR A 1 45  ? -5.103  -4.391  -1.039  1.00 9.33  ? 45  TYR A CA  1 
ATOM   276 C C   . TYR A 1 45  ? -4.594  -3.407  0.003   1.00 8.48  ? 45  TYR A C   1 
ATOM   277 O O   . TYR A 1 45  ? -3.449  -3.475  0.436   1.00 9.26  ? 45  TYR A O   1 
ATOM   278 C CB  . TYR A 1 45  ? -6.084  -5.384  -0.391  1.00 9.45  ? 45  TYR A CB  1 
ATOM   279 C CG  . TYR A 1 45  ? -5.491  -6.306  0.663   1.00 10.37 ? 45  TYR A CG  1 
ATOM   280 C CD1 . TYR A 1 45  ? -5.332  -5.886  1.979   1.00 10.73 ? 45  TYR A CD1 1 
ATOM   281 C CD2 . TYR A 1 45  ? -5.130  -7.624  0.351   1.00 12.09 ? 45  TYR A CD2 1 
ATOM   282 C CE1 . TYR A 1 45  ? -4.806  -6.729  2.947   1.00 12.58 ? 45  TYR A CE1 1 
ATOM   283 C CE2 . TYR A 1 45  ? -4.607  -8.472  1.310   1.00 13.13 ? 45  TYR A CE2 1 
ATOM   284 C CZ  . TYR A 1 45  ? -4.444  -8.032  2.601   1.00 13.33 ? 45  TYR A CZ  1 
ATOM   285 O OH  . TYR A 1 45  ? -3.929  -8.902  3.536   1.00 17.14 ? 45  TYR A OH  1 
ATOM   286 N N   . ALA A 1 46  ? -5.478  -2.494  0.389   1.00 8.51  ? 46  ALA A N   1 
ATOM   287 C CA  . ALA A 1 46  ? -5.262  -1.618  1.527   1.00 8.13  ? 46  ALA A CA  1 
ATOM   288 C C   . ALA A 1 46  ? -6.448  -1.806  2.481   1.00 8.08  ? 46  ALA A C   1 
ATOM   289 O O   . ALA A 1 46  ? -7.599  -1.569  2.107   1.00 9.08  ? 46  ALA A O   1 
ATOM   290 C CB  . ALA A 1 46  ? -5.152  -0.175  1.077   1.00 9.28  ? 46  ALA A CB  1 
ATOM   291 N N   . LYS A 1 47  ? -6.143  -2.249  3.700   1.00 8.22  ? 47  LYS A N   1 
ATOM   292 C CA  . LYS A 1 47  ? -7.146  -2.627  4.692   1.00 8.29  ? 47  LYS A CA  1 
ATOM   293 C C   . LYS A 1 47  ? -7.140  -1.679  5.887   1.00 7.84  ? 47  LYS A C   1 
ATOM   294 O O   . LYS A 1 47  ? -6.090  -1.436  6.490   1.00 8.57  ? 47  LYS A O   1 
ATOM   295 C CB  . LYS A 1 47  ? -6.863  -4.048  5.178   1.00 9.45  ? 47  LYS A CB  1 
ATOM   296 C CG  . LYS A 1 47  ? -7.802  -4.563  6.259   1.00 10.64 ? 47  LYS A CG  1 
ATOM   297 C CD  . LYS A 1 47  ? -7.475  -6.007  6.619   1.00 13.04 ? 47  LYS A CD  1 
ATOM   298 C CE  . LYS A 1 47  ? -8.255  -6.477  7.831   1.00 15.29 ? 47  LYS A CE  1 
ATOM   299 N NZ  . LYS A 1 47  ? -9.714  -6.586  7.554   1.00 16.80 ? 47  LYS A NZ  1 
ATOM   300 N N   . ASN A 1 48  ? -8.317  -1.154  6.234   1.00 7.12  ? 48  ASN A N   1 
ATOM   301 C CA  . ASN A 1 48  ? -8.480  -0.342  7.442   1.00 8.05  ? 48  ASN A CA  1 
ATOM   302 C C   . ASN A 1 48  ? -8.565  -1.239  8.660   1.00 8.45  ? 48  ASN A C   1 
ATOM   303 O O   . ASN A 1 48  ? -9.412  -2.133  8.716   1.00 9.20  ? 48  ASN A O   1 
ATOM   304 C CB  . ASN A 1 48  ? -9.750  0.513   7.374   1.00 8.33  ? 48  ASN A CB  1 
ATOM   305 C CG  . ASN A 1 48  ? -9.509  1.873   6.742   1.00 8.57  ? 48  ASN A CG  1 
ATOM   306 O OD1 . ASN A 1 48  ? -8.452  2.116   6.164   1.00 8.82  ? 48  ASN A OD1 1 
ATOM   307 N ND2 . ASN A 1 48  ? -10.478 2.773   6.872   1.00 9.27  ? 48  ASN A ND2 1 
ATOM   308 N N   . LEU A 1 49  ? -7.683  -1.012  9.626   1.00 8.91  ? 49  LEU A N   1 
ATOM   309 C CA  . LEU A 1 49  ? -7.707  -1.765  10.874  1.00 9.25  ? 49  LEU A CA  1 
ATOM   310 C C   . LEU A 1 49  ? -8.465  -0.976  11.939  1.00 9.46  ? 49  LEU A C   1 
ATOM   311 O O   . LEU A 1 49  ? -8.512  0.255   11.887  1.00 9.28  ? 49  LEU A O   1 
ATOM   312 C CB  . LEU A 1 49  ? -6.285  -2.077  11.339  1.00 10.60 ? 49  LEU A CB  1 
ATOM   313 C CG  . LEU A 1 49  ? -5.457  -2.971  10.409  1.00 13.01 ? 49  LEU A CG  1 
ATOM   314 C CD1 . LEU A 1 49  ? -4.110  -3.274  11.052  1.00 14.46 ? 49  LEU A CD1 1 
ATOM   315 C CD2 . LEU A 1 49  ? -6.189  -4.258  10.073  1.00 15.09 ? 49  LEU A CD2 1 
ATOM   316 N N   . PRO A 1 50  ? -9.061  -1.680  12.918  1.00 9.49  ? 50  PRO A N   1 
ATOM   317 C CA  . PRO A 1 50  ? -9.890  -0.968  13.894  1.00 10.03 ? 50  PRO A CA  1 
ATOM   318 C C   . PRO A 1 50  ? -9.166  0.140   14.661  1.00 9.29  ? 50  PRO A C   1 
ATOM   319 O O   . PRO A 1 50  ? -9.781  1.153   14.987  1.00 9.74  ? 50  PRO A O   1 
ATOM   320 C CB  . PRO A 1 50  ? -10.357 -2.079  14.833  1.00 11.16 ? 50  PRO A CB  1 
ATOM   321 C CG  . PRO A 1 50  ? -10.334 -3.317  14.004  1.00 12.72 ? 50  PRO A CG  1 
ATOM   322 C CD  . PRO A 1 50  ? -9.194  -3.145  13.040  1.00 11.15 ? 50  PRO A CD  1 
ATOM   323 N N   . ASP A 1 51  ? -7.871  -0.046  14.923  1.00 9.63  ? 51  ASP A N   1 
ATOM   324 C CA  . ASP A 1 51  ? -7.058  0.930   15.665  1.00 10.34 ? 51  ASP A CA  1 
ATOM   325 C C   . ASP A 1 51  ? -6.742  2.224   14.908  1.00 9.54  ? 51  ASP A C   1 
ATOM   326 O O   . ASP A 1 51  ? -6.069  3.101   15.443  1.00 10.55 ? 51  ASP A O   1 
ATOM   327 C CB  . ASP A 1 51  ? -5.749  0.286   16.153  1.00 11.39 ? 51  ASP A CB  1 
ATOM   328 C CG  . ASP A 1 51  ? -4.766  -0.007  15.028  1.00 12.40 ? 51  ASP A CG  1 
ATOM   329 O OD1 . ASP A 1 51  ? -5.153  0.070   13.848  1.00 11.50 ? 51  ASP A OD1 1 
ATOM   330 O OD2 . ASP A 1 51  ? -3.597  -0.340  15.326  1.00 16.30 ? 51  ASP A OD2 1 
ATOM   331 N N   . GLY A 1 52  ? -7.210  2.349   13.671  1.00 8.57  ? 52  GLY A N   1 
ATOM   332 C CA  . GLY A 1 52  ? -6.986  3.562   12.890  1.00 8.26  ? 52  GLY A CA  1 
ATOM   333 C C   . GLY A 1 52  ? -5.820  3.446   11.922  1.00 8.02  ? 52  GLY A C   1 
ATOM   334 O O   . GLY A 1 52  ? -5.588  4.349   11.121  1.00 9.21  ? 52  GLY A O   1 
ATOM   335 N N   . SER A 1 53  ? -5.077  2.352   11.997  1.00 8.96  ? 53  SER A N   1 
ATOM   336 C CA  . SER A 1 53  ? -3.955  2.126   11.096  1.00 8.71  ? 53  SER A CA  1 
ATOM   337 C C   . SER A 1 53  ? -4.442  1.477   9.798   1.00 8.60  ? 53  SER A C   1 
ATOM   338 O O   . SER A 1 53  ? -5.586  1.033   9.696   1.00 8.39  ? 53  SER A O   1 
ATOM   339 C CB  . SER A 1 53  ? -2.875  1.264   11.767  1.00 8.91  ? 53  SER A CB  1 
ATOM   340 O OG  . SER A 1 53  ? -3.314  -0.067  11.986  1.00 9.66  ? 53  SER A OG  1 
ATOM   341 N N   . VAL A 1 54  ? -3.560  1.447   8.807   1.00 8.74  ? 54  VAL A N   1 
ATOM   342 C CA  . VAL A 1 54  ? -3.857  0.851   7.517   1.00 8.19  ? 54  VAL A CA  1 
ATOM   343 C C   . VAL A 1 54  ? -2.782  -0.174  7.185   1.00 8.84  ? 54  VAL A C   1 
ATOM   344 O O   . VAL A 1 54  ? -1.597  0.106   7.317   1.00 10.10 ? 54  VAL A O   1 
ATOM   345 C CB  . VAL A 1 54  ? -3.908  1.928   6.406   1.00 8.52  ? 54  VAL A CB  1 
ATOM   346 C CG1 . VAL A 1 54  ? -4.124  1.296   5.036   1.00 9.25  ? 54  VAL A CG1 1 
ATOM   347 C CG2 . VAL A 1 54  ? -5.013  2.932   6.694   1.00 8.93  ? 54  VAL A CG2 1 
ATOM   348 N N   . GLU A 1 55  ? -3.216  -1.352  6.755   1.00 9.00  ? 55  GLU A N   1 
ATOM   349 C CA  . GLU A 1 55  ? -2.329  -2.397  6.235   1.00 10.33 ? 55  GLU A CA  1 
ATOM   350 C C   . GLU A 1 55  ? -2.379  -2.395  4.718   1.00 10.23 ? 55  GLU A C   1 
ATOM   351 O O   . GLU A 1 55  ? -3.459  -2.451  4.144   1.00 11.38 ? 55  GLU A O   1 
ATOM   352 C CB  . GLU A 1 55  ? -2.809  -3.772  6.687   1.00 14.36 ? 55  GLU A CB  1 
ATOM   353 C CG  . GLU A 1 55  ? -2.395  -4.164  8.073   1.00 17.91 ? 55  GLU A CG  1 
ATOM   354 C CD  . GLU A 1 55  ? -2.735  -5.616  8.363   1.00 20.51 ? 55  GLU A CD  1 
ATOM   355 O OE1 . GLU A 1 55  ? -3.790  -6.109  7.884   1.00 21.86 ? 55  GLU A OE1 1 
ATOM   356 O OE2 . GLU A 1 55  ? -1.943  -6.260  9.064   1.00 23.95 ? 55  GLU A OE2 1 
ATOM   357 N N   . VAL A 1 56  ? -1.213  -2.372  4.081   1.00 9.84  ? 56  VAL A N   1 
ATOM   358 C CA  . VAL A 1 56  ? -1.118  -2.511  2.634   1.00 9.28  ? 56  VAL A CA  1 
ATOM   359 C C   . VAL A 1 56  ? -0.352  -3.793  2.329   1.00 9.64  ? 56  VAL A C   1 
ATOM   360 O O   . VAL A 1 56  ? 0.739   -4.009  2.866   1.00 10.79 ? 56  VAL A O   1 
ATOM   361 C CB  . VAL A 1 56  ? -0.383  -1.327  1.981   1.00 10.53 ? 56  VAL A CB  1 
ATOM   362 C CG1 . VAL A 1 56  ? -0.270  -1.528  0.469   1.00 11.54 ? 56  VAL A CG1 1 
ATOM   363 C CG2 . VAL A 1 56  ? -1.092  -0.017  2.291   1.00 10.58 ? 56  VAL A CG2 1 
ATOM   364 N N   . VAL A 1 57  ? -0.943  -4.638  1.489   1.00 9.97  ? 57  VAL A N   1 
ATOM   365 C CA  . VAL A 1 57  ? -0.255  -5.788  0.903   1.00 10.18 ? 57  VAL A CA  1 
ATOM   366 C C   . VAL A 1 57  ? -0.195  -5.530  -0.598  1.00 9.45  ? 57  VAL A C   1 
ATOM   367 O O   . VAL A 1 57  ? -1.225  -5.322  -1.234  1.00 10.22 ? 57  VAL A O   1 
ATOM   368 C CB  . VAL A 1 57  ? -0.984  -7.113  1.215   1.00 11.03 ? 57  VAL A CB  1 
ATOM   369 C CG1 . VAL A 1 57  ? -0.338  -8.278  0.478   1.00 12.36 ? 57  VAL A CG1 1 
ATOM   370 C CG2 . VAL A 1 57  ? -0.978  -7.360  2.716   1.00 11.97 ? 57  VAL A CG2 1 
ATOM   371 N N   . ALA A 1 58  ? 1.016   -5.539  -1.154  1.00 8.86  ? 58  ALA A N   1 
ATOM   372 C CA  . ALA A 1 58  ? 1.252   -5.133  -2.537  1.00 9.04  ? 58  ALA A CA  1 
ATOM   373 C C   . ALA A 1 58  ? 2.187   -6.149  -3.214  1.00 9.14  ? 58  ALA A C   1 
ATOM   374 O O   . ALA A 1 58  ? 3.200   -6.538  -2.645  1.00 11.15 ? 58  ALA A O   1 
ATOM   375 C CB  . ALA A 1 58  ? 1.877   -3.751  -2.564  1.00 9.07  ? 58  ALA A CB  1 
ATOM   376 N N   . GLU A 1 59  ? 1.824   -6.570  -4.417  1.00 9.38  ? 59  GLU A N   1 
ATOM   377 C CA  . GLU A 1 59  ? 2.654   -7.477  -5.205  1.00 9.46  ? 59  GLU A CA  1 
ATOM   378 C C   . GLU A 1 59  ? 2.904   -6.895  -6.576  1.00 9.26  ? 59  GLU A C   1 
ATOM   379 O O   . GLU A 1 59  ? 1.989   -6.375  -7.220  1.00 9.12  ? 59  GLU A O   1 
ATOM   380 C CB  . GLU A 1 59  ? 2.008   -8.864  -5.323  1.00 9.60  ? 59  GLU A CB  1 
ATOM   381 C CG  . GLU A 1 59  ? 2.127   -9.693  -4.052  1.00 11.47 ? 59  GLU A CG  1 
ATOM   382 C CD  . GLU A 1 59  ? 1.784   -11.160 -4.230  1.00 12.21 ? 59  GLU A CD  1 
ATOM   383 O OE1 . GLU A 1 59  ? 1.150   -11.531 -5.239  1.00 14.30 ? 59  GLU A OE1 1 
ATOM   384 O OE2 . GLU A 1 59  ? 2.143   -11.942 -3.325  1.00 14.30 ? 59  GLU A OE2 1 
ATOM   385 N N   . GLY A 1 60  ? 4.148   -7.018  -7.033  1.00 9.40  ? 60  GLY A N   1 
ATOM   386 C CA  . GLY A 1 60  ? 4.535   -6.531  -8.344  1.00 10.01 ? 60  GLY A CA  1 
ATOM   387 C C   . GLY A 1 60  ? 6.037   -6.502  -8.503  1.00 10.03 ? 60  GLY A C   1 
ATOM   388 O O   . GLY A 1 60  ? 6.776   -7.142  -7.745  1.00 9.87  ? 60  GLY A O   1 
ATOM   389 N N   . TYR A 1 61  ? 6.486   -5.738  -9.497  1.00 11.08 ? 61  TYR A N   1 
ATOM   390 C CA  . TYR A 1 61  ? 7.909   -5.568  -9.769  1.00 11.51 ? 61  TYR A CA  1 
ATOM   391 C C   . TYR A 1 61  ? 8.546   -4.802  -8.611  1.00 11.06 ? 61  TYR A C   1 
ATOM   392 O O   . TYR A 1 61  ? 7.929   -3.900  -8.036  1.00 11.93 ? 61  TYR A O   1 
ATOM   393 C CB  . TYR A 1 61  ? 8.127   -4.821  -11.093 1.00 11.27 ? 61  TYR A CB  1 
ATOM   394 C CG  . TYR A 1 61  ? 7.899   -5.686  -12.307 1.00 11.28 ? 61  TYR A CG  1 
ATOM   395 C CD1 . TYR A 1 61  ? 6.626   -5.887  -12.812 1.00 11.36 ? 61  TYR A CD1 1 
ATOM   396 C CD2 . TYR A 1 61  ? 8.965   -6.291  -12.960 1.00 13.29 ? 61  TYR A CD2 1 
ATOM   397 C CE1 . TYR A 1 61  ? 6.412   -6.693  -13.910 1.00 12.28 ? 61  TYR A CE1 1 
ATOM   398 C CE2 . TYR A 1 61  ? 8.762   -7.093  -14.067 1.00 13.82 ? 61  TYR A CE2 1 
ATOM   399 C CZ  . TYR A 1 61  ? 7.480   -7.290  -14.537 1.00 12.93 ? 61  TYR A CZ  1 
ATOM   400 O OH  . TYR A 1 61  ? 7.257   -8.082  -15.641 1.00 14.39 ? 61  TYR A OH  1 
ATOM   401 N N   . GLU A 1 62  ? 9.774   -5.162  -8.274  1.00 12.50 ? 62  GLU A N   1 
ATOM   402 C CA  . GLU A 1 62  ? 10.429  -4.610  -7.099  1.00 14.79 ? 62  GLU A CA  1 
ATOM   403 C C   . GLU A 1 62  ? 10.565  -3.081  -7.207  1.00 13.67 ? 62  GLU A C   1 
ATOM   404 O O   . GLU A 1 62  ? 10.333  -2.365  -6.223  1.00 12.24 ? 62  GLU A O   1 
ATOM   405 C CB  . GLU A 1 62  ? 11.778  -5.301  -6.868  1.00 18.68 ? 62  GLU A CB  1 
ATOM   406 C CG  . GLU A 1 62  ? 12.357  -5.105  -5.469  0.60 23.73 ? 62  GLU A CG  1 
ATOM   407 C CD  . GLU A 1 62  ? 13.209  -3.852  -5.326  0.60 27.69 ? 62  GLU A CD  1 
ATOM   408 O OE1 . GLU A 1 62  ? 13.664  -3.299  -6.357  1.00 27.41 ? 62  GLU A OE1 1 
ATOM   409 O OE2 . GLU A 1 62  ? 13.444  -3.431  -4.168  1.00 33.04 ? 62  GLU A OE2 1 
ATOM   410 N N   . GLU A 1 63  ? 10.887  -2.570  -8.393  1.00 12.28 ? 63  GLU A N   1 
ATOM   411 C CA  . GLU A 1 63  ? 10.983  -1.120  -8.579  1.00 13.01 ? 63  GLU A CA  1 
ATOM   412 C C   . GLU A 1 63  ? 9.612   -0.443  -8.420  1.00 12.35 ? 63  GLU A C   1 
ATOM   413 O O   . GLU A 1 63  ? 9.526   0.660   -7.880  1.00 12.98 ? 63  GLU A O   1 
ATOM   414 C CB  . GLU A 1 63  ? 11.618  -0.767  -9.927  1.00 14.29 ? 63  GLU A CB  1 
ATOM   415 C CG  . GLU A 1 63  ? 11.749  0.733   -10.205 1.00 16.66 ? 63  GLU A CG  1 
ATOM   416 C CD  . GLU A 1 63  ? 12.737  1.459   -9.299  1.00 18.72 ? 63  GLU A CD  1 
ATOM   417 O OE1 . GLU A 1 63  ? 13.416  0.812   -8.475  1.00 18.11 ? 63  GLU A OE1 1 
ATOM   418 O OE2 . GLU A 1 63  ? 12.837  2.704   -9.419  1.00 22.19 ? 63  GLU A OE2 1 
ATOM   419 N N   . ALA A 1 64  ? 8.553   -1.105  -8.890  1.00 10.86 ? 64  ALA A N   1 
ATOM   420 C CA  . ALA A 1 64  ? 7.193   -0.629  -8.685  1.00 9.97  ? 64  ALA A CA  1 
ATOM   421 C C   . ALA A 1 64  ? 6.866   -0.524  -7.192  1.00 10.38 ? 64  ALA A C   1 
ATOM   422 O O   . ALA A 1 64  ? 6.306   0.483   -6.739  1.00 9.95  ? 64  ALA A O   1 
ATOM   423 C CB  . ALA A 1 64  ? 6.196   -1.536  -9.390  1.00 9.56  ? 64  ALA A CB  1 
ATOM   424 N N   . LEU A 1 65  ? 7.207   -1.562  -6.434  1.00 10.35 ? 65  LEU A N   1 
ATOM   425 C CA  . LEU A 1 65  ? 6.967   -1.562  -4.987  1.00 9.92  ? 65  LEU A CA  1 
ATOM   426 C C   . LEU A 1 65  ? 7.738   -0.459  -4.271  1.00 10.68 ? 65  LEU A C   1 
ATOM   427 O O   . LEU A 1 65  ? 7.218   0.161   -3.331  1.00 11.26 ? 65  LEU A O   1 
ATOM   428 C CB  . LEU A 1 65  ? 7.325   -2.915  -4.371  1.00 10.58 ? 65  LEU A CB  1 
ATOM   429 C CG  . LEU A 1 65  ? 6.520   -4.110  -4.870  1.00 10.93 ? 65  LEU A CG  1 
ATOM   430 C CD1 . LEU A 1 65  ? 7.105   -5.407  -4.351  1.00 12.25 ? 65  LEU A CD1 1 
ATOM   431 C CD2 . LEU A 1 65  ? 5.058   -3.972  -4.477  1.00 10.23 ? 65  LEU A CD2 1 
ATOM   432 N N   . SER A 1 66  ? 8.970   -0.219  -4.709  1.00 12.12 ? 66  SER A N   1 
ATOM   433 C CA  . SER A 1 66  ? 9.789   0.864   -4.162  1.00 12.76 ? 66  SER A CA  1 
ATOM   434 C C   . SER A 1 66  ? 9.098   2.205   -4.392  1.00 11.76 ? 66  SER A C   1 
ATOM   435 O O   . SER A 1 66  ? 9.026   3.040   -3.486  1.00 11.57 ? 66  SER A O   1 
ATOM   436 C CB  . SER A 1 66  ? 11.172  0.848   -4.820  1.00 15.71 ? 66  SER A CB  1 
ATOM   437 O OG  . SER A 1 66  ? 11.990  1.897   -4.339  1.00 20.55 ? 66  SER A OG  1 
ATOM   438 N N   . LYS A 1 67  ? 8.587   2.415   -5.603  1.00 11.15 ? 67  LYS A N   1 
ATOM   439 C CA  . LYS A 1 67  ? 7.864   3.640   -5.913  1.00 11.77 ? 67  LYS A CA  1 
ATOM   440 C C   . LYS A 1 67  ? 6.574   3.755   -5.107  1.00 10.17 ? 67  LYS A C   1 
ATOM   441 O O   . LYS A 1 67  ? 6.230   4.833   -4.629  1.00 10.71 ? 67  LYS A O   1 
ATOM   442 C CB  . LYS A 1 67  ? 7.564   3.747   -7.410  1.00 12.78 ? 67  LYS A CB  1 
ATOM   443 C CG  . LYS A 1 67  ? 8.808   3.903   -8.275  1.00 15.89 ? 67  LYS A CG  1 
ATOM   444 C CD  . LYS A 1 67  ? 9.424   5.287   -8.143  1.00 19.74 ? 67  LYS A CD  1 
ATOM   445 C CE  . LYS A 1 67  ? 10.731  5.376   -8.915  1.00 25.42 ? 67  LYS A CE  1 
ATOM   446 N NZ  . LYS A 1 67  ? 11.224  6.777   -9.015  1.00 30.81 ? 67  LYS A NZ  1 
ATOM   447 N N   . LEU A 1 68  ? 5.863   2.645   -4.934  1.00 9.32  ? 68  LEU A N   1 
ATOM   448 C CA  . LEU A 1 68  ? 4.629   2.688   -4.154  1.00 9.13  ? 68  LEU A CA  1 
ATOM   449 C C   . LEU A 1 68  ? 4.919   2.989   -2.684  1.00 8.89  ? 68  LEU A C   1 
ATOM   450 O O   . LEU A 1 68  ? 4.172   3.740   -2.046  1.00 8.96  ? 68  LEU A O   1 
ATOM   451 C CB  . LEU A 1 68  ? 3.833   1.385   -4.270  1.00 8.75  ? 68  LEU A CB  1 
ATOM   452 C CG  . LEU A 1 68  ? 2.456   1.445   -3.591  1.00 9.30  ? 68  LEU A CG  1 
ATOM   453 C CD1 . LEU A 1 68  ? 1.533   2.434   -4.291  1.00 10.18 ? 68  LEU A CD1 1 
ATOM   454 C CD2 . LEU A 1 68  ? 1.834   0.062   -3.525  1.00 9.35  ? 68  LEU A CD2 1 
ATOM   455 N N   . LEU A 1 69  ? 6.001   2.429   -2.158  1.00 8.67  ? 69  LEU A N   1 
ATOM   456 C CA  . LEU A 1 69  ? 6.387   2.700   -0.775  1.00 9.20  ? 69  LEU A CA  1 
ATOM   457 C C   . LEU A 1 69  ? 6.610   4.198   -0.548  1.00 9.50  ? 69  LEU A C   1 
ATOM   458 O O   . LEU A 1 69  ? 6.198   4.735   0.482   1.00 9.92  ? 69  LEU A O   1 
ATOM   459 C CB  . LEU A 1 69  ? 7.616   1.893   -0.368  1.00 9.80  ? 69  LEU A CB  1 
ATOM   460 C CG  . LEU A 1 69  ? 8.085   2.017   1.084   1.00 11.26 ? 69  LEU A CG  1 
ATOM   461 C CD1 . LEU A 1 69  ? 7.007   1.615   2.084   1.00 11.91 ? 69  LEU A CD1 1 
ATOM   462 C CD2 . LEU A 1 69  ? 9.347   1.179   1.256   1.00 13.26 ? 69  LEU A CD2 1 
ATOM   463 N N   . GLU A 1 70  ? 7.228   4.880   -1.513  1.00 9.88  ? 70  GLU A N   1 
ATOM   464 C CA  . GLU A 1 70  ? 7.371   6.342   -1.425  1.00 10.52 ? 70  GLU A CA  1 
ATOM   465 C C   . GLU A 1 70  ? 6.020   7.028   -1.268  1.00 9.78  ? 70  GLU A C   1 
ATOM   466 O O   . GLU A 1 70  ? 5.868   7.961   -0.470  1.00 11.17 ? 70  GLU A O   1 
ATOM   467 C CB  . GLU A 1 70  ? 8.058   6.908   -2.666  1.00 13.63 ? 70  GLU A CB  1 
ATOM   468 C CG  . GLU A 1 70  ? 9.516   6.519   -2.810  1.00 17.66 ? 70  GLU A CG  1 
ATOM   469 C CD  . GLU A 1 70  ? 10.201  7.234   -3.963  1.00 23.94 ? 70  GLU A CD  1 
ATOM   470 O OE1 . GLU A 1 70  ? 9.532   8.000   -4.686  1.00 25.67 ? 70  GLU A OE1 1 
ATOM   471 O OE2 . GLU A 1 70  ? 11.414  7.029   -4.147  1.00 32.61 ? 70  GLU A OE2 1 
ATOM   472 N N   . ARG A 1 71  ? 5.041   6.583   -2.049  1.00 9.34  ? 71  ARG A N   1 
ATOM   473 C CA  . ARG A 1 71  ? 3.699   7.159   -2.000  1.00 11.05 ? 71  ARG A CA  1 
ATOM   474 C C   . ARG A 1 71  ? 2.987   6.816   -0.690  1.00 10.40 ? 71  ARG A C   1 
ATOM   475 O O   . ARG A 1 71  ? 2.257   7.650   -0.140  1.00 9.70  ? 71  ARG A O   1 
ATOM   476 C CB  . ARG A 1 71  ? 2.874   6.697   -3.205  1.00 12.18 ? 71  ARG A CB  1 
ATOM   477 C CG  . ARG A 1 71  ? 3.446   7.140   -4.544  1.00 13.58 ? 71  ARG A CG  1 
ATOM   478 C CD  . ARG A 1 71  ? 3.465   8.655   -4.682  1.00 16.08 ? 71  ARG A CD  1 
ATOM   479 N NE  . ARG A 1 71  ? 3.863   9.069   -6.027  1.00 19.45 ? 71  ARG A NE  1 
ATOM   480 C CZ  . ARG A 1 71  ? 3.895   10.334  -6.444  1.00 22.21 ? 71  ARG A CZ  1 
ATOM   481 N NH1 . ARG A 1 71  ? 3.537   11.321  -5.629  1.00 20.90 ? 71  ARG A NH1 1 
ATOM   482 N NH2 . ARG A 1 71  ? 4.269   10.611  -7.690  1.00 25.74 ? 71  ARG A NH2 1 
ATOM   483 N N   . ILE A 1 72  ? 3.197   5.596   -0.191  1.00 9.40  ? 72  ILE A N   1 
ATOM   484 C CA  . ILE A 1 72  ? 2.616   5.173   1.092   1.00 9.37  ? 72  ILE A CA  1 
ATOM   485 C C   . ILE A 1 72  ? 3.135   6.064   2.224   1.00 8.78  ? 72  ILE A C   1 
ATOM   486 O O   . ILE A 1 72  ? 2.369   6.500   3.083   1.00 9.10  ? 72  ILE A O   1 
ATOM   487 C CB  . ILE A 1 72  ? 2.888   3.672   1.364   1.00 9.59  ? 72  ILE A CB  1 
ATOM   488 C CG1 . ILE A 1 72  ? 2.049   2.808   0.412   1.00 10.15 ? 72  ILE A CG1 1 
ATOM   489 C CG2 . ILE A 1 72  ? 2.589   3.297   2.815   1.00 9.26  ? 72  ILE A CG2 1 
ATOM   490 C CD1 . ILE A 1 72  ? 2.491   1.364   0.296   1.00 10.17 ? 72  ILE A CD1 1 
ATOM   491 N N   . LYS A 1 73  ? 4.429   6.353   2.207   1.00 9.29  ? 73  LYS A N   1 
ATOM   492 C CA  . LYS A 1 73  ? 5.033   7.237   3.207   1.00 9.77  ? 73  LYS A CA  1 
ATOM   493 C C   . LYS A 1 73  ? 4.591   8.690   3.051   1.00 9.99  ? 73  LYS A C   1 
ATOM   494 O O   . LYS A 1 73  ? 4.529   9.440   4.037   1.00 11.90 ? 73  LYS A O   1 
ATOM   495 C CB  . LYS A 1 73  ? 6.556   7.149   3.110   1.00 10.61 ? 73  LYS A CB  1 
ATOM   496 C CG  . LYS A 1 73  ? 7.122   5.826   3.586   1.00 12.78 ? 73  LYS A CG  1 
ATOM   497 C CD  . LYS A 1 73  ? 8.609   5.723   3.294   1.00 16.20 ? 73  LYS A CD  1 
ATOM   498 C CE  . LYS A 1 73  ? 9.194   4.486   3.933   1.00 21.82 ? 73  LYS A CE  1 
ATOM   499 N NZ  . LYS A 1 73  ? 10.668  4.408   3.731   1.00 29.61 ? 73  LYS A NZ  1 
ATOM   500 N N   . GLN A 1 74  ? 4.312   9.092   1.816   1.00 9.92  ? 74  GLN A N   1 
ATOM   501 C CA  . GLN A 1 74  ? 3.923   10.467  1.500   1.00 10.04 ? 74  GLN A CA  1 
ATOM   502 C C   . GLN A 1 74  ? 2.475   10.731  1.882   1.00 9.08  ? 74  GLN A C   1 
ATOM   503 O O   . GLN A 1 74  ? 2.193   11.638  2.655   1.00 9.50  ? 74  GLN A O   1 
ATOM   504 C CB  . GLN A 1 74  ? 4.100   10.738  0.001   1.00 11.98 ? 74  GLN A CB  1 
ATOM   505 C CG  . GLN A 1 74  ? 3.796   12.175  -0.391  1.00 14.00 ? 74  GLN A CG  1 
ATOM   506 C CD  . GLN A 1 74  ? 3.723   12.396  -1.889  1.00 16.97 ? 74  GLN A CD  1 
ATOM   507 O OE1 . GLN A 1 74  ? 3.520   11.462  -2.668  1.00 17.05 ? 74  GLN A OE1 1 
ATOM   508 N NE2 . GLN A 1 74  ? 3.903   13.646  -2.303  1.00 21.58 ? 74  GLN A NE2 1 
ATOM   509 N N   . GLY A 1 75  ? 1.562   9.953   1.311   1.00 8.98  ? 75  GLY A N   1 
ATOM   510 C CA  . GLY A 1 75  ? 0.126   10.198  1.449   1.00 8.54  ? 75  GLY A CA  1 
ATOM   511 C C   . GLY A 1 75  ? -0.384  11.409  0.674   1.00 8.48  ? 75  GLY A C   1 
ATOM   512 O O   . GLY A 1 75  ? 0.402   12.257  0.245   1.00 9.10  ? 75  GLY A O   1 
ATOM   513 N N   . PRO A 1 76  ? -1.710  11.504  0.486   1.00 8.44  ? 76  PRO A N   1 
ATOM   514 C CA  . PRO A 1 76  ? -2.289  12.728  -0.038  1.00 9.02  ? 76  PRO A CA  1 
ATOM   515 C C   . PRO A 1 76  ? -2.240  13.803  1.060   1.00 8.45  ? 76  PRO A C   1 
ATOM   516 O O   . PRO A 1 76  ? -2.044  13.472  2.235   1.00 8.82  ? 76  PRO A O   1 
ATOM   517 C CB  . PRO A 1 76  ? -3.724  12.317  -0.349  1.00 9.53  ? 76  PRO A CB  1 
ATOM   518 C CG  . PRO A 1 76  ? -4.041  11.289  0.687   1.00 9.35  ? 76  PRO A CG  1 
ATOM   519 C CD  . PRO A 1 76  ? -2.749  10.570  0.965   1.00 8.58  ? 76  PRO A CD  1 
ATOM   520 N N   . PRO A 1 77  ? -2.397  15.079  0.699   1.00 8.43  ? 77  PRO A N   1 
ATOM   521 C CA  . PRO A 1 77  ? -2.260  16.151  1.695   1.00 8.84  ? 77  PRO A CA  1 
ATOM   522 C C   . PRO A 1 77  ? -3.146  16.013  2.946   1.00 8.87  ? 77  PRO A C   1 
ATOM   523 O O   . PRO A 1 77  ? -2.725  16.425  4.025   1.00 8.90  ? 77  PRO A O   1 
ATOM   524 C CB  . PRO A 1 77  ? -2.614  17.414  0.903   1.00 9.44  ? 77  PRO A CB  1 
ATOM   525 C CG  . PRO A 1 77  ? -2.246  17.076  -0.501  1.00 9.79  ? 77  PRO A CG  1 
ATOM   526 C CD  . PRO A 1 77  ? -2.571  15.615  -0.662  1.00 9.18  ? 77  PRO A CD  1 
ATOM   527 N N   . ALA A 1 78  ? -4.342  15.432  2.823   1.00 8.31  ? 78  ALA A N   1 
ATOM   528 C CA  . ALA A 1 78  ? -5.226  15.296  3.984   1.00 8.46  ? 78  ALA A CA  1 
ATOM   529 C C   . ALA A 1 78  ? -4.750  14.249  4.988   1.00 8.37  ? 78  ALA A C   1 
ATOM   530 O O   . ALA A 1 78  ? -5.157  14.272  6.138   1.00 9.67  ? 78  ALA A O   1 
ATOM   531 C CB  . ALA A 1 78  ? -6.642  14.976  3.543   1.00 8.28  ? 78  ALA A CB  1 
ATOM   532 N N   . ALA A 1 79  ? -3.917  13.312  4.540   1.00 7.98  ? 79  ALA A N   1 
ATOM   533 C CA  . ALA A 1 79  ? -3.420  12.259  5.418   1.00 7.31  ? 79  ALA A CA  1 
ATOM   534 C C   . ALA A 1 79  ? -2.214  12.731  6.213   1.00 8.09  ? 79  ALA A C   1 
ATOM   535 O O   . ALA A 1 79  ? -1.297  13.361  5.652   1.00 8.79  ? 79  ALA A O   1 
ATOM   536 C CB  . ALA A 1 79  ? -3.055  11.020  4.611   1.00 7.02  ? 79  ALA A CB  1 
ATOM   537 N N   . GLU A 1 80  ? -2.217  12.427  7.512   1.00 9.62  ? 80  GLU A N   1 
ATOM   538 C CA  . GLU A 1 80  ? -1.042  12.647  8.357   1.00 8.86  ? 80  GLU A CA  1 
ATOM   539 C C   . GLU A 1 80  ? -0.343  11.322  8.594   1.00 8.63  ? 80  GLU A C   1 
ATOM   540 O O   . GLU A 1 80  ? -0.698  10.591  9.509   1.00 9.24  ? 80  GLU A O   1 
ATOM   541 C CB  . GLU A 1 80  ? -1.431  13.333  9.661   1.00 9.11  ? 80  GLU A CB  1 
ATOM   542 C CG  . GLU A 1 80  ? -0.256  13.755  10.528  1.00 9.54  ? 80  GLU A CG  1 
ATOM   543 C CD  . GLU A 1 80  ? 0.476   14.994  10.029  1.00 9.58  ? 80  GLU A CD  1 
ATOM   544 O OE1 . GLU A 1 80  ? 0.363   15.365  8.842   1.00 10.13 ? 80  GLU A OE1 1 
ATOM   545 O OE2 . GLU A 1 80  ? 1.172   15.617  10.853  1.00 11.24 ? 80  GLU A OE2 1 
ATOM   546 N N   . VAL A 1 81  ? 0.636   11.017  7.743   1.00 8.80  ? 81  VAL A N   1 
ATOM   547 C CA  . VAL A 1 81  ? 1.361   9.753   7.814   1.00 9.22  ? 81  VAL A CA  1 
ATOM   548 C C   . VAL A 1 81  ? 2.512   9.957   8.786   1.00 9.99  ? 81  VAL A C   1 
ATOM   549 O O   . VAL A 1 81  ? 3.421   10.742  8.512   1.00 10.89 ? 81  VAL A O   1 
ATOM   550 C CB  . VAL A 1 81  ? 1.908   9.303   6.442   1.00 9.86  ? 81  VAL A CB  1 
ATOM   551 C CG1 . VAL A 1 81  ? 2.627   7.966   6.570   1.00 10.51 ? 81  VAL A CG1 1 
ATOM   552 C CG2 . VAL A 1 81  ? 0.785   9.228   5.405   1.00 10.02 ? 81  VAL A CG2 1 
ATOM   553 N N   . GLU A 1 82  ? 2.472   9.248   9.911   1.00 10.34 ? 82  GLU A N   1 
ATOM   554 C CA  . GLU A 1 82  ? 3.470   9.431   10.966  1.00 12.74 ? 82  GLU A CA  1 
ATOM   555 C C   . GLU A 1 82  ? 4.553   8.360   10.951  1.00 11.92 ? 82  GLU A C   1 
ATOM   556 O O   . GLU A 1 82  ? 5.717   8.666   11.216  1.00 14.02 ? 82  GLU A O   1 
ATOM   557 C CB  . GLU A 1 82  ? 2.819   9.494   12.354  1.00 16.23 ? 82  GLU A CB  1 
ATOM   558 C CG  . GLU A 1 82  ? 3.806   9.931   13.436  1.00 20.09 ? 82  GLU A CG  1 
ATOM   559 C CD  . GLU A 1 82  ? 3.184   10.626  14.644  1.00 23.01 ? 82  GLU A CD  1 
ATOM   560 O OE1 . GLU A 1 82  ? 1.956   10.526  14.866  1.00 24.43 ? 82  GLU A OE1 1 
ATOM   561 O OE2 . GLU A 1 82  ? 3.955   11.279  15.385  1.00 25.48 ? 82  GLU A OE2 1 
ATOM   562 N N   . LYS A 1 83  ? 4.175   7.114   10.666  1.00 11.89 ? 83  LYS A N   1 
ATOM   563 C CA  . LYS A 1 83  ? 5.120   6.001   10.655  1.00 12.39 ? 83  LYS A CA  1 
ATOM   564 C C   . LYS A 1 83  ? 4.652   4.921   9.703   1.00 10.66 ? 83  LYS A C   1 
ATOM   565 O O   . LYS A 1 83  ? 3.455   4.640   9.620   1.00 10.46 ? 83  LYS A O   1 
ATOM   566 C CB  . LYS A 1 83  ? 5.260   5.407   12.056  1.00 15.72 ? 83  LYS A CB  1 
ATOM   567 C CG  . LYS A 1 83  ? 6.356   4.354   12.188  1.00 20.09 ? 83  LYS A CG  1 
ATOM   568 C CD  . LYS A 1 83  ? 6.347   3.730   13.578  1.00 25.44 ? 83  LYS A CD  1 
ATOM   569 C CE  . LYS A 1 83  ? 7.609   2.922   13.835  1.00 33.59 ? 83  LYS A CE  1 
ATOM   570 N NZ  . LYS A 1 83  ? 7.362   1.785   14.769  1.00 40.21 ? 83  LYS A NZ  1 
ATOM   571 N N   . VAL A 1 84  ? 5.601   4.333   8.983   1.00 10.33 ? 84  VAL A N   1 
ATOM   572 C CA  . VAL A 1 84  ? 5.339   3.185   8.128   1.00 10.08 ? 84  VAL A CA  1 
ATOM   573 C C   . VAL A 1 84  ? 6.352   2.095   8.449   1.00 10.29 ? 84  VAL A C   1 
ATOM   574 O O   . VAL A 1 84  ? 7.561   2.317   8.346   1.00 12.40 ? 84  VAL A O   1 
ATOM   575 C CB  . VAL A 1 84  ? 5.452   3.539   6.641   1.00 10.30 ? 84  VAL A CB  1 
ATOM   576 C CG1 . VAL A 1 84  ? 5.165   2.315   5.788   1.00 10.24 ? 84  VAL A CG1 1 
ATOM   577 C CG2 . VAL A 1 84  ? 4.508   4.682   6.291   1.00 10.29 ? 84  VAL A CG2 1 
ATOM   578 N N   . ASP A 1 85  ? 5.850   0.935   8.862   1.00 10.81 ? 85  ASP A N   1 
ATOM   579 C CA  . ASP A 1 85  ? 6.671   -0.247  9.052   1.00 11.76 ? 85  ASP A CA  1 
ATOM   580 C C   . ASP A 1 85  ? 6.423   -1.123  7.846   1.00 12.31 ? 85  ASP A C   1 
ATOM   581 O O   . ASP A 1 85  ? 5.286   -1.343  7.463   1.00 14.36 ? 85  ASP A O   1 
ATOM   582 C CB  . ASP A 1 85  ? 6.271   -1.003  10.324  1.00 13.37 ? 85  ASP A CB  1 
ATOM   583 C CG  . ASP A 1 85  ? 6.636   -0.254  11.588  1.00 16.82 ? 85  ASP A CG  1 
ATOM   584 O OD1 . ASP A 1 85  ? 7.581   0.558   11.555  1.00 19.93 ? 85  ASP A OD1 1 
ATOM   585 O OD2 . ASP A 1 85  ? 5.972   -0.467  12.619  1.00 20.42 ? 85  ASP A OD2 1 
ATOM   586 N N   . TYR A 1 86  ? 7.486   -1.631  7.245   1.00 11.68 ? 86  TYR A N   1 
ATOM   587 C CA  . TYR A 1 86  ? 7.338   -2.435  6.056   1.00 12.30 ? 86  TYR A CA  1 
ATOM   588 C C   . TYR A 1 86  ? 8.341   -3.565  5.989   1.00 13.05 ? 86  TYR A C   1 
ATOM   589 O O   . TYR A 1 86  ? 9.384   -3.547  6.658   1.00 12.93 ? 86  TYR A O   1 
ATOM   590 C CB  . TYR A 1 86  ? 7.454   -1.552  4.809   1.00 12.53 ? 86  TYR A CB  1 
ATOM   591 C CG  . TYR A 1 86  ? 8.817   -0.929  4.637   1.00 14.42 ? 86  TYR A CG  1 
ATOM   592 C CD1 . TYR A 1 86  ? 9.804   -1.579  3.907   1.00 15.77 ? 86  TYR A CD1 1 
ATOM   593 C CD2 . TYR A 1 86  ? 9.129   0.295   5.218   1.00 15.56 ? 86  TYR A CD2 1 
ATOM   594 C CE1 . TYR A 1 86  ? 11.059  -1.030  3.755   1.00 17.30 ? 86  TYR A CE1 1 
ATOM   595 C CE2 . TYR A 1 86  ? 10.388  0.857   5.067   1.00 17.34 ? 86  TYR A CE2 1 
ATOM   596 C CZ  . TYR A 1 86  ? 11.347  0.189   4.335   1.00 18.03 ? 86  TYR A CZ  1 
ATOM   597 O OH  . TYR A 1 86  ? 12.606  0.728   4.170   1.00 25.04 ? 86  TYR A OH  1 
ATOM   598 N N   . SER A 1 87  ? 8.005   -4.544  5.161   1.00 12.86 ? 87  SER A N   1 
ATOM   599 C CA  . SER A 1 87  ? 8.857   -5.700  4.935   1.00 13.64 ? 87  SER A CA  1 
ATOM   600 C C   . SER A 1 87  ? 8.503   -6.342  3.605   1.00 13.41 ? 87  SER A C   1 
ATOM   601 O O   . SER A 1 87  ? 7.482   -6.018  2.987   1.00 13.25 ? 87  SER A O   1 
ATOM   602 C CB  . SER A 1 87  ? 8.700   -6.708  6.081   1.00 16.01 ? 87  SER A CB  1 
ATOM   603 O OG  . SER A 1 87  ? 7.349   -7.104  6.246   1.00 17.41 ? 87  SER A OG  1 
ATOM   604 N N   . PHE A 1 88  ? 9.355   -7.256  3.160   1.00 14.68 ? 88  PHE A N   1 
ATOM   605 C CA  . PHE A 1 88  ? 9.135   -7.930  1.891   1.00 15.22 ? 88  PHE A CA  1 
ATOM   606 C C   . PHE A 1 88  ? 9.118   -9.439  2.069   1.00 16.34 ? 88  PHE A C   1 
ATOM   607 O O   . PHE A 1 88  ? 9.732   -9.979  2.993   1.00 19.07 ? 88  PHE A O   1 
ATOM   608 C CB  . PHE A 1 88  ? 10.206  -7.522  0.885   1.00 15.98 ? 88  PHE A CB  1 
ATOM   609 C CG  . PHE A 1 88  ? 10.213  -6.060  0.581   1.00 16.64 ? 88  PHE A CG  1 
ATOM   610 C CD1 . PHE A 1 88  ? 9.519   -5.564  -0.510  1.00 17.06 ? 88  PHE A CD1 1 
ATOM   611 C CD2 . PHE A 1 88  ? 10.896  -5.172  1.399   1.00 17.44 ? 88  PHE A CD2 1 
ATOM   612 C CE1 . PHE A 1 88  ? 9.512   -4.205  -0.787  1.00 18.19 ? 88  PHE A CE1 1 
ATOM   613 C CE2 . PHE A 1 88  ? 10.894  -3.811  1.126   1.00 17.86 ? 88  PHE A CE2 1 
ATOM   614 C CZ  . PHE A 1 88  ? 10.202  -3.331  0.030   1.00 17.85 ? 88  PHE A CZ  1 
ATOM   615 N N   . SER A 1 89  ? 8.391   -10.109 1.184   1.00 15.51 ? 89  SER A N   1 
ATOM   616 C CA  . SER A 1 89  ? 8.309   -11.560 1.182   1.00 17.02 ? 89  SER A CA  1 
ATOM   617 C C   . SER A 1 89  ? 8.098   -12.055 -0.246  1.00 15.18 ? 89  SER A C   1 
ATOM   618 O O   . SER A 1 89  ? 8.142   -11.273 -1.198  1.00 13.63 ? 89  SER A O   1 
ATOM   619 C CB  . SER A 1 89  ? 7.187   -12.037 2.117   1.00 18.64 ? 89  SER A CB  1 
ATOM   620 O OG  . SER A 1 89  ? 5.910   -11.599 1.686   1.00 17.95 ? 89  SER A OG  1 
ATOM   621 N N   . GLU A 1 90  ? 7.883   -13.357 -0.400  1.00 15.73 ? 90  GLU A N   1 
ATOM   622 C CA  . GLU A 1 90  ? 7.755   -13.952 -1.725  1.00 16.95 ? 90  GLU A CA  1 
ATOM   623 C C   . GLU A 1 90  ? 6.486   -13.503 -2.451  1.00 14.81 ? 90  GLU A C   1 
ATOM   624 O O   . GLU A 1 90  ? 5.408   -13.473 -1.872  1.00 15.41 ? 90  GLU A O   1 
ATOM   625 C CB  . GLU A 1 90  ? 7.763   -15.481 -1.630  1.00 19.88 ? 90  GLU A CB  1 
ATOM   626 C CG  . GLU A 1 90  ? 7.910   -16.168 -2.979  1.00 23.69 ? 90  GLU A CG  1 
ATOM   627 C CD  . GLU A 1 90  ? 7.901   -17.687 -2.894  1.00 29.94 ? 90  GLU A CD  1 
ATOM   628 O OE1 . GLU A 1 90  ? 7.394   -18.239 -1.891  1.00 31.25 ? 90  GLU A OE1 1 
ATOM   629 O OE2 . GLU A 1 90  ? 8.397   -18.333 -3.846  1.00 36.84 ? 90  GLU A OE2 1 
ATOM   630 N N   . TYR A 1 91  ? 6.641   -13.148 -3.725  1.00 13.68 ? 91  TYR A N   1 
ATOM   631 C CA  . TYR A 1 91  ? 5.521   -12.904 -4.627  1.00 13.46 ? 91  TYR A CA  1 
ATOM   632 C C   . TYR A 1 91  ? 4.758   -14.210 -4.867  1.00 13.86 ? 91  TYR A C   1 
ATOM   633 O O   . TYR A 1 91  ? 5.339   -15.196 -5.335  1.00 14.50 ? 91  TYR A O   1 
ATOM   634 C CB  . TYR A 1 91  ? 6.068   -12.353 -5.940  1.00 13.66 ? 91  TYR A CB  1 
ATOM   635 C CG  . TYR A 1 91  ? 5.065   -12.071 -7.034  1.00 13.19 ? 91  TYR A CG  1 
ATOM   636 C CD1 . TYR A 1 91  ? 4.500   -10.812 -7.175  1.00 12.91 ? 91  TYR A CD1 1 
ATOM   637 C CD2 . TYR A 1 91  ? 4.726   -13.051 -7.965  1.00 12.65 ? 91  TYR A CD2 1 
ATOM   638 C CE1 . TYR A 1 91  ? 3.609   -10.542 -8.195  1.00 12.64 ? 91  TYR A CE1 1 
ATOM   639 C CE2 . TYR A 1 91  ? 3.835   -12.789 -8.990  1.00 12.80 ? 91  TYR A CE2 1 
ATOM   640 C CZ  . TYR A 1 91  ? 3.272   -11.536 -9.098  1.00 13.06 ? 91  TYR A CZ  1 
ATOM   641 O OH  . TYR A 1 91  ? 2.390   -11.266 -10.124 1.00 14.80 ? 91  TYR A OH  1 
ATOM   642 N N   . LYS A 1 92  ? 3.468   -14.218 -4.530  1.00 14.35 ? 92  LYS A N   1 
ATOM   643 C CA  . LYS A 1 92  ? 2.630   -15.421 -4.683  1.00 15.43 ? 92  LYS A CA  1 
ATOM   644 C C   . LYS A 1 92  ? 1.764   -15.388 -5.946  1.00 14.73 ? 92  LYS A C   1 
ATOM   645 O O   . LYS A 1 92  ? 1.280   -16.425 -6.400  1.00 16.14 ? 92  LYS A O   1 
ATOM   646 C CB  . LYS A 1 92  ? 1.763   -15.633 -3.438  1.00 16.28 ? 92  LYS A CB  1 
ATOM   647 C CG  . LYS A 1 92  ? 2.517   -15.585 -2.107  1.00 19.79 ? 92  LYS A CG  1 
ATOM   648 C CD  . LYS A 1 92  ? 3.664   -16.582 -2.026  1.00 25.17 ? 92  LYS A CD  1 
ATOM   649 C CE  . LYS A 1 92  ? 3.162   -18.005 -1.881  1.00 31.70 ? 92  LYS A CE  1 
ATOM   650 N NZ  . LYS A 1 92  ? 4.242   -18.933 -1.443  1.00 39.10 ? 92  LYS A NZ  1 
ATOM   651 N N   . GLY A 1 93  ? 1.555   -14.202 -6.503  1.00 15.30 ? 93  GLY A N   1 
ATOM   652 C CA  . GLY A 1 93  ? 0.866   -14.044 -7.778  1.00 16.10 ? 93  GLY A CA  1 
ATOM   653 C C   . GLY A 1 93  ? -0.604  -14.431 -7.788  1.00 17.84 ? 93  GLY A C   1 
ATOM   654 O O   . GLY A 1 93  ? -1.139  -14.818 -8.826  1.00 19.92 ? 93  GLY A O   1 
ATOM   655 N N   . GLU A 1 94  ? -1.275  -14.308 -6.648  1.00 17.68 ? 94  GLU A N   1 
ATOM   656 C CA  . GLU A 1 94  ? -2.680  -14.701 -6.563  1.00 19.36 ? 94  GLU A CA  1 
ATOM   657 C C   . GLU A 1 94  ? -3.658  -13.507 -6.647  1.00 17.92 ? 94  GLU A C   1 
ATOM   658 O O   . GLU A 1 94  ? -4.824  -13.700 -6.980  1.00 22.18 ? 94  GLU A O   1 
ATOM   659 C CB  . GLU A 1 94  ? -2.916  -15.566 -5.309  1.00 22.11 ? 94  GLU A CB  1 
ATOM   660 C CG  . GLU A 1 94  ? -2.136  -16.888 -5.334  1.00 23.25 ? 94  GLU A CG  1 
ATOM   661 C CD  . GLU A 1 94  ? -2.068  -17.594 -3.987  1.00 29.45 ? 94  GLU A CD  1 
ATOM   662 O OE1 . GLU A 1 94  ? -2.526  -17.039 -2.968  1.00 29.00 ? 94  GLU A OE1 1 
ATOM   663 O OE2 . GLU A 1 94  ? -1.535  -18.720 -3.939  1.00 38.24 ? 94  GLU A OE2 1 
ATOM   664 N N   . PHE A 1 95  ? -3.190  -12.285 -6.384  1.00 16.25 ? 95  PHE A N   1 
ATOM   665 C CA  . PHE A 1 95  ? -4.049  -11.087 -6.476  1.00 15.68 ? 95  PHE A CA  1 
ATOM   666 C C   . PHE A 1 95  ? -4.316  -10.695 -7.925  1.00 17.84 ? 95  PHE A C   1 
ATOM   667 O O   . PHE A 1 95  ? -3.417  -10.746 -8.761  1.00 20.32 ? 95  PHE A O   1 
ATOM   668 C CB  . PHE A 1 95  ? -3.435  -9.875  -5.765  1.00 15.26 ? 95  PHE A CB  1 
ATOM   669 C CG  . PHE A 1 95  ? -3.150  -10.092 -4.312  1.00 13.90 ? 95  PHE A CG  1 
ATOM   670 C CD1 . PHE A 1 95  ? -1.865  -9.968  -3.820  1.00 13.76 ? 95  PHE A CD1 1 
ATOM   671 C CD2 . PHE A 1 95  ? -4.170  -10.410 -3.431  1.00 15.52 ? 95  PHE A CD2 1 
ATOM   672 C CE1 . PHE A 1 95  ? -1.594  -10.159 -2.478  1.00 15.08 ? 95  PHE A CE1 1 
ATOM   673 C CE2 . PHE A 1 95  ? -3.909  -10.601 -2.087  1.00 16.19 ? 95  PHE A CE2 1 
ATOM   674 C CZ  . PHE A 1 95  ? -2.616  -10.488 -1.610  1.00 15.55 ? 95  PHE A CZ  1 
ATOM   675 N N   . GLU A 1 96  ? -5.548  -10.285 -8.213  1.00 19.32 ? 96  GLU A N   1 
ATOM   676 C CA  . GLU A 1 96  ? -5.936  -9.907  -9.573  1.00 23.06 ? 96  GLU A CA  1 
ATOM   677 C C   . GLU A 1 96  ? -6.298  -8.430  -9.719  1.00 21.19 ? 96  GLU A C   1 
ATOM   678 O O   . GLU A 1 96  ? -6.376  -7.917  -10.835 1.00 24.47 ? 96  GLU A O   1 
ATOM   679 C CB  . GLU A 1 96  ? -7.081  -10.799 -10.045 1.00 28.49 ? 96  GLU A CB  1 
ATOM   680 C CG  . GLU A 1 96  ? -6.633  -12.240 -10.258 1.00 33.79 ? 96  GLU A CG  1 
ATOM   681 C CD  . GLU A 1 96  ? -7.780  -13.205 -10.478 1.00 42.19 ? 96  GLU A CD  1 
ATOM   682 O OE1 . GLU A 1 96  ? -8.804  -13.103 -9.768  1.00 50.11 ? 96  GLU A OE1 1 
ATOM   683 O OE2 . GLU A 1 96  ? -7.645  -14.081 -11.356 1.00 47.42 ? 96  GLU A OE2 1 
ATOM   684 N N   A ASP A 1 97  ? -6.498  -7.746  -8.596  0.50 19.28 ? 97  ASP A N   1 
ATOM   685 N N   B ASP A 1 97  ? -6.488  -7.766  -8.577  0.50 19.28 ? 97  ASP A N   1 
ATOM   686 C CA  A ASP A 1 97  ? -6.827  -6.324  -8.597  0.50 18.74 ? 97  ASP A CA  1 
ATOM   687 C CA  B ASP A 1 97  ? -6.906  -6.374  -8.525  0.50 18.74 ? 97  ASP A CA  1 
ATOM   688 C C   A ASP A 1 97  ? -6.212  -5.685  -7.356  0.50 14.69 ? 97  ASP A C   1 
ATOM   689 C C   B ASP A 1 97  ? -6.188  -5.683  -7.348  0.50 14.69 ? 97  ASP A C   1 
ATOM   690 O O   A ASP A 1 97  ? -5.605  -6.385  -6.542  0.50 13.77 ? 97  ASP A O   1 
ATOM   691 O O   B ASP A 1 97  ? -5.608  -6.357  -6.585  0.50 13.77 ? 97  ASP A O   1 
ATOM   692 C CB  A ASP A 1 97  ? -8.350  -6.127  -8.615  0.50 23.93 ? 97  ASP A CB  1 
ATOM   693 C CB  B ASP A 1 97  ? -8.410  -6.315  -8.221  0.50 23.93 ? 97  ASP A CB  1 
ATOM   694 C CG  A ASP A 1 97  ? -9.058  -6.859  -7.488  0.50 31.58 ? 97  ASP A CG  1 
ATOM   695 C CG  B ASP A 1 97  ? -9.237  -6.986  -9.270  0.50 31.58 ? 97  ASP A CG  1 
ATOM   696 O OD1 A ASP A 1 97  ? -8.408  -7.643  -6.761  0.50 38.93 ? 97  ASP A OD1 1 
ATOM   697 O OD1 B ASP A 1 97  ? -9.183  -6.492  -10.381 0.50 38.93 ? 97  ASP A OD1 1 
ATOM   698 O OD2 A ASP A 1 97  ? -10.285 -6.651  -7.328  0.50 44.39 ? 97  ASP A OD2 1 
ATOM   699 O OD2 B ASP A 1 97  ? -9.928  -8.012  -9.010  0.50 44.39 ? 97  ASP A OD2 1 
ATOM   700 N N   . PHE A 1 98  ? -6.351  -4.366  -7.224  1.00 13.94 ? 98  PHE A N   1 
ATOM   701 C CA  . PHE A 1 98  ? -5.987  -3.686  -5.980  1.00 12.44 ? 98  PHE A CA  1 
ATOM   702 C C   . PHE A 1 98  ? -7.260  -3.250  -5.267  1.00 12.74 ? 98  PHE A C   1 
ATOM   703 O O   . PHE A 1 98  ? -7.967  -2.375  -5.744  1.00 16.30 ? 98  PHE A O   1 
ATOM   704 C CB  . PHE A 1 98  ? -5.066  -2.483  -6.201  1.00 12.93 ? 98  PHE A CB  1 
ATOM   705 C CG  . PHE A 1 98  ? -4.397  -2.018  -4.931  1.00 12.89 ? 98  PHE A CG  1 
ATOM   706 C CD1 . PHE A 1 98  ? -5.045  -1.147  -4.064  1.00 13.70 ? 98  PHE A CD1 1 
ATOM   707 C CD2 . PHE A 1 98  ? -3.152  -2.502  -4.576  1.00 13.08 ? 98  PHE A CD2 1 
ATOM   708 C CE1 . PHE A 1 98  ? -4.440  -0.755  -2.882  1.00 12.78 ? 98  PHE A CE1 1 
ATOM   709 C CE2 . PHE A 1 98  ? -2.543  -2.114  -3.397  1.00 12.38 ? 98  PHE A CE2 1 
ATOM   710 C CZ  . PHE A 1 98  ? -3.187  -1.236  -2.549  1.00 11.87 ? 98  PHE A CZ  1 
ATOM   711 N N   . GLU A 1 99  ? -7.534  -3.873  -4.123  1.00 11.84 ? 99  GLU A N   1 
ATOM   712 C CA  . GLU A 1 99  ? -8.818  -3.721  -3.433  1.00 12.33 ? 99  GLU A CA  1 
ATOM   713 C C   . GLU A 1 99  ? -8.685  -2.955  -2.129  1.00 11.44 ? 99  GLU A C   1 
ATOM   714 O O   . GLU A 1 99  ? -7.579  -2.720  -1.647  1.00 10.87 ? 99  GLU A O   1 
ATOM   715 C CB  . GLU A 1 99  ? -9.404  -5.099  -3.141  1.00 15.69 ? 99  GLU A CB  1 
ATOM   716 C CG  . GLU A 1 99  ? -9.639  -5.904  -4.400  1.00 20.79 ? 99  GLU A CG  1 
ATOM   717 C CD  . GLU A 1 99  ? -10.400 -7.178  -4.140  1.00 27.90 ? 99  GLU A CD  1 
ATOM   718 O OE1 . GLU A 1 99  ? -9.816  -8.097  -3.532  1.00 34.94 ? 99  GLU A OE1 1 
ATOM   719 O OE2 . GLU A 1 99  ? -11.581 -7.260  -4.546  1.00 39.93 ? 99  GLU A OE2 1 
ATOM   720 N N   . THR A 1 100 ? -9.830  -2.579  -1.558  1.00 10.84 ? 100 THR A N   1 
ATOM   721 C CA  . THR A 1 100 ? -9.873  -2.045  -0.198  1.00 10.21 ? 100 THR A CA  1 
ATOM   722 C C   . THR A 1 100 ? -10.737 -2.952  0.675   1.00 9.90  ? 100 THR A C   1 
ATOM   723 O O   . THR A 1 100 ? -11.724 -3.521  0.202   1.00 10.83 ? 100 THR A O   1 
ATOM   724 C CB  . THR A 1 100 ? -10.396 -0.595  -0.142  1.00 10.16 ? 100 THR A CB  1 
ATOM   725 O OG1 . THR A 1 100 ? -11.680 -0.499  -0.779  1.00 11.52 ? 100 THR A OG1 1 
ATOM   726 C CG2 . THR A 1 100 ? -9.416  0.342   -0.838  1.00 9.54  ? 100 THR A CG2 1 
ATOM   727 N N   . TYR A 1 101 ? -10.330 -3.107  1.936   1.00 9.89  ? 101 TYR A N   1 
ATOM   728 C CA  . TYR A 1 101 ? -11.031 -3.955  2.906   1.00 10.42 ? 101 TYR A CA  1 
ATOM   729 C C   . TYR A 1 101 ? -11.113 -3.279  4.260   1.00 10.02 ? 101 TYR A C   1 
ATOM   730 O O   . TYR A 1 101 ? -10.379 -2.325  4.520   1.00 8.44  ? 101 TYR A O   1 
ATOM   731 C CB  . TYR A 1 101 ? -10.307 -5.282  3.105   1.00 11.45 ? 101 TYR A CB  1 
ATOM   732 C CG  . TYR A 1 101 ? -10.313 -6.197  1.916   1.00 13.62 ? 101 TYR A CG  1 
ATOM   733 C CD1 . TYR A 1 101 ? -9.142  -6.470  1.221   1.00 14.50 ? 101 TYR A CD1 1 
ATOM   734 C CD2 . TYR A 1 101 ? -11.485 -6.808  1.494   1.00 16.71 ? 101 TYR A CD2 1 
ATOM   735 C CE1 . TYR A 1 101 ? -9.140  -7.330  0.142   1.00 17.17 ? 101 TYR A CE1 1 
ATOM   736 C CE2 . TYR A 1 101 ? -11.491 -7.659  0.406   1.00 19.23 ? 101 TYR A CE2 1 
ATOM   737 C CZ  . TYR A 1 101 ? -10.316 -7.910  -0.264  1.00 19.00 ? 101 TYR A CZ  1 
ATOM   738 O OH  . TYR A 1 101 ? -10.316 -8.759  -1.342  1.00 21.86 ? 101 TYR A OH  1 
ATOM   739 O OXT . TYR A 1 101 ? -11.897 -3.696  5.118   1.00 10.32 ? 101 TYR A OXT 1 
HETATM 740 O O   . HOH B 2 .   ? 1.697   13.222  6.063   1.00 10.01 ? 201 HOH A O   1 
HETATM 741 O O   . HOH B 2 .   ? -5.901  15.166  0.231   1.00 11.88 ? 202 HOH A O   1 
HETATM 742 O O   . HOH B 2 .   ? 0.540   13.731  3.426   1.00 10.22 ? 203 HOH A O   1 
HETATM 743 O O   . HOH B 2 .   ? -10.770 5.359   5.503   1.00 9.79  ? 204 HOH A O   1 
HETATM 744 O O   . HOH B 2 .   ? -6.381  7.026   11.058  1.00 10.00 ? 205 HOH A O   1 
HETATM 745 O O   . HOH B 2 .   ? -13.011 2.905   8.299   1.00 16.39 ? 206 HOH A O   1 
HETATM 746 O O   . HOH B 2 .   ? -6.834  -7.908  -4.105  1.00 21.42 ? 207 HOH A O   1 
HETATM 747 O O   . HOH B 2 .   ? -3.344  -2.940  -10.441 1.00 25.79 ? 208 HOH A O   1 
HETATM 748 O O   . HOH B 2 .   ? -7.742  4.569   5.088   1.00 9.00  ? 209 HOH A O   1 
HETATM 749 O O   . HOH B 2 .   ? 11.736  -3.901  -10.905 1.00 12.06 ? 210 HOH A O   1 
HETATM 750 O O   . HOH B 2 .   ? -6.781  10.916  -2.032  1.00 22.01 ? 211 HOH A O   1 
HETATM 751 O O   . HOH B 2 .   ? -8.056  7.444   4.384   1.00 10.20 ? 212 HOH A O   1 
HETATM 752 O O   . HOH B 2 .   ? -11.067 2.352   12.630  1.00 10.61 ? 213 HOH A O   1 
HETATM 753 O O   . HOH B 2 .   ? -7.676  10.544  10.002  1.00 15.73 ? 214 HOH A O   1 
HETATM 754 O O   . HOH B 2 .   ? -12.380 -0.464  -3.415  1.00 14.25 ? 215 HOH A O   1 
HETATM 755 O O   . HOH B 2 .   ? -11.304 8.063   3.230   1.00 12.01 ? 216 HOH A O   1 
HETATM 756 O O   . HOH B 2 .   ? -11.403 -2.005  10.759  1.00 12.17 ? 217 HOH A O   1 
HETATM 757 O O   . HOH B 2 .   ? 4.650   -13.798 0.825   1.00 21.91 ? 218 HOH A O   1 
HETATM 758 O O   . HOH B 2 .   ? -13.797 -5.544  4.819   1.00 17.95 ? 219 HOH A O   1 
HETATM 759 O O   . HOH B 2 .   ? 12.236  3.656   -11.878 1.00 19.69 ? 220 HOH A O   1 
HETATM 760 O O   . HOH B 2 .   ? 10.962  3.398   -1.552  1.00 21.13 ? 221 HOH A O   1 
HETATM 761 O O   . HOH B 2 .   ? 1.314   -6.954  -9.916  1.00 21.96 ? 222 HOH A O   1 
HETATM 762 O O   . HOH B 2 .   ? -12.267 -3.229  -3.170  1.00 24.98 ? 223 HOH A O   1 
HETATM 763 O O   . HOH B 2 .   ? 0.644   14.531  -1.305  1.00 20.03 ? 224 HOH A O   1 
HETATM 764 O O   . HOH B 2 .   ? 2.054   -13.041 -11.897 1.00 20.18 ? 225 HOH A O   1 
HETATM 765 O O   . HOH B 2 .   ? 9.345   -13.194 -4.882  1.00 19.32 ? 226 HOH A O   1 
HETATM 766 O O   . HOH B 2 .   ? 4.338   -4.139  -10.725 1.00 12.43 ? 227 HOH A O   1 
HETATM 767 O O   . HOH B 2 .   ? -7.446  12.943  0.231   1.00 21.58 ? 228 HOH A O   1 
HETATM 768 O O   . HOH B 2 .   ? -7.321  -9.638  -6.156  1.00 26.74 ? 229 HOH A O   1 
HETATM 769 O O   . HOH B 2 .   ? 6.840   7.160   -6.111  1.00 21.63 ? 230 HOH A O   1 
HETATM 770 O O   . HOH B 2 .   ? 1.617   -18.993 -5.156  1.00 19.30 ? 231 HOH A O   1 
HETATM 771 O O   . HOH B 2 .   ? 4.017   -4.332  11.296  1.00 26.22 ? 232 HOH A O   1 
HETATM 772 O O   . HOH B 2 .   ? 3.957   -2.081  12.965  1.00 19.58 ? 233 HOH A O   1 
HETATM 773 O O   . HOH B 2 .   ? -4.337  -8.399  6.063   1.00 28.79 ? 234 HOH A O   1 
HETATM 774 O O   . HOH B 2 .   ? -11.948 0.699   10.517  1.00 13.56 ? 235 HOH A O   1 
HETATM 775 O O   . HOH B 2 .   ? -10.990 -4.038  7.561   1.00 10.18 ? 236 HOH A O   1 
HETATM 776 O O   . HOH B 2 .   ? 3.988   12.680  4.561   1.00 14.21 ? 237 HOH A O   1 
HETATM 777 O O   . HOH B 2 .   ? 14.276  4.866   -13.212 1.00 19.18 ? 238 HOH A O   1 
HETATM 778 O O   . HOH B 2 .   ? -0.467  -10.770 -7.343  1.00 20.29 ? 239 HOH A O   1 
HETATM 779 O O   . HOH B 2 .   ? 0.952   -15.316 -10.870 1.00 15.35 ? 240 HOH A O   1 
HETATM 780 O O   . HOH B 2 .   ? 1.289   -5.307  11.533  1.00 19.55 ? 241 HOH A O   1 
HETATM 781 O O   . HOH B 2 .   ? -5.834  4.190   17.912  1.00 21.78 ? 242 HOH A O   1 
HETATM 782 O O   . HOH B 2 .   ? -8.626  9.890   12.541  1.00 25.25 ? 243 HOH A O   1 
HETATM 783 O O   . HOH B 2 .   ? 8.266   5.666   9.098   1.00 25.88 ? 244 HOH A O   1 
HETATM 784 O O   . HOH B 2 .   ? 0.311   -9.555  -9.793  1.00 25.38 ? 245 HOH A O   1 
HETATM 785 O O   . HOH B 2 .   ? 11.884  -7.394  4.434   1.00 29.30 ? 246 HOH A O   1 
HETATM 786 O O   . HOH B 2 .   ? -2.508  -2.210  -12.836 1.00 21.38 ? 247 HOH A O   1 
HETATM 787 O O   . HOH B 2 .   ? 6.467   -9.388  5.118   1.00 26.83 ? 248 HOH A O   1 
HETATM 788 O O   . HOH B 2 .   ? -7.508  -9.716  -2.053  1.00 30.21 ? 249 HOH A O   1 
HETATM 789 O O   . HOH B 2 .   ? 10.944  -12.817 -9.055  1.00 30.97 ? 250 HOH A O   1 
HETATM 790 O O   . HOH B 2 .   ? 6.527   -6.607  8.594   1.00 37.95 ? 251 HOH A O   1 
HETATM 791 O O   . HOH B 2 .   ? 3.226   -6.871  -11.891 1.00 32.08 ? 252 HOH A O   1 
HETATM 792 O O   . HOH B 2 .   ? -15.068 -6.490  2.371   1.00 28.58 ? 253 HOH A O   1 
HETATM 793 O O   . HOH B 2 .   ? -2.327  -12.367 -10.776 1.00 28.73 ? 254 HOH A O   1 
HETATM 794 O O   . HOH B 2 .   ? 5.458   0.123   15.530  1.00 40.47 ? 255 HOH A O   1 
HETATM 795 O O   . HOH B 2 .   ? 5.272   -9.182  2.696   1.00 30.73 ? 256 HOH A O   1 
HETATM 796 O O   . HOH B 2 .   ? -10.275 -8.268  5.420   1.00 38.25 ? 257 HOH A O   1 
HETATM 797 O O   . HOH B 2 .   ? 11.352  -13.708 -2.933  1.00 32.38 ? 258 HOH A O   1 
HETATM 798 O O   . HOH B 2 .   ? 1.007   -19.948 -2.927  1.00 28.09 ? 259 HOH A O   1 
HETATM 799 O O   . HOH B 2 .   ? 12.092  -3.917  6.010   1.00 28.36 ? 260 HOH A O   1 
HETATM 800 O O   . HOH B 2 .   ? 10.598  4.878   0.682   1.00 26.82 ? 261 HOH A O   1 
HETATM 801 O O   . HOH B 2 .   ? -10.942 -0.826  -5.606  1.00 30.88 ? 262 HOH A O   1 
HETATM 802 O O   . HOH B 2 .   ? 6.876   7.880   6.922   1.00 37.08 ? 263 HOH A O   1 
HETATM 803 O O   . HOH B 2 .   ? -5.333  -7.655  9.630   1.00 31.42 ? 264 HOH A O   1 
HETATM 804 O O   . HOH B 2 .   ? 10.484  7.717   0.588   1.00 27.96 ? 265 HOH A O   1 
HETATM 805 O O   . HOH B 2 .   ? 6.022   7.330   15.436  1.00 33.79 ? 266 HOH A O   1 
HETATM 806 O O   . HOH B 2 .   ? 4.754   15.141  3.715   1.00 30.87 ? 267 HOH A O   1 
HETATM 807 O O   . HOH B 2 .   ? 3.035   -21.179 -1.469  1.00 31.22 ? 268 HOH A O   1 
HETATM 808 O O   . HOH B 2 .   ? 12.927  5.145   -2.914  1.00 33.81 ? 269 HOH A O   1 
HETATM 809 O O   . HOH B 2 .   ? 11.572  4.368   -5.619  1.00 38.19 ? 270 HOH A O   1 
HETATM 810 O O   . HOH B 2 .   ? 10.094  -0.878  8.620   1.00 23.64 ? 271 HOH A O   1 
HETATM 811 O O   . HOH B 2 .   ? -14.314 2.289   10.492  1.00 26.20 ? 272 HOH A O   1 
HETATM 812 O O   . HOH B 2 .   ? 6.149   16.988  2.642   1.00 30.56 ? 273 HOH A O   1 
HETATM 813 O O   . HOH B 2 .   ? 2.820   6.071   -9.914  1.00 33.78 ? 274 HOH A O   1 
HETATM 814 O O   . HOH B 2 .   ? 7.933   9.339   0.509   1.00 22.67 ? 275 HOH A O   1 
HETATM 815 O O   . HOH B 2 .   ? -14.250 -5.153  -0.155  1.00 37.88 ? 276 HOH A O   1 
HETATM 816 O O   . HOH B 2 .   ? 7.325   11.490  2.225   1.00 33.99 ? 277 HOH A O   1 
HETATM 817 O O   . HOH B 2 .   ? 4.666   -3.984  15.033  1.00 20.70 ? 278 HOH A O   1 
HETATM 818 O O   . HOH B 2 .   ? -2.254  -14.525 -1.916  1.00 24.89 ? 279 HOH A O   1 
HETATM 819 O O   . HOH B 2 .   ? -0.759  -13.199 -4.172  1.00 16.25 ? 280 HOH A O   1 
HETATM 820 O O   . HOH B 2 .   ? 4.930   -7.945  -16.874 1.00 34.15 ? 281 HOH A O   1 
HETATM 821 O O   . HOH B 2 .   ? 8.373   -15.370 1.669   1.00 33.90 ? 282 HOH A O   1 
HETATM 822 O O   . HOH B 2 .   ? 2.912   3.615   -15.181 1.00 35.45 ? 283 HOH A O   1 
HETATM 823 O O   . HOH B 2 .   ? -4.934  -13.877 -1.647  1.00 36.52 ? 284 HOH A O   1 
HETATM 824 O O   . HOH B 2 .   ? -6.043  -15.867 -8.196  1.00 33.95 ? 285 HOH A O   1 
HETATM 825 O O   . HOH B 2 .   ? 5.324   2.401   -14.383 1.00 23.26 ? 286 HOH A O   1 
HETATM 826 O O   . HOH B 2 .   ? 4.940   -21.815 -3.363  1.00 27.96 ? 287 HOH A O   1 
HETATM 827 O O   . HOH B 2 .   ? 10.490  5.816   -12.375 1.00 32.51 ? 288 HOH A O   1 
HETATM 828 O O   . HOH B 2 .   ? -2.905  4.983   12.752  1.00 17.16 ? 289 HOH A O   1 
HETATM 829 O O   . HOH B 2 .   ? 0.853   -1.677  16.185  1.00 17.54 ? 290 HOH A O   1 
HETATM 830 O O   . HOH B 2 .   ? 5.683   -4.145  9.023   1.00 38.01 ? 291 HOH A O   1 
HETATM 831 O O   . HOH B 2 .   ? 9.568   3.843   7.140   1.00 26.84 ? 292 HOH A O   1 
# 
loop_
_atom_site_anisotrop.id 
_atom_site_anisotrop.type_symbol 
_atom_site_anisotrop.pdbx_label_atom_id 
_atom_site_anisotrop.pdbx_label_alt_id 
_atom_site_anisotrop.pdbx_label_comp_id 
_atom_site_anisotrop.pdbx_label_asym_id 
_atom_site_anisotrop.pdbx_label_seq_id 
_atom_site_anisotrop.pdbx_PDB_ins_code 
_atom_site_anisotrop.U[1][1] 
_atom_site_anisotrop.U[2][2] 
_atom_site_anisotrop.U[3][3] 
_atom_site_anisotrop.U[1][2] 
_atom_site_anisotrop.U[1][3] 
_atom_site_anisotrop.U[2][3] 
_atom_site_anisotrop.pdbx_auth_seq_id 
_atom_site_anisotrop.pdbx_auth_comp_id 
_atom_site_anisotrop.pdbx_auth_asym_id 
_atom_site_anisotrop.pdbx_auth_atom_id 
1   N N   . MET A 12  ? 0.3715 0.4655 0.5048 0.0313  0.0214  -0.0177 12  MET A N   
2   C CA  . MET A 12  ? 0.3674 0.3526 0.4304 0.0162  0.0601  -0.0418 12  MET A CA  
3   C C   . MET A 12  ? 0.3197 0.2634 0.3450 -0.0251 0.0414  0.0109  12  MET A C   
4   O O   . MET A 12  ? 0.3048 0.2727 0.3022 -0.0177 0.0835  -0.0182 12  MET A O   
5   C CB  . MET A 12  ? 0.5077 0.4350 0.4133 0.0117  0.0388  -0.0206 12  MET A CB  
6   C CG  . MET A 12  ? 0.5004 0.4999 0.5542 0.0215  0.0591  -0.0364 12  MET A CG  
7   S SD  . MET A 12  ? 0.7019 0.6603 0.5111 -0.0073 0.0119  0.0344  12  MET A SD  
8   C CE  . MET A 12  ? 0.6362 0.4938 0.4068 -0.0421 -0.0222 0.1023  12  MET A CE  
9   N N   . LEU A 13  ? 0.2232 0.2211 0.2386 0.0127  0.0492  -0.0393 13  LEU A N   
10  C CA  . LEU A 13  ? 0.2067 0.1966 0.2008 -0.0021 0.0274  -0.0149 13  LEU A CA  
11  C C   . LEU A 13  ? 0.1816 0.1667 0.1984 0.0011  0.0291  -0.0150 13  LEU A C   
12  O O   . LEU A 13  ? 0.1891 0.1724 0.2152 0.0306  0.0534  -0.0362 13  LEU A O   
13  C CB  . LEU A 13  ? 0.2163 0.2076 0.2298 -0.0060 0.0134  -0.0141 13  LEU A CB  
14  C CG  . LEU A 13  ? 0.2296 0.2375 0.2306 0.0023  0.0085  -0.0093 13  LEU A CG  
15  C CD1 . LEU A 13  ? 0.2455 0.2548 0.2390 0.0096  -0.0142 -0.0236 13  LEU A CD1 
16  C CD2 . LEU A 13  ? 0.2712 0.2323 0.2398 -0.0045 0.0049  -0.0128 13  LEU A CD2 
17  N N   . LYS A 14  ? 0.1734 0.1481 0.1821 -0.0075 0.0251  -0.0043 14  LYS A N   
18  C CA  A LYS A 14  ? 0.1632 0.1528 0.1793 0.0038  0.0170  -0.0039 14  LYS A CA  
19  C CA  B LYS A 14  ? 0.1643 0.1530 0.1804 0.0031  0.0188  -0.0018 14  LYS A CA  
20  C C   . LYS A 14  ? 0.1672 0.1253 0.1512 0.0003  0.0183  -0.0013 14  LYS A C   
21  O O   . LYS A 14  ? 0.1469 0.1249 0.1466 -0.0027 0.0259  -0.0138 14  LYS A O   
22  C CB  A LYS A 14  ? 0.1952 0.1642 0.1900 -0.0054 0.0017  -0.0078 14  LYS A CB  
23  C CB  B LYS A 14  ? 0.2022 0.1645 0.1952 -0.0144 0.0113  -0.0065 14  LYS A CB  
24  C CG  A LYS A 14  ? 0.2070 0.2420 0.2430 0.0048  0.0178  -0.0153 14  LYS A CG  
25  C CG  B LYS A 14  ? 0.2136 0.2473 0.2614 0.0044  0.0044  -0.0090 14  LYS A CG  
26  C CD  A LYS A 14  ? 0.3033 0.2670 0.3106 0.0166  -0.0028 0.0164  14  LYS A CD  
27  C CD  B LYS A 14  ? 0.3155 0.2764 0.3420 0.0081  0.0071  0.0317  14  LYS A CD  
28  C CE  A LYS A 14  ? 0.3134 0.4639 0.4468 0.0099  0.0080  0.0033  14  LYS A CE  
29  C CE  B LYS A 14  ? 0.3799 0.4292 0.3902 -0.0121 -0.0335 -0.0050 14  LYS A CE  
30  N NZ  A LYS A 14  ? 0.4501 0.4909 0.5533 0.0361  -0.0300 0.0268  14  LYS A NZ  
31  N NZ  B LYS A 14  ? 0.4410 0.5004 0.5276 0.0373  -0.0386 0.0447  14  LYS A NZ  
32  N N   . ARG A 15  ? 0.1539 0.1369 0.1495 0.0113  0.0197  0.0050  15  ARG A N   
33  C CA  . ARG A 15  ? 0.1491 0.1271 0.1440 0.0118  0.0116  0.0028  15  ARG A CA  
34  C C   . ARG A 15  ? 0.1420 0.1436 0.1611 0.0132  0.0018  -0.0079 15  ARG A C   
35  O O   . ARG A 15  ? 0.1420 0.1318 0.1734 0.0311  0.0030  -0.0217 15  ARG A O   
36  C CB  . ARG A 15  ? 0.1490 0.1334 0.1598 -0.0010 0.0116  0.0026  15  ARG A CB  
37  C CG  . ARG A 15  ? 0.1525 0.1494 0.1691 0.0047  0.0149  0.0026  15  ARG A CG  
38  C CD  . ARG A 15  ? 0.1875 0.1712 0.1891 0.0050  0.0262  0.0274  15  ARG A CD  
39  N NE  . ARG A 15  ? 0.2111 0.1608 0.2142 -0.0016 0.0164  0.0246  15  ARG A NE  
40  C CZ  . ARG A 15  ? 0.2308 0.1704 0.2517 -0.0101 0.0215  0.0297  15  ARG A CZ  
41  N NH1 . ARG A 15  ? 0.3332 0.1982 0.2591 -0.0301 0.0472  0.0326  15  ARG A NH1 
42  N NH2 . ARG A 15  ? 0.2302 0.1779 0.2373 -0.0084 0.0282  0.0333  15  ARG A NH2 
43  N N   . MET A 16  ? 0.1334 0.1221 0.1303 0.0005  -0.0008 0.0003  16  MET A N   
44  C CA  . MET A 16  ? 0.1143 0.1247 0.1233 0.0086  0.0055  -0.0019 16  MET A CA  
45  C C   . MET A 16  ? 0.1248 0.1123 0.1244 0.0019  0.0104  -0.0067 16  MET A C   
46  O O   . MET A 16  ? 0.1299 0.1365 0.1376 0.0084  0.0074  -0.0103 16  MET A O   
47  C CB  . MET A 16  ? 0.1132 0.1327 0.1163 0.0018  0.0118  0.0000  16  MET A CB  
48  C CG  . MET A 16  ? 0.1322 0.1292 0.1328 0.0042  0.0091  -0.0056 16  MET A CG  
49  S SD  . MET A 16  ? 0.1831 0.1272 0.1634 -0.0111 0.0073  -0.0077 16  MET A SD  
50  C CE  . MET A 16  ? 0.1843 0.1249 0.1652 -0.0112 -0.0001 -0.0013 16  MET A CE  
51  N N   . TYR A 17  ? 0.1396 0.1349 0.1249 0.0068  0.0107  0.0076  17  TYR A N   
52  C CA  . TYR A 17  ? 0.1285 0.1477 0.1390 0.0074  0.0095  -0.0002 17  TYR A CA  
53  C C   . TYR A 17  ? 0.1259 0.1492 0.1400 0.0130  0.0078  -0.0043 17  TYR A C   
54  O O   . TYR A 17  ? 0.1290 0.1488 0.1720 0.0038  0.0101  -0.0371 17  TYR A O   
55  C CB  . TYR A 17  ? 0.1386 0.1339 0.1642 0.0039  0.0102  0.0032  17  TYR A CB  
56  C CG  . TYR A 17  ? 0.1713 0.1726 0.1539 0.0163  0.0111  0.0013  17  TYR A CG  
57  C CD1 . TYR A 17  ? 0.1855 0.2027 0.1783 -0.0097 0.0008  -0.0023 17  TYR A CD1 
58  C CD2 . TYR A 17  ? 0.1683 0.1744 0.1649 0.0281  -0.0075 0.0017  17  TYR A CD2 
59  C CE1 . TYR A 17  ? 0.1816 0.2072 0.1985 0.0038  0.0047  -0.0149 17  TYR A CE1 
60  C CE2 . TYR A 17  ? 0.1894 0.2024 0.1805 0.0257  0.0079  -0.0117 17  TYR A CE2 
61  C CZ  . TYR A 17  ? 0.1945 0.1970 0.1776 0.0177  -0.0014 -0.0008 17  TYR A CZ  
62  O OH  . TYR A 17  ? 0.2133 0.2121 0.1888 0.0178  0.0205  0.0178  17  TYR A OH  
63  N N   . ALA A 18  ? 0.1227 0.1327 0.1284 0.0048  0.0082  -0.0064 18  ALA A N   
64  C CA  . ALA A 18  ? 0.1238 0.1350 0.1388 0.0001  0.0083  -0.0083 18  ALA A CA  
65  C C   . ALA A 18  ? 0.1396 0.1377 0.1372 0.0135  0.0081  -0.0187 18  ALA A C   
66  O O   . ALA A 18  ? 0.1467 0.1739 0.1361 0.0116  -0.0044 -0.0236 18  ALA A O   
67  C CB  . ALA A 18  ? 0.1325 0.1450 0.1517 0.0063  0.0034  0.0029  18  ALA A CB  
68  N N   . ARG A 19  ? 0.1455 0.1442 0.1334 0.0095  -0.0057 -0.0041 19  ARG A N   
69  C CA  . ARG A 19  ? 0.1578 0.1385 0.1392 0.0033  -0.0029 -0.0142 19  ARG A CA  
70  C C   . ARG A 19  ? 0.1301 0.1327 0.1269 0.0029  -0.0019 -0.0009 19  ARG A C   
71  O O   . ARG A 19  ? 0.1218 0.1214 0.1084 0.0095  0.0100  -0.0063 19  ARG A O   
72  C CB  . ARG A 19  ? 0.1842 0.1545 0.1538 0.0048  0.0179  -0.0016 19  ARG A CB  
73  C CG  . ARG A 19  ? 0.2042 0.1753 0.1824 0.0130  0.0335  -0.0149 19  ARG A CG  
74  C CD  . ARG A 19  ? 0.1769 0.2064 0.1911 -0.0015 0.0306  -0.0012 19  ARG A CD  
75  N NE  . ARG A 19  ? 0.1517 0.1872 0.1882 0.0167  0.0164  0.0058  19  ARG A NE  
76  C CZ  . ARG A 19  ? 0.1824 0.2166 0.1876 0.0108  -0.0119 0.0162  19  ARG A CZ  
77  N NH1 . ARG A 19  ? 0.1832 0.2012 0.2381 0.0063  -0.0002 0.0092  19  ARG A NH1 
78  N NH2 . ARG A 19  ? 0.1940 0.2182 0.1921 0.0207  0.0122  0.0430  19  ARG A NH2 
79  N N   . VAL A 20  ? 0.1194 0.1137 0.1094 -0.0086 -0.0042 0.0027  20  VAL A N   
80  C CA  . VAL A 20  ? 0.1044 0.1123 0.1018 -0.0013 -0.0006 -0.0041 20  VAL A CA  
81  C C   . VAL A 20  ? 0.1089 0.1203 0.1044 -0.0045 0.0070  -0.0018 20  VAL A C   
82  O O   . VAL A 20  ? 0.1086 0.1217 0.1054 -0.0115 -0.0061 -0.0028 20  VAL A O   
83  C CB  . VAL A 20  ? 0.0945 0.1147 0.1003 0.0024  0.0025  -0.0051 20  VAL A CB  
84  C CG1 . VAL A 20  ? 0.1094 0.1175 0.1052 0.0029  0.0039  -0.0003 20  VAL A CG1 
85  C CG2 . VAL A 20  ? 0.1106 0.1078 0.1013 0.0036  0.0017  -0.0068 20  VAL A CG2 
86  N N   . TYR A 21  ? 0.1063 0.1247 0.1053 0.0058  -0.0011 -0.0069 21  TYR A N   
87  C CA  . TYR A 21  ? 0.1080 0.1223 0.1057 0.0025  -0.0002 -0.0085 21  TYR A CA  
88  C C   . TYR A 21  ? 0.1095 0.1286 0.1043 0.0110  -0.0006 0.0089  21  TYR A C   
89  O O   . TYR A 21  ? 0.1175 0.1419 0.1063 0.0005  -0.0029 0.0107  21  TYR A O   
90  C CB  . TYR A 21  ? 0.1218 0.1173 0.1116 0.0033  -0.0065 -0.0052 21  TYR A CB  
91  C CG  . TYR A 21  ? 0.1371 0.1294 0.1171 0.0145  -0.0083 0.0121  21  TYR A CG  
92  C CD1 . TYR A 21  ? 0.1479 0.1480 0.1315 0.0156  0.0078  0.0073  21  TYR A CD1 
93  C CD2 . TYR A 21  ? 0.1375 0.1488 0.1426 0.0030  0.0085  -0.0001 21  TYR A CD2 
94  C CE1 . TYR A 21  ? 0.1869 0.1465 0.1588 0.0232  0.0142  0.0076  21  TYR A CE1 
95  C CE2 . TYR A 21  ? 0.1671 0.1568 0.1357 0.0125  0.0046  0.0113  21  TYR A CE2 
96  C CZ  . TYR A 21  ? 0.1832 0.1662 0.1593 0.0168  0.0176  0.0035  21  TYR A CZ  
97  O OH  . TYR A 21  ? 0.2634 0.1690 0.1710 0.0305  0.0327  0.0023  21  TYR A OH  
98  N N   . GLY A 22  ? 0.1111 0.1217 0.0888 0.0057  -0.0019 -0.0014 22  GLY A N   
99  C CA  . GLY A 22  ? 0.1185 0.1232 0.1192 0.0065  -0.0115 0.0137  22  GLY A CA  
100 C C   . GLY A 22  ? 0.1190 0.1085 0.1324 0.0123  0.0024  0.0096  22  GLY A C   
101 O O   . GLY A 22  ? 0.1615 0.1472 0.1564 0.0103  0.0139  0.0587  22  GLY A O   
102 N N   . LEU A 23  ? 0.1005 0.1034 0.1020 -0.0016 -0.0006 0.0004  23  LEU A N   
103 C CA  . LEU A 23  ? 0.1010 0.1084 0.1054 -0.0019 -0.0005 0.0018  23  LEU A CA  
104 C C   . LEU A 23  ? 0.0952 0.1007 0.1047 -0.0017 -0.0027 0.0035  23  LEU A C   
105 O O   . LEU A 23  ? 0.0984 0.1057 0.1138 -0.0063 -0.0005 0.0096  23  LEU A O   
106 C CB  . LEU A 23  ? 0.1118 0.1095 0.1177 -0.0010 0.0051  0.0007  23  LEU A CB  
107 C CG  . LEU A 23  ? 0.1098 0.1159 0.1216 -0.0016 -0.0013 -0.0004 23  LEU A CG  
108 C CD1 . LEU A 23  ? 0.1162 0.1162 0.1109 -0.0009 0.0009  -0.0006 23  LEU A CD1 
109 C CD2 . LEU A 23  ? 0.1283 0.1305 0.1187 -0.0122 -0.0050 0.0050  23  LEU A CD2 
110 N N   . VAL A 24  ? 0.0995 0.1013 0.0980 -0.0021 0.0060  -0.0032 24  VAL A N   
111 C CA  . VAL A 24  ? 0.1018 0.0982 0.0976 -0.0035 0.0037  -0.0017 24  VAL A CA  
112 C C   . VAL A 24  ? 0.0964 0.1177 0.1057 -0.0013 -0.0007 -0.0025 24  VAL A C   
113 O O   . VAL A 24  ? 0.1108 0.1201 0.1153 -0.0045 0.0121  -0.0089 24  VAL A O   
114 C CB  . VAL A 24  ? 0.1035 0.1068 0.0935 0.0030  0.0023  0.0004  24  VAL A CB  
115 C CG1 . VAL A 24  ? 0.1051 0.1244 0.1097 -0.0013 0.0101  0.0012  24  VAL A CG1 
116 C CG2 . VAL A 24  ? 0.0996 0.0981 0.0940 0.0013  0.0070  -0.0024 24  VAL A CG2 
117 N N   . GLN A 25  ? 0.1054 0.1250 0.0953 -0.0095 0.0021  -0.0062 25  GLN A N   
118 C CA  . GLN A 25  ? 0.1026 0.1198 0.0980 -0.0048 0.0010  0.0045  25  GLN A CA  
119 C C   . GLN A 25  ? 0.1104 0.1201 0.1104 -0.0006 0.0025  -0.0031 25  GLN A C   
120 O O   . GLN A 25  ? 0.1081 0.1179 0.1152 0.0002  -0.0008 -0.0020 25  GLN A O   
121 C CB  . GLN A 25  ? 0.1022 0.1156 0.1062 -0.0044 0.0067  0.0044  25  GLN A CB  
122 C CG  . GLN A 25  ? 0.1077 0.1106 0.1002 -0.0062 0.0076  0.0052  25  GLN A CG  
123 C CD  . GLN A 25  ? 0.1153 0.1117 0.1023 0.0002  0.0056  0.0113  25  GLN A CD  
124 O OE1 . GLN A 25  ? 0.1165 0.1386 0.1120 0.0036  0.0078  0.0049  25  GLN A OE1 
125 N NE2 . GLN A 25  ? 0.1027 0.1098 0.0898 -0.0026 0.0105  0.0092  25  GLN A NE2 
126 N N   . GLY A 26  ? 0.1143 0.1192 0.1157 -0.0017 -0.0037 -0.0082 26  GLY A N   
127 C CA  . GLY A 26  ? 0.1240 0.1178 0.1328 0.0037  0.0048  -0.0058 26  GLY A CA  
128 C C   . GLY A 26  ? 0.1075 0.1255 0.1279 0.0021  -0.0001 -0.0008 26  GLY A C   
129 O O   . GLY A 26  ? 0.1507 0.1116 0.1621 0.0013  0.0184  0.0072  26  GLY A O   
130 N N   . VAL A 27  ? 0.1095 0.1027 0.1120 0.0070  0.0008  0.0081  27  VAL A N   
131 C CA  . VAL A 27  ? 0.1049 0.1065 0.1143 0.0043  0.0012  0.0044  27  VAL A CA  
132 C C   . VAL A 27  ? 0.1054 0.1045 0.1167 -0.0023 0.0017  -0.0019 27  VAL A C   
133 O O   . VAL A 27  ? 0.1291 0.1025 0.1107 -0.0116 0.0049  0.0021  27  VAL A O   
134 C CB  . VAL A 27  ? 0.1138 0.1182 0.1220 -0.0075 -0.0001 -0.0024 27  VAL A CB  
135 C CG1 . VAL A 27  ? 0.1229 0.1209 0.1286 -0.0087 0.0076  -0.0036 27  VAL A CG1 
136 C CG2 . VAL A 27  ? 0.1174 0.1191 0.1198 -0.0067 -0.0001 -0.0027 27  VAL A CG2 
137 N N   . GLY A 28  ? 0.1015 0.1069 0.1142 -0.0053 0.0087  -0.0054 28  GLY A N   
138 C CA  . GLY A 28  ? 0.1080 0.1125 0.1071 0.0010  -0.0002 -0.0005 28  GLY A CA  
139 C C   . GLY A 28  ? 0.1138 0.1011 0.0999 0.0078  -0.0015 0.0042  28  GLY A C   
140 O O   . GLY A 28  ? 0.1385 0.1159 0.1010 0.0135  0.0059  0.0052  28  GLY A O   
141 N N   . PHE A 29  ? 0.0937 0.0903 0.0873 0.0001  0.0079  -0.0017 29  PHE A N   
142 C CA  . PHE A 29  ? 0.0923 0.0917 0.0885 -0.0009 -0.0013 0.0041  29  PHE A CA  
143 C C   . PHE A 29  ? 0.0878 0.0889 0.0827 0.0040  -0.0037 0.0073  29  PHE A C   
144 O O   . PHE A 29  ? 0.1064 0.1038 0.0894 -0.0078 0.0093  0.0007  29  PHE A O   
145 C CB  . PHE A 29  ? 0.0911 0.0860 0.0870 0.0012  -0.0005 0.0025  29  PHE A CB  
146 C CG  . PHE A 29  ? 0.0883 0.0858 0.0888 -0.0006 -0.0036 0.0008  29  PHE A CG  
147 C CD1 . PHE A 29  ? 0.0922 0.0865 0.0997 -0.0011 -0.0017 0.0054  29  PHE A CD1 
148 C CD2 . PHE A 29  ? 0.0914 0.0773 0.0959 0.0001  -0.0022 0.0026  29  PHE A CD2 
149 C CE1 . PHE A 29  ? 0.0968 0.0973 0.1029 0.0055  -0.0075 0.0063  29  PHE A CE1 
150 C CE2 . PHE A 29  ? 0.0921 0.0933 0.1073 0.0036  -0.0051 0.0036  29  PHE A CE2 
151 C CZ  . PHE A 29  ? 0.0972 0.0935 0.0940 0.0084  -0.0022 0.0032  29  PHE A CZ  
152 N N   . ARG A 30  ? 0.0912 0.0922 0.0862 0.0024  -0.0032 0.0019  30  ARG A N   
153 C CA  . ARG A 30  ? 0.0963 0.0967 0.0935 -0.0030 -0.0002 -0.0041 30  ARG A CA  
154 C C   . ARG A 30  ? 0.1057 0.1126 0.0983 0.0018  -0.0049 -0.0019 30  ARG A C   
155 O O   . ARG A 30  ? 0.1345 0.1315 0.0973 -0.0050 0.0093  -0.0115 30  ARG A O   
156 C CB  . ARG A 30  ? 0.1091 0.0951 0.1028 -0.0037 0.0002  0.0004  30  ARG A CB  
157 C CG  . ARG A 30  ? 0.1107 0.0951 0.1035 -0.0006 -0.0016 -0.0030 30  ARG A CG  
158 C CD  . ARG A 30  ? 0.1019 0.1014 0.0990 0.0031  0.0025  0.0006  30  ARG A CD  
159 N NE  . ARG A 30  ? 0.1059 0.0985 0.1038 0.0035  0.0081  -0.0042 30  ARG A NE  
160 C CZ  . ARG A 30  ? 0.1014 0.1084 0.1015 -0.0007 -0.0030 -0.0030 30  ARG A CZ  
161 N NH1 . ARG A 30  ? 0.0996 0.1090 0.1090 0.0061  0.0042  -0.0084 30  ARG A NH1 
162 N NH2 . ARG A 30  ? 0.1074 0.1114 0.1277 0.0042  0.0020  0.0023  30  ARG A NH2 
163 N N   . LYS A 31  ? 0.1187 0.1138 0.1144 0.0057  0.0015  0.0044  31  LYS A N   
164 C CA  . LYS A 31  ? 0.1249 0.1236 0.1123 -0.0043 -0.0028 0.0007  31  LYS A CA  
165 C C   . LYS A 31  ? 0.1240 0.1190 0.1118 -0.0056 -0.0043 0.0001  31  LYS A C   
166 O O   . LYS A 31  ? 0.1086 0.1588 0.0999 0.0082  -0.0034 0.0203  31  LYS A O   
167 C CB  . LYS A 31  ? 0.1473 0.1647 0.1495 0.0211  -0.0011 0.0075  31  LYS A CB  
168 C CG  . LYS A 31  ? 0.2157 0.2049 0.1546 0.0196  -0.0045 0.0233  31  LYS A CG  
169 C CD  . LYS A 31  ? 0.2223 0.2690 0.2573 0.0193  -0.0053 0.0191  31  LYS A CD  
170 C CE  . LYS A 31  ? 0.3360 0.3536 0.2529 0.0081  -0.0306 0.0232  31  LYS A CE  
171 N NZ  . LYS A 31  ? 0.3669 0.4306 0.3818 0.0396  0.0018  0.0115  31  LYS A NZ  
172 N N   . PHE A 32  ? 0.1083 0.1138 0.1081 0.0013  0.0117  -0.0109 32  PHE A N   
173 C CA  . PHE A 32  ? 0.1151 0.1053 0.1145 -0.0088 0.0032  -0.0008 32  PHE A CA  
174 C C   . PHE A 32  ? 0.1272 0.1082 0.1064 0.0003  0.0039  0.0085  32  PHE A C   
175 O O   . PHE A 32  ? 0.1265 0.1196 0.0945 0.0056  -0.0109 -0.0153 32  PHE A O   
176 C CB  . PHE A 32  ? 0.1315 0.1142 0.1112 -0.0049 0.0038  -0.0085 32  PHE A CB  
177 C CG  . PHE A 32  ? 0.1365 0.1257 0.1090 -0.0061 0.0083  -0.0130 32  PHE A CG  
178 C CD1 . PHE A 32  ? 0.1485 0.1370 0.1354 0.0019  0.0081  0.0043  32  PHE A CD1 
179 C CD2 . PHE A 32  ? 0.1393 0.1350 0.1214 0.0048  0.0094  -0.0224 32  PHE A CD2 
180 C CE1 . PHE A 32  ? 0.1581 0.1384 0.1444 -0.0090 0.0074  -0.0034 32  PHE A CE1 
181 C CE2 . PHE A 32  ? 0.1455 0.1540 0.1300 -0.0010 0.0128  -0.0221 32  PHE A CE2 
182 C CZ  . PHE A 32  ? 0.1497 0.1568 0.1466 -0.0105 0.0006  -0.0160 32  PHE A CZ  
183 N N   . VAL A 33  ? 0.1179 0.1032 0.1019 0.0044  0.0166  0.0078  33  VAL A N   
184 C CA  . VAL A 33  ? 0.1072 0.1070 0.1024 0.0035  0.0045  0.0079  33  VAL A CA  
185 C C   . VAL A 33  ? 0.1236 0.1090 0.1107 0.0030  0.0032  -0.0007 33  VAL A C   
186 O O   . VAL A 33  ? 0.1442 0.1262 0.1056 0.0142  0.0010  -0.0080 33  VAL A O   
187 C CB  . VAL A 33  ? 0.0980 0.1025 0.0998 -0.0009 0.0035  0.0061  33  VAL A CB  
188 C CG1 . VAL A 33  ? 0.1117 0.1016 0.1049 -0.0027 0.0022  0.0005  33  VAL A CG1 
189 C CG2 . VAL A 33  ? 0.1016 0.1055 0.1068 0.0009  -0.0022 0.0059  33  VAL A CG2 
190 N N   . GLN A 34  ? 0.1255 0.1170 0.1206 0.0044  0.0031  -0.0201 34  GLN A N   
191 C CA  . GLN A 34  ? 0.1592 0.1401 0.1268 -0.0020 -0.0095 -0.0258 34  GLN A CA  
192 C C   . GLN A 34  ? 0.1598 0.1650 0.1455 -0.0133 -0.0105 -0.0040 34  GLN A C   
193 O O   . GLN A 34  ? 0.2086 0.1783 0.1363 -0.0115 -0.0284 -0.0268 34  GLN A O   
194 C CB  . GLN A 34  ? 0.1656 0.1751 0.1626 -0.0030 -0.0022 -0.0182 34  GLN A CB  
195 C CG  . GLN A 34  ? 0.2331 0.1871 0.1866 -0.0200 -0.0237 -0.0203 34  GLN A CG  
196 C CD  . GLN A 34  ? 0.2328 0.3001 0.2406 0.0239  0.0368  -0.0117 34  GLN A CD  
197 O OE1 . GLN A 34  ? 0.4072 0.2881 0.3439 -0.0041 0.0442  0.0164  34  GLN A OE1 
198 N NE2 . GLN A 34  ? 0.2710 0.3280 0.2564 0.0683  0.0495  0.0078  34  GLN A NE2 
199 N N   . ILE A 35  ? 0.1863 0.1656 0.1572 -0.0133 -0.0131 0.0024  35  ILE A N   
200 C CA  . ILE A 35  ? 0.1876 0.2114 0.1687 -0.0089 0.0086  0.0139  35  ILE A CA  
201 C C   . ILE A 35  ? 0.1757 0.1512 0.1324 -0.0074 -0.0160 0.0116  35  ILE A C   
202 O O   . ILE A 35  ? 0.1927 0.1583 0.1479 0.0154  -0.0080 -0.0028 35  ILE A O   
203 C CB  . ILE A 35  ? 0.2654 0.2271 0.2142 0.0135  0.0113  0.0204  35  ILE A CB  
204 C CG1 . ILE A 35  ? 0.2644 0.2666 0.2355 0.0071  -0.0109 0.0101  35  ILE A CG1 
205 C CG2 . ILE A 35  ? 0.3141 0.2765 0.2413 0.0065  0.0312  0.0406  35  ILE A CG2 
206 C CD1 . ILE A 35  ? 0.3182 0.2911 0.2639 0.0354  -0.0008 0.0019  35  ILE A CD1 
207 N N   . HIS A 36  ? 0.1545 0.1339 0.1233 0.0022  -0.0026 0.0080  36  HIS A N   
208 C CA  . HIS A 36  ? 0.1477 0.1451 0.1160 -0.0057 -0.0094 0.0010  36  HIS A CA  
209 C C   . HIS A 36  ? 0.1483 0.1474 0.1284 -0.0040 -0.0002 0.0035  36  HIS A C   
210 O O   . HIS A 36  ? 0.1588 0.1722 0.1145 -0.0051 0.0060  0.0016  36  HIS A O   
211 C CB  . HIS A 36  ? 0.1480 0.1467 0.1208 -0.0091 -0.0113 0.0038  36  HIS A CB  
212 C CG  . HIS A 36  ? 0.1648 0.1449 0.1290 -0.0181 0.0010  0.0041  36  HIS A CG  
213 N ND1 . HIS A 36  ? 0.2063 0.1468 0.1525 -0.0057 -0.0003 -0.0026 36  HIS A ND1 
214 C CD2 . HIS A 36  ? 0.1786 0.1182 0.1218 -0.0194 -0.0010 0.0011  36  HIS A CD2 
215 C CE1 . HIS A 36  ? 0.1873 0.1439 0.1692 -0.0173 0.0211  -0.0144 36  HIS A CE1 
216 N NE2 . HIS A 36  ? 0.2036 0.0660 0.1390 -0.0566 0.0280  0.0409  36  HIS A NE2 
217 N N   . ALA A 37  ? 0.1367 0.1455 0.1183 -0.0008 0.0072  -0.0027 37  ALA A N   
218 C CA  . ALA A 37  ? 0.1353 0.1421 0.1193 -0.0002 0.0047  0.0051  37  ALA A CA  
219 C C   . ALA A 37  ? 0.1409 0.1385 0.1284 -0.0020 -0.0024 -0.0033 37  ALA A C   
220 O O   . ALA A 37  ? 0.1809 0.1575 0.1127 0.0157  -0.0015 -0.0129 37  ALA A O   
221 C CB  . ALA A 37  ? 0.1208 0.1161 0.1115 0.0016  -0.0058 0.0009  37  ALA A CB  
222 N N   . ILE A 38  ? 0.1606 0.1371 0.1291 0.0034  -0.0198 -0.0029 38  ILE A N   
223 C CA  . ILE A 38  ? 0.1651 0.1386 0.1254 0.0028  -0.0107 -0.0135 38  ILE A CA  
224 C C   . ILE A 38  ? 0.1669 0.1542 0.1149 0.0140  -0.0195 0.0002  38  ILE A C   
225 O O   . ILE A 38  ? 0.2230 0.1699 0.1165 0.0223  -0.0181 -0.0108 38  ILE A O   
226 C CB  . ILE A 38  ? 0.1663 0.1591 0.1287 0.0067  -0.0179 -0.0147 38  ILE A CB  
227 C CG1 . ILE A 38  ? 0.1717 0.1569 0.1685 -0.0105 -0.0042 -0.0291 38  ILE A CG1 
228 C CG2 . ILE A 38  ? 0.1727 0.1912 0.1222 0.0107  -0.0091 -0.0084 38  ILE A CG2 
229 C CD1 . ILE A 38  ? 0.1871 0.2008 0.2031 0.0066  -0.0042 -0.0168 38  ILE A CD1 
230 N N   . ARG A 39  ? 0.1790 0.1589 0.1389 0.0046  -0.0135 0.0031  39  ARG A N   
231 C CA  . ARG A 39  ? 0.2159 0.1933 0.1653 -0.0176 -0.0034 0.0191  39  ARG A CA  
232 C C   . ARG A 39  ? 0.2332 0.1951 0.1698 0.0021  0.0006  0.0106  39  ARG A C   
233 O O   . ARG A 39  ? 0.3364 0.2415 0.1714 0.0085  0.0305  -0.0073 39  ARG A O   
234 C CB  . ARG A 39  ? 0.2455 0.2052 0.2061 -0.0130 -0.0107 -0.0145 39  ARG A CB  
235 C CG  . ARG A 39  ? 0.2467 0.2312 0.2389 -0.0080 -0.0104 0.0050  39  ARG A CG  
236 C CD  . ARG A 39  ? 0.2944 0.2416 0.2460 -0.0126 -0.0074 -0.0127 39  ARG A CD  
237 N NE  . ARG A 39  ? 0.2998 0.2477 0.2187 -0.0152 -0.0100 0.0270  39  ARG A NE  
238 C CZ  . ARG A 39  ? 0.3555 0.2694 0.2993 -0.0053 -0.0034 -0.0100 39  ARG A CZ  
239 N NH1 . ARG A 39  ? 0.3714 0.3061 0.3595 -0.0078 -0.0459 -0.0017 39  ARG A NH1 
240 N NH2 . ARG A 39  ? 0.3605 0.3592 0.3659 0.0174  -0.0356 0.0155  39  ARG A NH2 
241 N N   . LEU A 40  ? 0.1803 0.1824 0.1536 -0.0035 -0.0017 -0.0063 40  LEU A N   
242 C CA  . LEU A 40  ? 0.1781 0.1649 0.1280 -0.0063 0.0018  0.0032  40  LEU A CA  
243 C C   . LEU A 40  ? 0.1724 0.1639 0.1102 0.0006  0.0149  0.0028  40  LEU A C   
244 O O   . LEU A 40  ? 0.2000 0.1604 0.1237 0.0131  0.0160  -0.0086 40  LEU A O   
245 C CB  . LEU A 40  ? 0.1485 0.1571 0.1342 -0.0017 0.0023  0.0007  40  LEU A CB  
246 C CG  . LEU A 40  ? 0.1256 0.1563 0.1373 0.0080  0.0028  -0.0042 40  LEU A CG  
247 C CD1 . LEU A 40  ? 0.1223 0.1386 0.1375 0.0120  0.0054  -0.0058 40  LEU A CD1 
248 C CD2 . LEU A 40  ? 0.1437 0.1525 0.1446 0.0004  0.0181  -0.0069 40  LEU A CD2 
249 N N   . GLY A 41  ? 0.1755 0.1662 0.1391 -0.0005 0.0139  -0.0076 41  GLY A N   
250 C CA  . GLY A 41  ? 0.1702 0.1642 0.1369 -0.0044 0.0160  -0.0054 41  GLY A CA  
251 C C   . GLY A 41  ? 0.1688 0.1493 0.1304 0.0111  0.0076  -0.0123 41  GLY A C   
252 O O   . GLY A 41  ? 0.1995 0.1571 0.1544 0.0097  0.0231  -0.0244 41  GLY A O   
253 N N   . ILE A 42  ? 0.1624 0.1364 0.1257 0.0010  0.0050  -0.0080 42  ILE A N   
254 C CA  . ILE A 42  ? 0.1435 0.1220 0.1256 0.0015  0.0012  -0.0138 42  ILE A CA  
255 C C   . ILE A 42  ? 0.1479 0.1331 0.1209 0.0004  0.0096  -0.0161 42  ILE A C   
256 O O   . ILE A 42  ? 0.1531 0.1622 0.1653 0.0027  -0.0134 -0.0002 42  ILE A O   
257 C CB  . ILE A 42  ? 0.1417 0.1224 0.1203 -0.0032 -0.0035 -0.0062 42  ILE A CB  
258 C CG1 . ILE A 42  ? 0.1431 0.1447 0.1433 0.0005  -0.0008 -0.0063 42  ILE A CG1 
259 C CG2 . ILE A 42  ? 0.1334 0.1259 0.1238 0.0026  -0.0044 0.0008  42  ILE A CG2 
260 C CD1 . ILE A 42  ? 0.1625 0.1513 0.1418 -0.0007 0.0037  -0.0155 42  ILE A CD1 
261 N N   . LYS A 43  ? 0.1319 0.1341 0.1339 0.0068  0.0083  -0.0100 43  LYS A N   
262 C CA  . LYS A 43  ? 0.1461 0.1497 0.1498 -0.0067 0.0111  -0.0136 43  LYS A CA  
263 C C   . LYS A 43  ? 0.1272 0.1251 0.1515 0.0058  0.0116  -0.0110 43  LYS A C   
264 O O   . LYS A 43  ? 0.1444 0.1547 0.1490 0.0109  -0.0009 0.0004  43  LYS A O   
265 C CB  . LYS A 43  ? 0.1753 0.1535 0.1963 -0.0087 0.0117  -0.0286 43  LYS A CB  
266 C CG  . LYS A 43  ? 0.2429 0.2362 0.2105 -0.0361 0.0106  0.0032  43  LYS A CG  
267 C CD  . LYS A 43  ? 0.2892 0.2783 0.3141 -0.0024 -0.0040 0.0034  43  LYS A CD  
268 C CE  . LYS A 43  ? 0.4231 0.4130 0.3239 -0.0258 -0.0083 -0.0136 43  LYS A CE  
269 N NZ  . LYS A 43  ? 0.5106 0.4602 0.4293 0.0142  -0.0607 0.0374  43  LYS A NZ  
270 N N   . GLY A 44  ? 0.1334 0.1423 0.1363 -0.0162 0.0081  -0.0125 44  GLY A N   
271 C CA  . GLY A 44  ? 0.1326 0.1288 0.1423 -0.0146 0.0126  0.0003  44  GLY A CA  
272 C C   . GLY A 44  ? 0.1356 0.1180 0.1275 -0.0082 -0.0020 -0.0036 44  GLY A C   
273 O O   . GLY A 44  ? 0.1259 0.1456 0.1339 -0.0057 0.0036  -0.0483 44  GLY A O   
274 N N   . TYR A 45  ? 0.1242 0.1366 0.1181 0.0009  0.0091  -0.0058 45  TYR A N   
275 C CA  . TYR A 45  ? 0.1197 0.1118 0.1227 -0.0082 0.0068  -0.0051 45  TYR A CA  
276 C C   . TYR A 45  ? 0.1094 0.1079 0.1047 0.0020  0.0088  0.0006  45  TYR A C   
277 O O   . TYR A 45  ? 0.1067 0.1212 0.1238 -0.0029 0.0087  -0.0007 45  TYR A O   
278 C CB  . TYR A 45  ? 0.1354 0.1055 0.1181 -0.0145 0.0128  -0.0141 45  TYR A CB  
279 C CG  . TYR A 45  ? 0.1397 0.1160 0.1384 -0.0082 0.0164  -0.0002 45  TYR A CG  
280 C CD1 . TYR A 45  ? 0.1290 0.1324 0.1464 -0.0046 0.0015  -0.0075 45  TYR A CD1 
281 C CD2 . TYR A 45  ? 0.1626 0.1308 0.1657 0.0051  0.0154  -0.0103 45  TYR A CD2 
282 C CE1 . TYR A 45  ? 0.1777 0.1483 0.1519 -0.0017 0.0070  0.0086  45  TYR A CE1 
283 C CE2 . TYR A 45  ? 0.1805 0.1399 0.1784 0.0003  0.0156  0.0026  45  TYR A CE2 
284 C CZ  . TYR A 45  ? 0.1683 0.1575 0.1807 0.0046  0.0180  -0.0050 45  TYR A CZ  
285 O OH  . TYR A 45  ? 0.1895 0.2259 0.2356 0.0181  0.0373  0.0504  45  TYR A OH  
286 N N   . ALA A 46  ? 0.1065 0.1096 0.1071 0.0021  0.0028  -0.0048 46  ALA A N   
287 C CA  . ALA A 46  ? 0.0982 0.1127 0.0977 0.0039  0.0017  -0.0016 46  ALA A CA  
288 C C   . ALA A 46  ? 0.1018 0.1074 0.0978 0.0005  0.0038  -0.0047 46  ALA A C   
289 O O   . ALA A 46  ? 0.1150 0.1123 0.1175 -0.0003 -0.0152 -0.0109 46  ALA A O   
290 C CB  . ALA A 46  ? 0.1203 0.1109 0.1211 -0.0034 0.0072  -0.0062 46  ALA A CB  
291 N N   . LYS A 47  ? 0.0990 0.1161 0.0972 0.0076  0.0068  -0.0035 47  LYS A N   
292 C CA  . LYS A 47  ? 0.0970 0.1134 0.1044 -0.0011 0.0042  -0.0003 47  LYS A CA  
293 C C   . LYS A 47  ? 0.0906 0.1078 0.0995 0.0032  0.0069  0.0040  47  LYS A C   
294 O O   . LYS A 47  ? 0.0993 0.1220 0.1040 0.0041  0.0057  -0.0194 47  LYS A O   
295 C CB  . LYS A 47  ? 0.1221 0.1137 0.1231 0.0065  -0.0014 -0.0040 47  LYS A CB  
296 C CG  . LYS A 47  ? 0.1280 0.1398 0.1361 0.0015  0.0068  -0.0037 47  LYS A CG  
297 C CD  . LYS A 47  ? 0.1665 0.1431 0.1858 0.0057  0.0043  0.0028  47  LYS A CD  
298 C CE  . LYS A 47  ? 0.2084 0.1737 0.1988 -0.0159 0.0076  0.0167  47  LYS A CE  
299 N NZ  . LYS A 47  ? 0.2131 0.1935 0.2317 0.0037  -0.0041 0.0017  47  LYS A NZ  
300 N N   . ASN A 48  ? 0.0853 0.0958 0.0892 -0.0023 0.0041  0.0037  48  ASN A N   
301 C CA  . ASN A 48  ? 0.1027 0.1053 0.0978 -0.0029 0.0018  -0.0037 48  ASN A CA  
302 C C   . ASN A 48  ? 0.1058 0.1148 0.1003 -0.0021 0.0070  0.0011  48  ASN A C   
303 O O   . ASN A 48  ? 0.1308 0.1244 0.0942 -0.0173 0.0158  0.0085  48  ASN A O   
304 C CB  . ASN A 48  ? 0.1053 0.1081 0.1028 -0.0014 -0.0008 0.0016  48  ASN A CB  
305 C CG  . ASN A 48  ? 0.1145 0.1070 0.1039 0.0006  0.0018  0.0020  48  ASN A CG  
306 O OD1 . ASN A 48  ? 0.1132 0.1357 0.0862 0.0000  -0.0020 -0.0064 48  ASN A OD1 
307 N ND2 . ASN A 48  ? 0.1130 0.1214 0.1175 0.0061  0.0019  0.0069  48  ASN A ND2 
308 N N   . LEU A 49  ? 0.1085 0.1249 0.1050 -0.0045 0.0037  0.0004  49  LEU A N   
309 C CA  . LEU A 49  ? 0.1230 0.1190 0.1093 0.0013  0.0050  0.0015  49  LEU A CA  
310 C C   . LEU A 49  ? 0.1204 0.1216 0.1174 0.0023  0.0116  0.0026  49  LEU A C   
311 O O   . LEU A 49  ? 0.1375 0.1254 0.0896 -0.0034 0.0210  0.0162  49  LEU A O   
312 C CB  . LEU A 49  ? 0.1248 0.1440 0.1340 -0.0035 -0.0034 0.0122  49  LEU A CB  
313 C CG  . LEU A 49  ? 0.1539 0.1729 0.1675 0.0194  -0.0002 -0.0025 49  LEU A CG  
314 C CD1 . LEU A 49  ? 0.1635 0.1932 0.1927 0.0193  -0.0153 0.0011  49  LEU A CD1 
315 C CD2 . LEU A 49  ? 0.1788 0.1972 0.1971 0.0042  -0.0069 -0.0130 49  LEU A CD2 
316 N N   . PRO A 50  ? 0.1264 0.1271 0.1070 0.0071  0.0036  0.0085  50  PRO A N   
317 C CA  . PRO A 50  ? 0.1226 0.1362 0.1222 0.0079  0.0078  0.0053  50  PRO A CA  
318 C C   . PRO A 50  ? 0.1253 0.1227 0.1047 0.0063  0.0196  0.0120  50  PRO A C   
319 O O   . PRO A 50  ? 0.1212 0.1382 0.1105 0.0148  0.0392  0.0119  50  PRO A O   
320 C CB  . PRO A 50  ? 0.1353 0.1514 0.1373 -0.0012 0.0203  0.0131  50  PRO A CB  
321 C CG  . PRO A 50  ? 0.1657 0.1582 0.1591 -0.0130 0.0207  0.0060  50  PRO A CG  
322 C CD  . PRO A 50  ? 0.1458 0.1266 0.1512 0.0008  0.0129  -0.0110 50  PRO A CD  
323 N N   . ASP A 51  ? 0.1228 0.1295 0.1136 0.0017  0.0192  0.0056  51  ASP A N   
324 C CA  . ASP A 51  ? 0.1354 0.1390 0.1184 -0.0036 0.0106  0.0046  51  ASP A CA  
325 C C   . ASP A 51  ? 0.1199 0.1349 0.1075 0.0041  0.0059  0.0031  51  ASP A C   
326 O O   . ASP A 51  ? 0.1497 0.1484 0.1024 -0.0164 0.0073  0.0079  51  ASP A O   
327 C CB  . ASP A 51  ? 0.1487 0.1476 0.1365 0.0040  -0.0010 0.0083  51  ASP A CB  
328 C CG  . ASP A 51  ? 0.1464 0.1825 0.1422 -0.0012 0.0017  0.0067  51  ASP A CG  
329 O OD1 . ASP A 51  ? 0.1337 0.1624 0.1406 0.0064  0.0079  0.0225  51  ASP A OD1 
330 O OD2 . ASP A 51  ? 0.1659 0.2778 0.1756 0.0221  -0.0145 0.0118  51  ASP A OD2 
331 N N   . GLY A 52  ? 0.1107 0.1097 0.1049 -0.0010 0.0081  -0.0018 52  GLY A N   
332 C CA  . GLY A 52  ? 0.1028 0.1082 0.1025 0.0018  0.0053  -0.0005 52  GLY A CA  
333 C C   . GLY A 52  ? 0.1032 0.1085 0.0929 -0.0017 0.0018  -0.0006 52  GLY A C   
334 O O   . GLY A 52  ? 0.1212 0.1043 0.1244 0.0048  0.0279  0.0070  52  GLY A O   
335 N N   . SER A 53  ? 0.1175 0.1190 0.1036 0.0076  0.0056  -0.0018 53  SER A N   
336 C CA  . SER A 53  ? 0.1104 0.1198 0.1008 0.0002  0.0035  0.0011  53  SER A CA  
337 C C   . SER A 53  ? 0.1049 0.1140 0.1077 -0.0087 0.0028  0.0001  53  SER A C   
338 O O   . SER A 53  ? 0.0980 0.1220 0.0986 0.0011  -0.0076 0.0148  53  SER A O   
339 C CB  . SER A 53  ? 0.1052 0.1186 0.1147 0.0039  0.0032  -0.0034 53  SER A CB  
340 O OG  . SER A 53  ? 0.1178 0.1221 0.1271 0.0031  0.0054  0.0059  53  SER A OG  
341 N N   . VAL A 54  ? 0.1065 0.1174 0.1082 -0.0095 0.0048  -0.0051 54  VAL A N   
342 C CA  . VAL A 54  ? 0.0988 0.1098 0.1023 -0.0027 -0.0002 0.0032  54  VAL A CA  
343 C C   . VAL A 54  ? 0.1029 0.1207 0.1119 0.0014  0.0063  0.0011  54  VAL A C   
344 O O   . VAL A 54  ? 0.1092 0.1221 0.1522 -0.0070 -0.0048 -0.0085 54  VAL A O   
345 C CB  . VAL A 54  ? 0.1069 0.1122 0.1046 -0.0053 0.0031  0.0062  54  VAL A CB  
346 C CG1 . VAL A 54  ? 0.1188 0.1165 0.1162 -0.0008 -0.0050 -0.0040 54  VAL A CG1 
347 C CG2 . VAL A 54  ? 0.1092 0.1230 0.1070 -0.0011 0.0052  0.0071  54  VAL A CG2 
348 N N   . GLU A 55  ? 0.0987 0.1200 0.1231 -0.0013 0.0064  0.0028  55  GLU A N   
349 C CA  . GLU A 55  ? 0.1177 0.1427 0.1322 0.0113  0.0022  -0.0138 55  GLU A CA  
350 C C   . GLU A 55  ? 0.1117 0.1446 0.1322 0.0062  0.0063  -0.0157 55  GLU A C   
351 O O   . GLU A 55  ? 0.1117 0.1865 0.1339 0.0044  0.0066  -0.0353 55  GLU A O   
352 C CB  . GLU A 55  ? 0.1724 0.1606 0.2124 0.0042  0.0161  0.0112  55  GLU A CB  
353 C CG  . GLU A 55  ? 0.2334 0.2135 0.2332 0.0076  0.0001  0.0155  55  GLU A CG  
354 C CD  . GLU A 55  ? 0.2722 0.2309 0.2762 -0.0203 0.0349  0.0424  55  GLU A CD  
355 O OE1 . GLU A 55  ? 0.3110 0.2248 0.2945 0.0097  -0.0114 0.0312  55  GLU A OE1 
356 O OE2 . GLU A 55  ? 0.2984 0.2500 0.3612 0.0110  0.0168  0.0502  55  GLU A OE2 
357 N N   . VAL A 56  ? 0.1187 0.1397 0.1153 -0.0032 0.0077  -0.0089 56  VAL A N   
358 C CA  . VAL A 56  ? 0.1126 0.1267 0.1131 0.0027  -0.0048 -0.0105 56  VAL A CA  
359 C C   . VAL A 56  ? 0.1222 0.1272 0.1168 0.0034  0.0077  -0.0075 56  VAL A C   
360 O O   . VAL A 56  ? 0.1277 0.1401 0.1418 0.0227  -0.0004 -0.0382 56  VAL A O   
361 C CB  . VAL A 56  ? 0.1376 0.1379 0.1243 -0.0077 -0.0025 -0.0046 56  VAL A CB  
362 C CG1 . VAL A 56  ? 0.1600 0.1536 0.1248 -0.0076 -0.0030 -0.0046 56  VAL A CG1 
363 C CG2 . VAL A 56  ? 0.1344 0.1394 0.1280 -0.0024 -0.0024 0.0047  56  VAL A CG2 
364 N N   . VAL A 57  ? 0.1226 0.1250 0.1310 -0.0050 0.0128  -0.0123 57  VAL A N   
365 C CA  . VAL A 57  ? 0.1248 0.1283 0.1336 0.0051  0.0086  -0.0036 57  VAL A CA  
366 C C   . VAL A 57  ? 0.1074 0.1201 0.1312 0.0063  0.0042  -0.0072 57  VAL A C   
367 O O   . VAL A 57  ? 0.1233 0.1308 0.1343 0.0280  -0.0080 -0.0199 57  VAL A O   
368 C CB  . VAL A 57  ? 0.1342 0.1359 0.1487 -0.0043 0.0067  0.0017  57  VAL A CB  
369 C CG1 . VAL A 57  ? 0.1654 0.1349 0.1692 -0.0038 0.0077  -0.0068 57  VAL A CG1 
370 C CG2 . VAL A 57  ? 0.1581 0.1403 0.1561 -0.0105 0.0052  0.0099  57  VAL A CG2 
371 N N   . ALA A 58  ? 0.1071 0.1115 0.1180 0.0086  0.0038  0.0054  58  ALA A N   
372 C CA  . ALA A 58  ? 0.1102 0.1155 0.1175 0.0067  0.0108  -0.0019 58  ALA A CA  
373 C C   . ALA A 58  ? 0.1170 0.1113 0.1191 0.0035  0.0158  -0.0037 58  ALA A C   
374 O O   . ALA A 58  ? 0.1289 0.1442 0.1506 0.0226  0.0060  -0.0187 58  ALA A O   
375 C CB  . ALA A 58  ? 0.1120 0.1178 0.1147 0.0044  0.0020  -0.0053 58  ALA A CB  
376 N N   . GLU A 59  ? 0.1164 0.1195 0.1205 0.0008  0.0182  -0.0073 59  GLU A N   
377 C CA  . GLU A 59  ? 0.1169 0.1151 0.1272 0.0083  0.0088  -0.0074 59  GLU A CA  
378 C C   . GLU A 59  ? 0.1262 0.1004 0.1252 0.0060  0.0095  -0.0135 59  GLU A C   
379 O O   . GLU A 59  ? 0.1312 0.1012 0.1138 0.0030  0.0144  -0.0047 59  GLU A O   
380 C CB  . GLU A 59  ? 0.1236 0.1234 0.1177 -0.0013 0.0105  -0.0119 59  GLU A CB  
381 C CG  . GLU A 59  ? 0.1531 0.1368 0.1459 0.0011  0.0145  0.0098  59  GLU A CG  
382 C CD  . GLU A 59  ? 0.1573 0.1434 0.1629 -0.0043 0.0312  -0.0039 59  GLU A CD  
383 O OE1 . GLU A 59  ? 0.2039 0.1607 0.1784 -0.0251 0.0306  -0.0260 59  GLU A OE1 
384 O OE2 . GLU A 59  ? 0.1879 0.1420 0.2131 0.0103  0.0323  0.0193  59  GLU A OE2 
385 N N   . GLY A 60  ? 0.1192 0.1128 0.1250 -0.0031 0.0021  -0.0011 60  GLY A N   
386 C CA  . GLY A 60  ? 0.1486 0.1036 0.1280 -0.0052 0.0156  -0.0065 60  GLY A CA  
387 C C   . GLY A 60  ? 0.1472 0.1017 0.1322 -0.0027 0.0100  -0.0128 60  GLY A C   
388 O O   . GLY A 60  ? 0.1390 0.1086 0.1272 0.0006  0.0232  -0.0140 60  GLY A O   
389 N N   . TYR A 61  ? 0.1516 0.1404 0.1288 -0.0072 0.0168  -0.0061 61  TYR A N   
390 C CA  . TYR A 61  ? 0.1503 0.1402 0.1467 -0.0073 0.0127  -0.0018 61  TYR A CA  
391 C C   . TYR A 61  ? 0.1538 0.1330 0.1333 -0.0197 0.0230  0.0056  61  TYR A C   
392 O O   . TYR A 61  ? 0.1697 0.1498 0.1338 -0.0279 0.0478  -0.0038 61  TYR A O   
393 C CB  . TYR A 61  ? 0.1512 0.1337 0.1432 -0.0082 0.0115  -0.0034 61  TYR A CB  
394 C CG  . TYR A 61  ? 0.1491 0.1422 0.1373 -0.0132 0.0090  0.0003  61  TYR A CG  
395 C CD1 . TYR A 61  ? 0.1467 0.1538 0.1309 -0.0244 0.0201  0.0030  61  TYR A CD1 
396 C CD2 . TYR A 61  ? 0.1699 0.1673 0.1677 0.0011  0.0108  -0.0215 61  TYR A CD2 
397 C CE1 . TYR A 61  ? 0.1658 0.1635 0.1369 -0.0205 0.0102  -0.0022 61  TYR A CE1 
398 C CE2 . TYR A 61  ? 0.1833 0.1755 0.1662 0.0051  0.0133  -0.0259 61  TYR A CE2 
399 C CZ  . TYR A 61  ? 0.1858 0.1475 0.1580 -0.0103 0.0121  -0.0102 61  TYR A CZ  
400 O OH  . TYR A 61  ? 0.1956 0.1755 0.1753 -0.0166 0.0211  -0.0357 61  TYR A OH  
401 N N   . GLU A 62  ? 0.1573 0.1660 0.1513 -0.0044 0.0327  -0.0026 62  GLU A N   
402 C CA  . GLU A 62  ? 0.1854 0.1880 0.1885 -0.0083 0.0097  -0.0229 62  GLU A CA  
403 C C   . GLU A 62  ? 0.1800 0.1827 0.1565 -0.0038 0.0102  -0.0144 62  GLU A C   
404 O O   . GLU A 62  ? 0.1443 0.1625 0.1582 -0.0127 0.0223  -0.0131 62  GLU A O   
405 C CB  . GLU A 62  ? 0.2050 0.2374 0.2674 0.0137  -0.0074 -0.0125 62  GLU A CB  
406 C CG  . GLU A 62  ? 0.2874 0.3373 0.2767 0.0174  -0.0237 -0.0089 62  GLU A CG  
407 C CD  . GLU A 62  ? 0.3373 0.3522 0.3625 0.0033  -0.0209 -0.0149 62  GLU A CD  
408 O OE1 . GLU A 62  ? 0.2988 0.4028 0.3395 0.0410  -0.0177 -0.0121 62  GLU A OE1 
409 O OE2 . GLU A 62  ? 0.3318 0.5512 0.3720 0.0859  -0.0278 -0.0846 62  GLU A OE2 
410 N N   . GLU A 63  ? 0.1425 0.1690 0.1549 0.0041  0.0241  -0.0290 63  GLU A N   
411 C CA  . GLU A 63  ? 0.1588 0.1748 0.1605 -0.0010 0.0162  -0.0141 63  GLU A CA  
412 C C   . GLU A 63  ? 0.1489 0.1533 0.1669 -0.0156 0.0119  -0.0122 63  GLU A C   
413 O O   . GLU A 63  ? 0.1632 0.1648 0.1651 -0.0385 0.0423  -0.0268 63  GLU A O   
414 C CB  . GLU A 63  ? 0.1854 0.1992 0.1582 -0.0075 0.0124  -0.0064 63  GLU A CB  
415 C CG  . GLU A 63  ? 0.2174 0.2061 0.2094 0.0004  0.0166  0.0085  63  GLU A CG  
416 C CD  . GLU A 63  ? 0.2646 0.2329 0.2135 -0.0112 0.0001  -0.0001 63  GLU A CD  
417 O OE1 . GLU A 63  ? 0.1855 0.2495 0.2528 0.0078  0.0126  -0.0128 63  GLU A OE1 
418 O OE2 . GLU A 63  ? 0.3780 0.2402 0.2247 -0.0251 -0.0170 0.0101  63  GLU A OE2 
419 N N   . ALA A 64  ? 0.1408 0.1336 0.1379 -0.0046 0.0151  -0.0139 64  ALA A N   
420 C CA  . ALA A 64  ? 0.1395 0.1167 0.1225 -0.0041 0.0038  -0.0008 64  ALA A CA  
421 C C   . ALA A 64  ? 0.1418 0.1266 0.1257 0.0025  0.0128  -0.0054 64  ALA A C   
422 O O   . ALA A 64  ? 0.1362 0.1188 0.1227 -0.0051 0.0265  0.0010  64  ALA A O   
423 C CB  . ALA A 64  ? 0.1255 0.1261 0.1117 -0.0007 0.0053  0.0035  64  ALA A CB  
424 N N   . LEU A 65  ? 0.1448 0.1250 0.1232 0.0012  0.0174  -0.0100 65  LEU A N   
425 C CA  . LEU A 65  ? 0.1264 0.1305 0.1198 -0.0038 0.0124  -0.0060 65  LEU A CA  
426 C C   . LEU A 65  ? 0.1415 0.1369 0.1272 -0.0093 0.0160  -0.0167 65  LEU A C   
427 O O   . LEU A 65  ? 0.1588 0.1519 0.1171 -0.0235 0.0251  -0.0193 65  LEU A O   
428 C CB  . LEU A 65  ? 0.1359 0.1376 0.1282 -0.0060 0.0093  0.0047  65  LEU A CB  
429 C CG  . LEU A 65  ? 0.1427 0.1332 0.1393 -0.0030 0.0077  0.0004  65  LEU A CG  
430 C CD1 . LEU A 65  ? 0.1579 0.1449 0.1625 0.0036  0.0019  0.0099  65  LEU A CD1 
431 C CD2 . LEU A 65  ? 0.1413 0.1141 0.1331 -0.0100 0.0096  0.0048  65  LEU A CD2 
432 N N   . SER A 66  ? 0.1420 0.1630 0.1555 -0.0158 0.0090  -0.0168 66  SER A N   
433 C CA  . SER A 66  ? 0.1685 0.1531 0.1631 -0.0106 0.0089  -0.0278 66  SER A CA  
434 C C   . SER A 66  ? 0.1483 0.1611 0.1373 -0.0117 0.0092  -0.0150 66  SER A C   
435 O O   . SER A 66  ? 0.1576 0.1471 0.1346 -0.0382 0.0409  -0.0092 66  SER A O   
436 C CB  . SER A 66  ? 0.1758 0.2088 0.2122 -0.0107 0.0275  -0.0255 66  SER A CB  
437 O OG  . SER A 66  ? 0.2455 0.2215 0.3138 -0.0206 0.0204  -0.0645 66  SER A OG  
438 N N   . LYS A 67  ? 0.1307 0.1574 0.1355 -0.0178 0.0148  -0.0077 67  LYS A N   
439 C CA  . LYS A 67  ? 0.1451 0.1492 0.1528 -0.0147 0.0130  -0.0113 67  LYS A CA  
440 C C   . LYS A 67  ? 0.1362 0.1144 0.1355 -0.0103 0.0026  -0.0019 67  LYS A C   
441 O O   . LYS A 67  ? 0.1576 0.1098 0.1391 -0.0252 0.0101  -0.0094 67  LYS A O   
442 C CB  . LYS A 67  ? 0.1679 0.1578 0.1595 -0.0043 -0.0003 -0.0037 67  LYS A CB  
443 C CG  . LYS A 67  ? 0.1950 0.2206 0.1879 -0.0024 0.0256  0.0002  67  LYS A CG  
444 C CD  . LYS A 67  ? 0.2654 0.2382 0.2462 -0.0234 0.0091  -0.0099 67  LYS A CD  
445 C CE  . LYS A 67  ? 0.2930 0.3382 0.3343 -0.0185 0.0545  -0.0007 67  LYS A CE  
446 N NZ  . LYS A 67  ? 0.3855 0.3421 0.4427 -0.0277 0.0320  -0.0104 67  LYS A NZ  
447 N N   . LEU A 68  ? 0.1232 0.1124 0.1186 -0.0060 0.0177  -0.0091 68  LEU A N   
448 C CA  . LEU A 68  ? 0.1165 0.1139 0.1164 -0.0024 0.0111  -0.0098 68  LEU A CA  
449 C C   . LEU A 68  ? 0.1132 0.1112 0.1131 -0.0089 0.0075  0.0025  68  LEU A C   
450 O O   . LEU A 68  ? 0.1224 0.1049 0.1131 -0.0136 0.0121  0.0000  68  LEU A O   
451 C CB  . LEU A 68  ? 0.1113 0.1131 0.1077 -0.0011 0.0078  -0.0129 68  LEU A CB  
452 C CG  . LEU A 68  ? 0.1088 0.1256 0.1187 -0.0045 0.0060  -0.0115 68  LEU A CG  
453 C CD1 . LEU A 68  ? 0.1332 0.1268 0.1265 -0.0048 0.0057  0.0037  68  LEU A CD1 
454 C CD2 . LEU A 68  ? 0.1189 0.1165 0.1197 0.0029  0.0086  -0.0032 68  LEU A CD2 
455 N N   . LEU A 69  ? 0.1090 0.1116 0.1088 -0.0113 0.0113  -0.0015 69  LEU A N   
456 C CA  . LEU A 69  ? 0.1175 0.1219 0.1099 -0.0058 0.0062  -0.0037 69  LEU A CA  
457 C C   . LEU A 69  ? 0.1250 0.1220 0.1139 0.0013  0.0025  -0.0081 69  LEU A C   
458 O O   . LEU A 69  ? 0.1223 0.1495 0.1049 0.0027  0.0014  -0.0126 69  LEU A O   
459 C CB  . LEU A 69  ? 0.1204 0.1298 0.1220 0.0031  0.0102  -0.0153 69  LEU A CB  
460 C CG  . LEU A 69  ? 0.1429 0.1506 0.1342 0.0020  -0.0094 -0.0057 69  LEU A CG  
461 C CD1 . LEU A 69  ? 0.1559 0.1595 0.1372 0.0052  -0.0016 -0.0097 69  LEU A CD1 
462 C CD2 . LEU A 69  ? 0.1546 0.1820 0.1672 0.0210  -0.0070 -0.0050 69  LEU A CD2 
463 N N   . GLU A 70  ? 0.1258 0.1238 0.1255 -0.0089 0.0073  -0.0083 70  GLU A N   
464 C CA  . GLU A 70  ? 0.1431 0.1230 0.1335 -0.0081 -0.0001 0.0004  70  GLU A CA  
465 C C   . GLU A 70  ? 0.1496 0.1136 0.1081 -0.0044 0.0033  0.0063  70  GLU A C   
466 O O   . GLU A 70  ? 0.1813 0.1275 0.1154 -0.0094 0.0104  -0.0055 70  GLU A O   
467 C CB  . GLU A 70  ? 0.1926 0.1671 0.1580 -0.0285 0.0197  0.0094  70  GLU A CB  
468 C CG  . GLU A 70  ? 0.2043 0.2309 0.2357 -0.0061 0.0067  0.0106  70  GLU A CG  
469 C CD  . GLU A 70  ? 0.2973 0.3154 0.2968 -0.0404 0.0395  0.0595  70  GLU A CD  
470 O OE1 . GLU A 70  ? 0.3210 0.2875 0.3668 -0.0295 0.0811  0.0999  70  GLU A OE1 
471 O OE2 . GLU A 70  ? 0.3099 0.5088 0.4201 -0.0503 0.0708  0.0637  70  GLU A OE2 
472 N N   . ARG A 71  ? 0.1456 0.0961 0.1130 -0.0079 0.0124  -0.0023 71  ARG A N   
473 C CA  . ARG A 71  ? 0.1437 0.1367 0.1392 -0.0047 -0.0003 0.0017  71  ARG A CA  
474 C C   . ARG A 71  ? 0.1484 0.1172 0.1293 0.0093  -0.0004 -0.0046 71  ARG A C   
475 O O   . ARG A 71  ? 0.1683 0.1041 0.0960 0.0018  0.0066  -0.0036 71  ARG A O   
476 C CB  . ARG A 71  ? 0.1561 0.1573 0.1492 -0.0016 -0.0096 -0.0020 71  ARG A CB  
477 C CG  . ARG A 71  ? 0.1691 0.1841 0.1626 0.0002  0.0025  0.0079  71  ARG A CG  
478 C CD  . ARG A 71  ? 0.2204 0.1870 0.2035 -0.0066 0.0029  0.0008  71  ARG A CD  
479 N NE  . ARG A 71  ? 0.2718 0.2446 0.2226 -0.0068 0.0217  0.0221  71  ARG A NE  
480 C CZ  . ARG A 71  ? 0.3307 0.2365 0.2766 0.0075  0.0037  0.0121  71  ARG A CZ  
481 N NH1 . ARG A 71  ? 0.3408 0.2098 0.2433 -0.0150 -0.0158 0.0187  71  ARG A NH1 
482 N NH2 . ARG A 71  ? 0.3989 0.2868 0.2919 -0.0111 0.0356  0.0178  71  ARG A NH2 
483 N N   . ILE A 72  ? 0.1411 0.1077 0.1081 -0.0013 0.0044  -0.0120 72  ILE A N   
484 C CA  . ILE A 72  ? 0.1176 0.1244 0.1137 0.0031  0.0034  -0.0069 72  ILE A CA  
485 C C   . ILE A 72  ? 0.1133 0.1109 0.1093 0.0050  0.0101  -0.0037 72  ILE A C   
486 O O   . ILE A 72  ? 0.1153 0.1294 0.1009 0.0035  0.0098  -0.0080 72  ILE A O   
487 C CB  . ILE A 72  ? 0.1211 0.1270 0.1163 -0.0021 -0.0003 0.0045  72  ILE A CB  
488 C CG1 . ILE A 72  ? 0.1286 0.1347 0.1222 0.0016  -0.0047 -0.0020 72  ILE A CG1 
489 C CG2 . ILE A 72  ? 0.1149 0.1226 0.1141 0.0056  0.0046  -0.0025 72  ILE A CG2 
490 C CD1 . ILE A 72  ? 0.1333 0.1303 0.1226 -0.0056 0.0024  -0.0014 72  ILE A CD1 
491 N N   . LYS A 73  ? 0.1191 0.1245 0.1094 -0.0102 0.0069  -0.0079 73  LYS A N   
492 C CA  . LYS A 73  ? 0.1218 0.1298 0.1194 -0.0116 0.0089  -0.0141 73  LYS A CA  
493 C C   . LYS A 73  ? 0.1315 0.1282 0.1197 -0.0090 0.0120  -0.0192 73  LYS A C   
494 O O   . LYS A 73  ? 0.2127 0.1152 0.1239 -0.0213 0.0172  -0.0197 73  LYS A O   
495 C CB  . LYS A 73  ? 0.1201 0.1526 0.1303 -0.0160 0.0081  -0.0079 73  LYS A CB  
496 C CG  . LYS A 73  ? 0.1625 0.1618 0.1612 0.0065  -0.0085 -0.0237 73  LYS A CG  
497 C CD  . LYS A 73  ? 0.1763 0.2313 0.2081 0.0059  0.0147  -0.0480 73  LYS A CD  
498 C CE  . LYS A 73  ? 0.2741 0.2720 0.2831 0.0094  -0.0225 -0.0079 73  LYS A CE  
499 N NZ  . LYS A 73  ? 0.2860 0.4269 0.4122 0.0038  0.0030  0.0026  73  LYS A NZ  
500 N N   . GLN A 74  ? 0.1323 0.1092 0.1353 -0.0012 0.0072  -0.0047 74  GLN A N   
501 C CA  . GLN A 74  ? 0.1244 0.1142 0.1429 0.0074  -0.0031 -0.0106 74  GLN A CA  
502 C C   . GLN A 74  ? 0.1242 0.1078 0.1130 -0.0039 0.0021  -0.0098 74  GLN A C   
503 O O   . GLN A 74  ? 0.1397 0.1215 0.0998 -0.0052 -0.0023 -0.0175 74  GLN A O   
504 C CB  . GLN A 74  ? 0.1451 0.1554 0.1545 -0.0106 0.0034  0.0096  74  GLN A CB  
505 C CG  . GLN A 74  ? 0.1725 0.1543 0.2049 -0.0088 0.0155  0.0136  74  GLN A CG  
506 C CD  . GLN A 74  ? 0.2402 0.1991 0.2053 -0.0060 0.0034  -0.0067 74  GLN A CD  
507 O OE1 . GLN A 74  ? 0.2459 0.2001 0.2016 -0.0266 0.0011  -0.0058 74  GLN A OE1 
508 N NE2 . GLN A 74  ? 0.3249 0.2110 0.2838 -0.0095 0.0215  0.0219  74  GLN A NE2 
509 N N   . GLY A 75  ? 0.1116 0.1121 0.1171 -0.0023 0.0027  -0.0074 75  GLY A N   
510 C CA  . GLY A 75  ? 0.1130 0.1023 0.1091 0.0004  0.0079  -0.0087 75  GLY A CA  
511 C C   . GLY A 75  ? 0.1139 0.1050 0.1031 0.0010  0.0062  -0.0099 75  GLY A C   
512 O O   . GLY A 75  ? 0.1287 0.1021 0.1148 -0.0025 0.0091  -0.0109 75  GLY A O   
513 N N   . PRO A 76  ? 0.1183 0.1047 0.0974 -0.0022 -0.0057 -0.0044 76  PRO A N   
514 C CA  . PRO A 76  ? 0.1257 0.1124 0.1046 0.0032  -0.0010 0.0011  76  PRO A CA  
515 C C   . PRO A 76  ? 0.1103 0.1112 0.0996 0.0019  -0.0016 0.0024  76  PRO A C   
516 O O   . PRO A 76  ? 0.1204 0.1094 0.1049 0.0141  0.0086  0.0213  76  PRO A O   
517 C CB  . PRO A 76  ? 0.1287 0.1256 0.1077 -0.0023 -0.0028 0.0021  76  PRO A CB  
518 C CG  . PRO A 76  ? 0.1319 0.1096 0.1135 0.0050  -0.0084 0.0000  76  PRO A CG  
519 C CD  . PRO A 76  ? 0.1137 0.1146 0.0975 -0.0029 0.0006  -0.0041 76  PRO A CD  
520 N N   . PRO A 77  ? 0.1105 0.1093 0.1003 0.0008  -0.0069 -0.0011 77  PRO A N   
521 C CA  . PRO A 77  ? 0.1193 0.1044 0.1120 0.0002  -0.0030 -0.0040 77  PRO A CA  
522 C C   . PRO A 77  ? 0.1171 0.1038 0.1160 -0.0052 -0.0019 0.0006  77  PRO A C   
523 O O   . PRO A 77  ? 0.1153 0.1107 0.1118 -0.0014 -0.0031 0.0062  77  PRO A O   
524 C CB  . PRO A 77  ? 0.1288 0.1078 0.1218 -0.0063 0.0015  0.0057  77  PRO A CB  
525 C CG  . PRO A 77  ? 0.1335 0.1125 0.1260 -0.0041 -0.0015 -0.0036 77  PRO A CG  
526 C CD  . PRO A 77  ? 0.1333 0.1082 0.1073 0.0017  -0.0034 0.0076  77  PRO A CD  
527 N N   . ALA A 78  ? 0.1125 0.1048 0.0984 0.0000  -0.0059 0.0008  78  ALA A N   
528 C CA  . ALA A 78  ? 0.1037 0.1030 0.1144 0.0026  -0.0004 -0.0008 78  ALA A CA  
529 C C   . ALA A 78  ? 0.1042 0.1031 0.1107 0.0077  -0.0026 -0.0051 78  ALA A C   
530 O O   . ALA A 78  ? 0.1371 0.1133 0.1168 0.0081  0.0115  -0.0070 78  ALA A O   
531 C CB  . ALA A 78  ? 0.0999 0.1056 0.1091 0.0016  0.0038  0.0008  78  ALA A CB  
532 N N   . ALA A 79  ? 0.1034 0.0999 0.0997 0.0052  0.0016  -0.0009 79  ALA A N   
533 C CA  . ALA A 79  ? 0.0945 0.0938 0.0894 -0.0017 0.0078  -0.0010 79  ALA A CA  
534 C C   . ALA A 79  ? 0.1004 0.1034 0.1036 -0.0093 0.0020  -0.0005 79  ALA A C   
535 O O   . ALA A 79  ? 0.1000 0.1123 0.1215 -0.0149 0.0046  -0.0031 79  ALA A O   
536 C CB  . ALA A 79  ? 0.0895 0.0846 0.0924 0.0003  -0.0010 0.0031  79  ALA A CB  
537 N N   . GLU A 80  ? 0.1199 0.1387 0.1070 -0.0179 0.0062  -0.0030 80  GLU A N   
538 C CA  . GLU A 80  ? 0.1215 0.1151 0.1000 -0.0065 0.0012  0.0103  80  GLU A CA  
539 C C   . GLU A 80  ? 0.1096 0.1124 0.1058 -0.0080 -0.0006 0.0011  80  GLU A C   
540 O O   . GLU A 80  ? 0.1234 0.1147 0.1127 0.0004  0.0046  0.0108  80  GLU A O   
541 C CB  . GLU A 80  ? 0.1194 0.1079 0.1186 -0.0044 0.0044  -0.0035 80  GLU A CB  
542 C CG  . GLU A 80  ? 0.1248 0.1245 0.1130 -0.0012 -0.0015 -0.0006 80  GLU A CG  
543 C CD  . GLU A 80  ? 0.1169 0.1187 0.1281 0.0004  -0.0044 -0.0054 80  GLU A CD  
544 O OE1 . GLU A 80  ? 0.1132 0.1303 0.1414 0.0141  -0.0112 0.0088  80  GLU A OE1 
545 O OE2 . GLU A 80  ? 0.1386 0.1372 0.1511 0.0092  -0.0324 -0.0146 80  GLU A OE2 
546 N N   . VAL A 81  ? 0.1191 0.1077 0.1073 0.0020  0.0027  0.0038  81  VAL A N   
547 C CA  . VAL A 81  ? 0.1221 0.1062 0.1218 0.0007  0.0024  0.0052  81  VAL A CA  
548 C C   . VAL A 81  ? 0.1238 0.1194 0.1364 -0.0046 -0.0007 -0.0073 81  VAL A C   
549 O O   . VAL A 81  ? 0.1152 0.1281 0.1705 -0.0097 -0.0006 -0.0121 81  VAL A O   
550 C CB  . VAL A 81  ? 0.1223 0.1199 0.1322 -0.0059 0.0116  -0.0022 81  VAL A CB  
551 C CG1 . VAL A 81  ? 0.1294 0.1305 0.1392 0.0035  0.0123  -0.0007 81  VAL A CG1 
552 C CG2 . VAL A 81  ? 0.1343 0.1207 0.1257 -0.0018 0.0105  -0.0034 81  VAL A CG2 
553 N N   . GLU A 82  ? 0.1344 0.1299 0.1284 -0.0080 -0.0002 -0.0100 82  GLU A N   
554 C CA  . GLU A 82  ? 0.1462 0.1775 0.1603 0.0055  -0.0247 -0.0123 82  GLU A CA  
555 C C   . GLU A 82  ? 0.1506 0.1562 0.1460 -0.0006 -0.0023 -0.0059 82  GLU A C   
556 O O   . GLU A 82  ? 0.1517 0.1760 0.2048 0.0017  -0.0150 -0.0346 82  GLU A O   
557 C CB  . GLU A 82  ? 0.1932 0.2298 0.1935 0.0030  0.0177  0.0001  82  GLU A CB  
558 C CG  . GLU A 82  ? 0.2191 0.3075 0.2364 0.0075  -0.0107 -0.0101 82  GLU A CG  
559 C CD  . GLU A 82  ? 0.2767 0.3368 0.2607 0.0133  -0.0013 -0.0401 82  GLU A CD  
560 O OE1 . GLU A 82  ? 0.2850 0.3409 0.3020 0.0224  0.0690  -0.0310 82  GLU A OE1 
561 O OE2 . GLU A 82  ? 0.3783 0.3451 0.2446 -0.0305 -0.0589 0.0139  82  GLU A OE2 
562 N N   . LYS A 83  ? 0.1424 0.1615 0.1477 0.0069  -0.0274 -0.0112 83  LYS A N   
563 C CA  . LYS A 83  ? 0.1473 0.1541 0.1690 0.0008  -0.0023 -0.0116 83  LYS A CA  
564 C C   . LYS A 83  ? 0.1305 0.1421 0.1324 0.0094  0.0027  0.0044  83  LYS A C   
565 O O   . LYS A 83  ? 0.1278 0.1338 0.1356 0.0158  -0.0011 -0.0242 83  LYS A O   
566 C CB  . LYS A 83  ? 0.2118 0.2119 0.1737 -0.0023 -0.0130 0.0022  83  LYS A CB  
567 C CG  . LYS A 83  ? 0.2652 0.2441 0.2538 0.0325  -0.0253 0.0048  83  LYS A CG  
568 C CD  . LYS A 83  ? 0.3668 0.3272 0.2727 0.0050  -0.0107 0.0326  83  LYS A CD  
569 C CE  . LYS A 83  ? 0.4107 0.4445 0.4208 0.0583  -0.0342 0.0294  83  LYS A CE  
570 N NZ  . LYS A 83  ? 0.5437 0.5256 0.4585 0.0224  -0.0146 0.0752  83  LYS A NZ  
571 N N   . VAL A 84  ? 0.1269 0.1359 0.1296 0.0009  0.0020  0.0036  84  VAL A N   
572 C CA  . VAL A 84  ? 0.1258 0.1298 0.1275 0.0044  0.0054  0.0064  84  VAL A CA  
573 C C   . VAL A 84  ? 0.1228 0.1537 0.1145 0.0110  -0.0060 0.0093  84  VAL A C   
574 O O   . VAL A 84  ? 0.1255 0.1798 0.1655 0.0145  0.0145  0.0317  84  VAL A O   
575 C CB  . VAL A 84  ? 0.1295 0.1346 0.1270 0.0035  -0.0042 0.0072  84  VAL A CB  
576 C CG1 . VAL A 84  ? 0.1261 0.1416 0.1211 0.0139  -0.0025 0.0010  84  VAL A CG1 
577 C CG2 . VAL A 84  ? 0.1321 0.1282 0.1305 0.0060  -0.0002 -0.0036 84  VAL A CG2 
578 N N   . ASP A 85  ? 0.1145 0.1569 0.1391 0.0059  0.0115  -0.0035 85  ASP A N   
579 C CA  . ASP A 85  ? 0.1425 0.1554 0.1490 0.0084  -0.0005 -0.0042 85  ASP A CA  
580 C C   . ASP A 85  ? 0.1482 0.1587 0.1606 0.0063  0.0063  -0.0171 85  ASP A C   
581 O O   . ASP A 85  ? 0.1486 0.2100 0.1869 0.0276  -0.0060 -0.0725 85  ASP A O   
582 C CB  . ASP A 85  ? 0.1714 0.1728 0.1636 0.0053  0.0062  0.0103  85  ASP A CB  
583 C CG  . ASP A 85  ? 0.2348 0.2351 0.1690 -0.0023 -0.0257 0.0035  85  ASP A CG  
584 O OD1 . ASP A 85  ? 0.2727 0.2779 0.2065 -0.0344 -0.0275 -0.0072 85  ASP A OD1 
585 O OD2 . ASP A 85  ? 0.2793 0.2928 0.2039 -0.0291 0.0025  0.0192  85  ASP A OD2 
586 N N   . TYR A 86  ? 0.1265 0.1701 0.1470 0.0067  -0.0084 -0.0105 86  TYR A N   
587 C CA  . TYR A 86  ? 0.1500 0.1645 0.1525 0.0109  -0.0037 -0.0136 86  TYR A CA  
588 C C   . TYR A 86  ? 0.1549 0.1864 0.1543 0.0232  -0.0112 -0.0176 86  TYR A C   
589 O O   . TYR A 86  ? 0.1550 0.1899 0.1461 0.0143  -0.0110 -0.0092 86  TYR A O   
590 C CB  . TYR A 86  ? 0.1601 0.1662 0.1497 0.0131  -0.0046 -0.0094 86  TYR A CB  
591 C CG  . TYR A 86  ? 0.1767 0.2001 0.1710 -0.0078 -0.0048 -0.0088 86  TYR A CG  
592 C CD1 . TYR A 86  ? 0.1816 0.2211 0.1963 -0.0021 0.0134  -0.0001 86  TYR A CD1 
593 C CD2 . TYR A 86  ? 0.2133 0.1934 0.1845 -0.0123 -0.0050 0.0007  86  TYR A CD2 
594 C CE1 . TYR A 86  ? 0.1757 0.2399 0.2415 -0.0032 0.0046  0.0065  86  TYR A CE1 
595 C CE2 . TYR A 86  ? 0.2227 0.2250 0.2112 -0.0277 -0.0087 0.0007  86  TYR A CE2 
596 C CZ  . TYR A 86  ? 0.1995 0.2410 0.2444 -0.0248 0.0050  0.0175  86  TYR A CZ  
597 O OH  . TYR A 86  ? 0.2317 0.3665 0.3531 -0.0862 0.0168  0.0368  86  TYR A OH  
598 N N   . SER A 87  ? 0.1546 0.1642 0.1695 0.0186  -0.0148 -0.0095 87  SER A N   
599 C CA  . SER A 87  ? 0.1716 0.1743 0.1723 0.0251  0.0059  -0.0163 87  SER A CA  
600 C C   . SER A 87  ? 0.1613 0.1605 0.1875 0.0120  -0.0035 -0.0189 87  SER A C   
601 O O   . SER A 87  ? 0.1663 0.1576 0.1794 0.0490  0.0084  -0.0451 87  SER A O   
602 C CB  . SER A 87  ? 0.2168 0.1904 0.2010 0.0111  -0.0033 0.0037  87  SER A CB  
603 O OG  . SER A 87  ? 0.2274 0.2395 0.1946 0.0068  0.0019  0.0384  87  SER A OG  
604 N N   . PHE A 88  ? 0.1818 0.1860 0.1897 0.0237  0.0120  -0.0237 88  PHE A N   
605 C CA  . PHE A 88  ? 0.1879 0.1960 0.1941 0.0111  -0.0029 -0.0209 88  PHE A CA  
606 C C   . PHE A 88  ? 0.2090 0.1964 0.2154 0.0184  -0.0057 -0.0199 88  PHE A C   
607 O O   . PHE A 88  ? 0.2647 0.2126 0.2471 0.0452  -0.0216 -0.0058 88  PHE A O   
608 C CB  . PHE A 88  ? 0.1960 0.2070 0.2042 0.0132  0.0065  -0.0116 88  PHE A CB  
609 C CG  . PHE A 88  ? 0.2121 0.2094 0.2108 0.0002  0.0184  -0.0082 88  PHE A CG  
610 C CD1 . PHE A 88  ? 0.1872 0.2227 0.2382 0.0030  0.0088  -0.0019 88  PHE A CD1 
611 C CD2 . PHE A 88  ? 0.1974 0.2398 0.2254 -0.0058 0.0113  -0.0140 88  PHE A CD2 
612 C CE1 . PHE A 88  ? 0.2048 0.2260 0.2603 -0.0015 0.0052  0.0052  88  PHE A CE1 
613 C CE2 . PHE A 88  ? 0.2172 0.2360 0.2250 0.0094  0.0312  -0.0166 88  PHE A CE2 
614 C CZ  . PHE A 88  ? 0.2180 0.2240 0.2361 0.0058  0.0270  -0.0116 88  PHE A CZ  
615 N N   . SER A 89  ? 0.1895 0.1968 0.2029 0.0235  0.0096  -0.0252 89  SER A N   
616 C CA  . SER A 89  ? 0.2109 0.1971 0.2385 0.0213  0.0030  -0.0145 89  SER A CA  
617 C C   . SER A 89  ? 0.1752 0.1731 0.2282 0.0176  0.0074  -0.0023 89  SER A C   
618 O O   . SER A 89  ? 0.1702 0.1466 0.2010 0.0198  0.0168  -0.0321 89  SER A O   
619 C CB  . SER A 89  ? 0.2359 0.2264 0.2458 0.0144  0.0186  -0.0192 89  SER A CB  
620 O OG  . SER A 89  ? 0.2582 0.1977 0.2261 0.0337  0.0170  -0.0060 89  SER A OG  
621 N N   . GLU A 90  ? 0.1950 0.1674 0.2348 0.0226  0.0091  -0.0033 90  GLU A N   
622 C CA  . GLU A 90  ? 0.2024 0.2111 0.2303 -0.0012 -0.0096 -0.0017 90  GLU A CA  
623 C C   . GLU A 90  ? 0.1917 0.1592 0.2118 0.0044  0.0067  -0.0077 90  GLU A C   
624 O O   . GLU A 90  ? 0.2042 0.1606 0.2204 0.0090  0.0205  -0.0216 90  GLU A O   
625 C CB  . GLU A 90  ? 0.2302 0.2136 0.3111 0.0298  -0.0119 0.0073  90  GLU A CB  
626 C CG  . GLU A 90  ? 0.2969 0.2834 0.3196 0.0231  -0.0168 -0.0171 90  GLU A CG  
627 C CD  . GLU A 90  ? 0.4298 0.2871 0.4205 0.0070  -0.0042 -0.0158 90  GLU A CD  
628 O OE1 . GLU A 90  ? 0.4830 0.2507 0.4536 0.0442  -0.0189 0.0365  90  GLU A OE1 
629 O OE2 . GLU A 90  ? 0.5423 0.3104 0.5469 0.0435  0.0079  -0.1121 90  GLU A OE2 
630 N N   . TYR A 91  ? 0.1559 0.1537 0.2102 -0.0147 0.0043  -0.0143 91  TYR A N   
631 C CA  . TYR A 91  ? 0.1766 0.1367 0.1978 0.0014  0.0028  -0.0132 91  TYR A CA  
632 C C   . TYR A 91  ? 0.1761 0.1399 0.2107 -0.0048 0.0151  -0.0114 91  TYR A C   
633 O O   . TYR A 91  ? 0.1641 0.1518 0.2349 -0.0027 0.0248  -0.0195 91  TYR A O   
634 C CB  . TYR A 91  ? 0.1923 0.1460 0.1805 0.0067  -0.0059 -0.0239 91  TYR A CB  
635 C CG  . TYR A 91  ? 0.1734 0.1447 0.1829 0.0129  -0.0018 -0.0248 91  TYR A CG  
636 C CD1 . TYR A 91  ? 0.1617 0.1456 0.1830 0.0073  0.0057  -0.0095 91  TYR A CD1 
637 C CD2 . TYR A 91  ? 0.1552 0.1445 0.1809 0.0080  -0.0019 -0.0209 91  TYR A CD2 
638 C CE1 . TYR A 91  ? 0.1739 0.1477 0.1585 0.0171  0.0111  -0.0178 91  TYR A CE1 
639 C CE2 . TYR A 91  ? 0.1701 0.1429 0.1731 -0.0001 -0.0087 -0.0244 91  TYR A CE2 
640 C CZ  . TYR A 91  ? 0.1712 0.1429 0.1818 -0.0032 0.0081  -0.0147 91  TYR A CZ  
641 O OH  . TYR A 91  ? 0.1978 0.1695 0.1947 0.0097  -0.0038 -0.0108 91  TYR A OH  
642 N N   . LYS A 92  ? 0.1769 0.1427 0.2256 -0.0037 0.0139  -0.0168 92  LYS A N   
643 C CA  . LYS A 92  ? 0.1987 0.1546 0.2327 -0.0184 0.0135  -0.0120 92  LYS A CA  
644 C C   . LYS A 92  ? 0.1898 0.1573 0.2124 -0.0047 0.0261  -0.0188 92  LYS A C   
645 O O   . LYS A 92  ? 0.2339 0.1638 0.2155 -0.0134 0.0439  -0.0369 92  LYS A O   
646 C CB  . LYS A 92  ? 0.2101 0.1835 0.2248 -0.0147 0.0089  0.0013  92  LYS A CB  
647 C CG  . LYS A 92  ? 0.2458 0.2566 0.2493 -0.0209 -0.0182 0.0111  92  LYS A CG  
648 C CD  . LYS A 92  ? 0.3074 0.3334 0.3154 0.0364  -0.0250 0.0067  92  LYS A CD  
649 C CE  . LYS A 92  ? 0.4093 0.3618 0.4329 -0.0021 -0.0167 -0.0122 92  LYS A CE  
650 N NZ  . LYS A 92  ? 0.4671 0.4922 0.5265 0.0639  -0.0277 0.0190  92  LYS A NZ  
651 N N   . GLY A 93  ? 0.2063 0.1739 0.2010 -0.0080 0.0108  -0.0054 93  GLY A N   
652 C CA  . GLY A 93  ? 0.2230 0.2034 0.1853 -0.0030 0.0154  -0.0182 93  GLY A CA  
653 C C   . GLY A 93  ? 0.2238 0.2431 0.2106 -0.0026 -0.0018 -0.0077 93  GLY A C   
654 O O   . GLY A 93  ? 0.2355 0.2912 0.2301 -0.0781 -0.0178 0.0089  93  GLY A O   
655 N N   . GLU A 94  ? 0.1919 0.2676 0.2123 0.0181  -0.0106 -0.0045 94  GLU A N   
656 C CA  . GLU A 94  ? 0.2073 0.2633 0.2649 0.0008  0.0022  0.0069  94  GLU A CA  
657 C C   . GLU A 94  ? 0.2227 0.2236 0.2344 -0.0131 0.0116  0.0109  94  GLU A C   
658 O O   . GLU A 94  ? 0.2246 0.2548 0.3631 -0.0119 -0.0083 -0.0063 94  GLU A O   
659 C CB  . GLU A 94  ? 0.2803 0.2942 0.2656 0.0023  0.0132  0.0135  94  GLU A CB  
660 C CG  . GLU A 94  ? 0.3244 0.2626 0.2963 -0.0140 0.0041  -0.0011 94  GLU A CG  
661 C CD  . GLU A 94  ? 0.4648 0.3344 0.3196 0.0042  0.0012  0.0175  94  GLU A CD  
662 O OE1 . GLU A 94  ? 0.5142 0.2077 0.3799 0.0487  0.0142  0.0138  94  GLU A OE1 
663 O OE2 . GLU A 94  ? 0.7046 0.3349 0.4133 0.0456  -0.0077 0.0270  94  GLU A OE2 
664 N N   . PHE A 95  ? 0.1787 0.2261 0.2124 0.0051  0.0076  -0.0243 95  PHE A N   
665 C CA  . PHE A 95  ? 0.1872 0.1985 0.2097 -0.0065 -0.0002 -0.0164 95  PHE A CA  
666 C C   . PHE A 95  ? 0.2358 0.2366 0.2054 -0.0082 -0.0050 -0.0352 95  PHE A C   
667 O O   . PHE A 95  ? 0.2523 0.2969 0.2228 0.0223  0.0069  -0.0210 95  PHE A O   
668 C CB  . PHE A 95  ? 0.1929 0.1935 0.1934 -0.0131 0.0148  -0.0082 95  PHE A CB  
669 C CG  . PHE A 95  ? 0.1832 0.1574 0.1873 0.0019  0.0150  -0.0236 95  PHE A CG  
670 C CD1 . PHE A 95  ? 0.1815 0.1561 0.1848 0.0039  0.0194  -0.0241 95  PHE A CD1 
671 C CD2 . PHE A 95  ? 0.1986 0.1914 0.1996 -0.0217 0.0171  -0.0033 95  PHE A CD2 
672 C CE1 . PHE A 95  ? 0.1934 0.1841 0.1952 0.0015  0.0045  -0.0121 95  PHE A CE1 
673 C CE2 . PHE A 95  ? 0.1958 0.2148 0.2043 -0.0084 -0.0013 -0.0129 95  PHE A CE2 
674 C CZ  . PHE A 95  ? 0.1915 0.2062 0.1928 0.0041  0.0088  -0.0251 95  PHE A CZ  
675 N N   . GLU A 96  ? 0.2672 0.2231 0.2435 0.0307  -0.0178 -0.0666 96  GLU A N   
676 C CA  . GLU A 96  ? 0.3182 0.2968 0.2610 0.0226  -0.0058 -0.0189 96  GLU A CA  
677 C C   . GLU A 96  ? 0.2877 0.2791 0.2384 0.0003  -0.0092 -0.0520 96  GLU A C   
678 O O   . GLU A 96  ? 0.3620 0.3448 0.2229 -0.0019 -0.0241 -0.0619 96  GLU A O   
679 C CB  . GLU A 96  ? 0.3769 0.3452 0.3602 -0.0199 -0.0326 -0.0298 96  GLU A CB  
680 C CG  . GLU A 96  ? 0.4605 0.3757 0.4477 0.0389  -0.0094 -0.0366 96  GLU A CG  
681 C CD  . GLU A 96  ? 0.5366 0.4597 0.6065 -0.0273 -0.0160 -0.0576 96  GLU A CD  
682 O OE1 . GLU A 96  ? 0.5973 0.5981 0.7086 -0.0597 0.0616  -0.0268 96  GLU A OE1 
683 O OE2 . GLU A 96  ? 0.6307 0.4986 0.6724 0.0051  0.0173  -0.0856 96  GLU A OE2 
684 N N   A ASP A 97  ? 0.2485 0.2655 0.2185 -0.0057 -0.0316 -0.0386 97  ASP A N   
685 N N   B ASP A 97  ? 0.2485 0.2655 0.2185 -0.0057 -0.0316 -0.0386 97  ASP A N   
686 C CA  A ASP A 97  ? 0.2434 0.2622 0.2064 -0.0106 -0.0232 -0.0276 97  ASP A CA  
687 C CA  B ASP A 97  ? 0.2434 0.2622 0.2064 -0.0106 -0.0232 -0.0276 97  ASP A CA  
688 C C   A ASP A 97  ? 0.1955 0.1902 0.1721 -0.0042 0.0189  -0.0157 97  ASP A C   
689 C C   B ASP A 97  ? 0.1955 0.1902 0.1721 -0.0042 0.0189  -0.0157 97  ASP A C   
690 O O   A ASP A 97  ? 0.1983 0.1567 0.1679 -0.0136 0.0015  -0.0427 97  ASP A O   
691 O O   B ASP A 97  ? 0.1983 0.1567 0.1679 -0.0136 0.0015  -0.0427 97  ASP A O   
692 C CB  A ASP A 97  ? 0.2560 0.3079 0.3453 0.0205  -0.0054 -0.0416 97  ASP A CB  
693 C CB  B ASP A 97  ? 0.2560 0.3079 0.3453 0.0205  -0.0054 -0.0416 97  ASP A CB  
694 C CG  A ASP A 97  ? 0.4029 0.4138 0.3830 0.0013  0.0047  0.0147  97  ASP A CG  
695 C CG  B ASP A 97  ? 0.4029 0.4138 0.3830 0.0013  0.0047  0.0147  97  ASP A CG  
696 O OD1 A ASP A 97  ? 0.4447 0.5272 0.5071 0.0727  -0.0270 0.0427  97  ASP A OD1 
697 O OD1 B ASP A 97  ? 0.4447 0.5272 0.5071 0.0727  -0.0270 0.0427  97  ASP A OD1 
698 O OD2 A ASP A 97  ? 0.4207 0.6134 0.6522 0.0625  -0.0218 0.0398  97  ASP A OD2 
699 O OD2 B ASP A 97  ? 0.4207 0.6134 0.6522 0.0625  -0.0218 0.0398  97  ASP A OD2 
700 N N   . PHE A 98  ? 0.1788 0.1925 0.1581 -0.0088 0.0047  -0.0231 98  PHE A N   
701 C CA  . PHE A 98  ? 0.1572 0.1718 0.1435 0.0028  0.0125  -0.0125 98  PHE A CA  
702 C C   . PHE A 98  ? 0.1562 0.1678 0.1600 0.0044  0.0130  -0.0127 98  PHE A C   
703 O O   . PHE A 98  ? 0.2121 0.2238 0.1835 0.0359  0.0222  0.0224  98  PHE A O   
704 C CB  . PHE A 98  ? 0.1736 0.1713 0.1463 -0.0011 0.0118  -0.0105 98  PHE A CB  
705 C CG  . PHE A 98  ? 0.1797 0.1593 0.1506 -0.0081 0.0058  -0.0024 98  PHE A CG  
706 C CD1 . PHE A 98  ? 0.1825 0.1723 0.1658 -0.0066 0.0169  -0.0051 98  PHE A CD1 
707 C CD2 . PHE A 98  ? 0.1690 0.1681 0.1596 -0.0202 0.0092  0.0022  98  PHE A CD2 
708 C CE1 . PHE A 98  ? 0.1627 0.1569 0.1660 -0.0178 0.0161  0.0070  98  PHE A CE1 
709 C CE2 . PHE A 98  ? 0.1526 0.1502 0.1674 -0.0074 0.0060  -0.0038 98  PHE A CE2 
710 C CZ  . PHE A 98  ? 0.1630 0.1428 0.1453 -0.0206 0.0179  0.0044  98  PHE A CZ  
711 N N   . GLU A 99  ? 0.1317 0.1769 0.1414 0.0075  0.0023  -0.0181 99  GLU A N   
712 C CA  . GLU A 99  ? 0.1447 0.1815 0.1419 0.0256  0.0095  -0.0220 99  GLU A CA  
713 C C   . GLU A 99  ? 0.1274 0.1712 0.1361 0.0089  0.0034  -0.0114 99  GLU A C   
714 O O   . GLU A 99  ? 0.1341 0.1375 0.1415 0.0097  -0.0035 -0.0297 99  GLU A O   
715 C CB  . GLU A 99  ? 0.1701 0.2147 0.2114 -0.0068 0.0134  -0.0159 99  GLU A CB  
716 C CG  . GLU A 99  ? 0.2682 0.2841 0.2376 0.0105  0.0032  -0.0514 99  GLU A CG  
717 C CD  . GLU A 99  ? 0.3622 0.3296 0.3680 -0.0262 0.0424  -0.0110 99  GLU A CD  
718 O OE1 . GLU A 99  ? 0.3232 0.5472 0.4569 0.1344  0.0143  -0.0137 99  GLU A OE1 
719 O OE2 . GLU A 99  ? 0.4125 0.5758 0.5288 0.0317  -0.0598 0.0145  99  GLU A OE2 
720 N N   . THR A 100 ? 0.1295 0.1522 0.1302 0.0054  0.0048  -0.0092 100 THR A N   
721 C CA  . THR A 100 ? 0.1270 0.1379 0.1227 -0.0040 0.0030  0.0005  100 THR A CA  
722 C C   . THR A 100 ? 0.1233 0.1286 0.1242 -0.0029 -0.0006 0.0010  100 THR A C   
723 O O   . THR A 100 ? 0.1120 0.1374 0.1618 0.0016  0.0067  -0.0126 100 THR A O   
724 C CB  . THR A 100 ? 0.1248 0.1363 0.1249 -0.0057 0.0032  -0.0039 100 THR A CB  
725 O OG1 . THR A 100 ? 0.1394 0.1609 0.1373 0.0080  -0.0121 -0.0019 100 THR A OG1 
726 C CG2 . THR A 100 ? 0.1201 0.1239 0.1185 0.0002  -0.0063 -0.0008 100 THR A CG2 
727 N N   . TYR A 101 ? 0.1168 0.1359 0.1231 -0.0045 -0.0012 0.0011  101 TYR A N   
728 C CA  . TYR A 101 ? 0.1295 0.1273 0.1392 -0.0107 0.0062  -0.0005 101 TYR A CA  
729 C C   . TYR A 101 ? 0.1246 0.1205 0.1356 -0.0175 0.0036  0.0022  101 TYR A C   
730 O O   . TYR A 101 ? 0.1137 0.1031 0.1036 -0.0001 -0.0025 -0.0049 101 TYR A O   
731 C CB  . TYR A 101 ? 0.1390 0.1385 0.1574 -0.0015 0.0063  0.0024  101 TYR A CB  
732 C CG  . TYR A 101 ? 0.1730 0.1626 0.1818 0.0065  0.0183  -0.0218 101 TYR A CG  
733 C CD1 . TYR A 101 ? 0.1734 0.1775 0.1997 -0.0138 0.0353  -0.0256 101 TYR A CD1 
734 C CD2 . TYR A 101 ? 0.1962 0.2120 0.2264 -0.0153 0.0157  -0.0515 101 TYR A CD2 
735 C CE1 . TYR A 101 ? 0.2178 0.2179 0.2165 -0.0064 0.0328  -0.0522 101 TYR A CE1 
736 C CE2 . TYR A 101 ? 0.2503 0.2319 0.2482 -0.0031 0.0121  -0.0721 101 TYR A CE2 
737 C CZ  . TYR A 101 ? 0.2536 0.2195 0.2487 -0.0202 0.0208  -0.0799 101 TYR A CZ  
738 O OH  . TYR A 101 ? 0.3177 0.2039 0.3088 -0.0441 0.0343  -0.1172 101 TYR A OH  
739 O OXT . TYR A 101 ? 0.1341 0.1324 0.1254 -0.0189 0.0032  0.0030  101 TYR A OXT 
740 O O   . HOH B .   ? 0.1419 0.1201 0.1181 -0.0150 -0.0112 -0.0140 201 HOH A O   
741 O O   . HOH B .   ? 0.1633 0.1753 0.1127 -0.0080 -0.0283 -0.0030 202 HOH A O   
742 O O   . HOH B .   ? 0.1273 0.1230 0.1376 -0.0157 0.0137  -0.0009 203 HOH A O   
743 O O   . HOH B .   ? 0.1312 0.1301 0.1107 -0.0114 -0.0021 0.0076  204 HOH A O   
744 O O   . HOH B .   ? 0.1475 0.1050 0.1275 -0.0284 0.0323  0.0011  205 HOH A O   
745 O O   . HOH B .   ? 0.1423 0.2791 0.2013 0.0571  0.0111  0.0244  206 HOH A O   
746 O O   . HOH B .   ? 0.2511 0.2422 0.3203 -0.0950 -0.0072 -0.0926 207 HOH A O   
747 O O   . HOH B .   ? 0.3885 0.2280 0.3630 -0.0091 -0.1543 0.0145  208 HOH A O   
748 O O   . HOH B .   ? 0.1530 0.1066 0.0824 -0.0005 -0.0164 -0.0066 209 HOH A O   
749 O O   . HOH B .   ? 0.1793 0.1417 0.1371 0.0020  0.0239  0.0018  210 HOH A O   
750 O O   . HOH B .   ? 0.3381 0.2398 0.2582 0.1039  -0.0182 -0.0310 211 HOH A O   
751 O O   . HOH B .   ? 0.1260 0.1270 0.1345 0.0080  -0.0030 0.0250  212 HOH A O   
752 O O   . HOH B .   ? 0.1341 0.1639 0.1050 -0.0319 0.0203  0.0041  213 HOH A O   
753 O O   . HOH B .   ? 0.1842 0.2350 0.1782 -0.0009 -0.0199 0.0219  214 HOH A O   
754 O O   . HOH B .   ? 0.1738 0.2302 0.1374 -0.0092 -0.0209 -0.0162 215 HOH A O   
755 O O   . HOH B .   ? 0.1165 0.1905 0.1491 0.0152  -0.0258 -0.0064 216 HOH A O   
756 O O   . HOH B .   ? 0.1273 0.1923 0.1427 0.0078  0.0013  0.0143  217 HOH A O   
757 O O   . HOH B .   ? 0.3088 0.1861 0.3376 0.0056  0.0788  0.0092  218 HOH A O   
758 O O   . HOH B .   ? 0.1899 0.2457 0.2461 -0.0912 -0.0238 0.0723  219 HOH A O   
759 O O   . HOH B .   ? 0.2519 0.2836 0.2125 0.0323  0.0218  -0.0510 220 HOH A O   
760 O O   . HOH B .   ? 0.2507 0.3713 0.1808 0.0506  0.0448  -0.1171 221 HOH A O   
761 O O   . HOH B .   ? 0.2975 0.2947 0.2418 -0.0152 0.0002  -0.0180 222 HOH A O   
762 O O   . HOH B .   ? 0.1850 0.3218 0.4420 0.0306  -0.0569 -0.1067 223 HOH A O   
763 O O   . HOH B .   ? 0.1790 0.2526 0.3292 -0.0053 0.0135  0.1132  224 HOH A O   
764 O O   . HOH B .   ? 0.3239 0.2117 0.2309 0.0191  0.0349  -0.0412 225 HOH A O   
765 O O   . HOH B .   ? 0.1891 0.2310 0.3138 0.0360  0.0163  -0.0500 226 HOH A O   
766 O O   . HOH B .   ? 0.1963 0.1372 0.1387 -0.0189 0.0700  -0.0206 227 HOH A O   
767 O O   . HOH B .   ? 0.3735 0.2436 0.2028 -0.1310 -0.1339 0.0783  228 HOH A O   
768 O O   . HOH B .   ? 0.3433 0.3615 0.3111 0.0159  0.0753  -0.0606 229 HOH A O   
769 O O   . HOH B .   ? 0.3277 0.2342 0.2599 0.0151  0.1226  -0.0123 230 HOH A O   
770 O O   . HOH B .   ? 0.3772 0.1479 0.2079 -0.0170 0.0287  -0.0280 231 HOH A O   
771 O O   . HOH B .   ? 0.4106 0.3511 0.2344 0.0271  -0.0401 -0.0394 232 HOH A O   
772 O O   . HOH B .   ? 0.3202 0.2079 0.2157 -0.0232 0.0247  0.0144  233 HOH A O   
773 O O   . HOH B .   ? 0.4700 0.3412 0.2827 0.1072  -0.0113 -0.0193 234 HOH A O   
774 O O   . HOH B .   ? 0.2245 0.1439 0.1467 -0.0055 0.0575  0.0135  235 HOH A O   
775 O O   . HOH B .   ? 0.1109 0.1327 0.1429 -0.0004 0.0165  0.0126  236 HOH A O   
776 O O   . HOH B .   ? 0.2123 0.1748 0.1529 -0.0230 0.0189  -0.0661 237 HOH A O   
777 O O   . HOH B .   ? 0.3303 0.2356 0.1626 0.0704  -0.0170 -0.0318 238 HOH A O   
778 O O   . HOH B .   ? 0.2375 0.2175 0.3156 0.0189  -0.0089 -0.0685 239 HOH A O   
779 O O   . HOH B .   ? 0.2248 0.2068 0.1513 -0.0111 0.0073  -0.0119 240 HOH A O   
780 O O   . HOH B .   ? 0.2968 0.2287 0.2173 0.0662  0.0010  0.0390  241 HOH A O   
781 O O   . HOH B .   ? 0.4532 0.2335 0.1406 -0.0545 -0.0422 0.0363  242 HOH A O   
782 O O   . HOH B .   ? 0.3633 0.2557 0.3405 -0.0878 -0.0420 0.1479  243 HOH A O   
783 O O   . HOH B .   ? 0.1411 0.2993 0.5428 -0.0439 0.0172  -0.1019 244 HOH A O   
784 O O   . HOH B .   ? 0.3381 0.3319 0.2941 0.0086  -0.0066 -0.0359 245 HOH A O   
785 O O   . HOH B .   ? 0.2310 0.4287 0.4534 0.1209  -0.1211 -0.0587 246 HOH A O   
786 O O   . HOH B .   ? 0.3281 0.1748 0.3092 0.0711  -0.0595 -0.0353 247 HOH A O   
787 O O   . HOH B .   ? 0.4319 0.3055 0.2819 0.0197  -0.0040 -0.0726 248 HOH A O   
788 O O   . HOH B .   ? 0.2796 0.5177 0.3502 -0.0905 0.1107  -0.0508 249 HOH A O   
789 O O   . HOH B .   ? 0.3756 0.3497 0.4514 0.1491  0.1400  -0.0950 250 HOH A O   
790 O O   . HOH B .   ? 0.3283 0.7430 0.3705 0.1480  0.0786  -0.1736 251 HOH A O   
791 O O   . HOH B .   ? 0.3270 0.5759 0.3157 -0.1253 0.0562  -0.0231 252 HOH A O   
792 O O   . HOH B .   ? 0.3685 0.2428 0.4744 -0.1722 0.1102  -0.1240 253 HOH A O   
793 O O   . HOH B .   ? 0.5109 0.2854 0.2949 0.0056  -0.1086 -0.0500 254 HOH A O   
794 O O   . HOH B .   ? 0.7948 0.3895 0.3533 0.0059  -0.2530 -0.1069 255 HOH A O   
795 O O   . HOH B .   ? 0.4281 0.3286 0.4106 0.0264  0.0577  -0.0540 256 HOH A O   
796 O O   . HOH B .   ? 0.7608 0.2156 0.4767 0.0321  -0.0861 -0.0466 257 HOH A O   
797 O O   . HOH B .   ? 0.3141 0.4911 0.4251 0.1942  -0.0550 0.0833  258 HOH A O   
798 O O   . HOH B .   ? 0.3199 0.3477 0.3996 -0.0194 0.0099  -0.0406 259 HOH A O   
799 O O   . HOH B .   ? 0.2583 0.4020 0.4172 0.0791  -0.0500 -0.0052 260 HOH A O   
800 O O   . HOH B .   ? 0.2878 0.4544 0.2769 -0.0155 0.1005  -0.1417 261 HOH A O   
801 O O   . HOH B .   ? 0.6357 0.3085 0.2290 0.0319  0.2054  -0.0080 262 HOH A O   
802 O O   . HOH B .   ? 0.4948 0.3878 0.5263 -0.1755 -0.0406 -0.0519 263 HOH A O   
803 O O   . HOH B .   ? 0.4439 0.3800 0.3697 -0.0899 0.1635  0.1012  264 HOH A O   
804 O O   . HOH B .   ? 0.4540 0.3046 0.3035 -0.0510 -0.0190 0.0252  265 HOH A O   
805 O O   . HOH B .   ? 0.4805 0.4179 0.3851 -0.0689 -0.1287 0.0068  266 HOH A O   
806 O O   . HOH B .   ? 0.7526 0.2552 0.1650 -0.0812 0.0616  -0.0625 267 HOH A O   
807 O O   . HOH B .   ? 0.5179 0.3470 0.3213 0.1585  0.0521  0.0310  268 HOH A O   
808 O O   . HOH B .   ? 0.3730 0.5044 0.4071 -0.0790 0.1004  0.0198  269 HOH A O   
809 O O   . HOH B .   ? 0.3796 0.3893 0.6821 -0.0579 0.0140  0.1311  270 HOH A O   
810 O O   . HOH B .   ? 0.1933 0.4014 0.3033 0.0560  -0.0490 -0.1162 271 HOH A O   
811 O O   . HOH B .   ? 0.3535 0.4601 0.1817 -0.0693 -0.0358 0.0576  272 HOH A O   
812 O O   . HOH B .   ? 0.3669 0.4392 0.3548 -0.1130 0.0365  -0.0719 273 HOH A O   
813 O O   . HOH B .   ? 0.4053 0.3757 0.5025 0.1578  -0.1498 -0.0610 274 HOH A O   
814 O O   . HOH B .   ? 0.2568 0.3295 0.2748 -0.0753 -0.0218 -0.0525 275 HOH A O   
815 O O   . HOH B .   ? 0.6461 0.3223 0.4707 0.1017  -0.2066 -0.1664 276 HOH A O   
816 O O   . HOH B .   ? 0.3463 0.3684 0.5765 -0.0823 0.0349  -0.2643 277 HOH A O   
817 O O   . HOH B .   ? 0.2918 0.2891 0.2054 0.0526  -0.0013 0.0230  278 HOH A O   
818 O O   . HOH B .   ? 0.5068 0.2186 0.2201 -0.0750 0.0723  0.0115  279 HOH A O   
819 O O   . HOH B .   ? 0.2571 0.1818 0.1783 0.0478  -0.0131 -0.0170 280 HOH A O   
820 O O   . HOH B .   ? 0.3131 0.5936 0.3905 0.0288  -0.0494 -0.2673 281 HOH A O   
821 O O   . HOH B .   ? 0.6669 0.1785 0.4427 0.1038  -0.0831 0.0282  282 HOH A O   
822 O O   . HOH B .   ? 0.4956 0.5966 0.2547 0.0124  -0.1342 0.0620  283 HOH A O   
823 O O   . HOH B .   ? 0.7767 0.2316 0.3790 -0.2953 0.0827  0.1337  284 HOH A O   
824 O O   . HOH B .   ? 0.3643 0.2994 0.6262 -0.0674 0.1587  -0.0804 285 HOH A O   
825 O O   . HOH B .   ? 0.2453 0.2440 0.3945 0.0421  -0.0059 -0.0845 286 HOH A O   
826 O O   . HOH B .   ? 0.3945 0.3624 0.3055 -0.0242 0.0030  0.0296  287 HOH A O   
827 O O   . HOH B .   ? 0.2301 0.4223 0.5826 0.0978  -0.0557 -0.0911 288 HOH A O   
828 O O   . HOH B .   ? 0.1419 0.1982 0.3116 -0.0167 0.0136  0.0487  289 HOH A O   
829 O O   . HOH B .   ? 0.3049 0.1881 0.1734 0.0067  0.0116  0.0368  290 HOH A O   
830 O O   . HOH B .   ? 0.5004 0.5325 0.4111 -0.1321 -0.0110 -0.1307 291 HOH A O   
831 O O   . HOH B .   ? 0.2520 0.4233 0.3442 -0.0027 0.0831  -0.0083 292 HOH A O   
# 
loop_
_pdbx_poly_seq_scheme.asym_id 
_pdbx_poly_seq_scheme.entity_id 
_pdbx_poly_seq_scheme.seq_id 
_pdbx_poly_seq_scheme.mon_id 
_pdbx_poly_seq_scheme.ndb_seq_num 
_pdbx_poly_seq_scheme.pdb_seq_num 
_pdbx_poly_seq_scheme.auth_seq_num 
_pdbx_poly_seq_scheme.pdb_mon_id 
_pdbx_poly_seq_scheme.auth_mon_id 
_pdbx_poly_seq_scheme.pdb_strand_id 
_pdbx_poly_seq_scheme.pdb_ins_code 
_pdbx_poly_seq_scheme.hetero 
A 1 1   MET 1   1   ?   ?   ?   A . n 
A 1 2   LYS 2   2   ?   ?   ?   A . n 
A 1 3   LYS 3   3   ?   ?   ?   A . n 
A 1 4   TRP 4   4   ?   ?   ?   A . n 
A 1 5   SER 5   5   ?   ?   ?   A . n 
A 1 6   ASP 6   6   ?   ?   ?   A . n 
A 1 7   THR 7   7   ?   ?   ?   A . n 
A 1 8   GLU 8   8   ?   ?   ?   A . n 
A 1 9   VAL 9   9   ?   ?   ?   A . n 
A 1 10  PHE 10  10  ?   ?   ?   A . n 
A 1 11  GLU 11  11  ?   ?   ?   A . n 
A 1 12  MET 12  12  12  MET MET A . n 
A 1 13  LEU 13  13  13  LEU LEU A . n 
A 1 14  LYS 14  14  14  LYS LYS A . n 
A 1 15  ARG 15  15  15  ARG ARG A . n 
A 1 16  MET 16  16  16  MET MET A . n 
A 1 17  TYR 17  17  17  TYR TYR A . n 
A 1 18  ALA 18  18  18  ALA ALA A . n 
A 1 19  ARG 19  19  19  ARG ARG A . n 
A 1 20  VAL 20  20  20  VAL VAL A . n 
A 1 21  TYR 21  21  21  TYR TYR A . n 
A 1 22  GLY 22  22  22  GLY GLY A . n 
A 1 23  LEU 23  23  23  LEU LEU A . n 
A 1 24  VAL 24  24  24  VAL VAL A . n 
A 1 25  GLN 25  25  25  GLN GLN A . n 
A 1 26  GLY 26  26  26  GLY GLY A . n 
A 1 27  VAL 27  27  27  VAL VAL A . n 
A 1 28  GLY 28  28  28  GLY GLY A . n 
A 1 29  PHE 29  29  29  PHE PHE A . n 
A 1 30  ARG 30  30  30  ARG ARG A . n 
A 1 31  LYS 31  31  31  LYS LYS A . n 
A 1 32  PHE 32  32  32  PHE PHE A . n 
A 1 33  VAL 33  33  33  VAL VAL A . n 
A 1 34  GLN 34  34  34  GLN GLN A . n 
A 1 35  ILE 35  35  35  ILE ILE A . n 
A 1 36  HIS 36  36  36  HIS HIS A . n 
A 1 37  ALA 37  37  37  ALA ALA A . n 
A 1 38  ILE 38  38  38  ILE ILE A . n 
A 1 39  ARG 39  39  39  ARG ARG A . n 
A 1 40  LEU 40  40  40  LEU LEU A . n 
A 1 41  GLY 41  41  41  GLY GLY A . n 
A 1 42  ILE 42  42  42  ILE ILE A . n 
A 1 43  LYS 43  43  43  LYS LYS A . n 
A 1 44  GLY 44  44  44  GLY GLY A . n 
A 1 45  TYR 45  45  45  TYR TYR A . n 
A 1 46  ALA 46  46  46  ALA ALA A . n 
A 1 47  LYS 47  47  47  LYS LYS A . n 
A 1 48  ASN 48  48  48  ASN ASN A . n 
A 1 49  LEU 49  49  49  LEU LEU A . n 
A 1 50  PRO 50  50  50  PRO PRO A . n 
A 1 51  ASP 51  51  51  ASP ASP A . n 
A 1 52  GLY 52  52  52  GLY GLY A . n 
A 1 53  SER 53  53  53  SER SER A . n 
A 1 54  VAL 54  54  54  VAL VAL A . n 
A 1 55  GLU 55  55  55  GLU GLU A . n 
A 1 56  VAL 56  56  56  VAL VAL A . n 
A 1 57  VAL 57  57  57  VAL VAL A . n 
A 1 58  ALA 58  58  58  ALA ALA A . n 
A 1 59  GLU 59  59  59  GLU GLU A . n 
A 1 60  GLY 60  60  60  GLY GLY A . n 
A 1 61  TYR 61  61  61  TYR TYR A . n 
A 1 62  GLU 62  62  62  GLU GLU A . n 
A 1 63  GLU 63  63  63  GLU GLU A . n 
A 1 64  ALA 64  64  64  ALA ALA A . n 
A 1 65  LEU 65  65  65  LEU LEU A . n 
A 1 66  SER 66  66  66  SER SER A . n 
A 1 67  LYS 67  67  67  LYS LYS A . n 
A 1 68  LEU 68  68  68  LEU LEU A . n 
A 1 69  LEU 69  69  69  LEU LEU A . n 
A 1 70  GLU 70  70  70  GLU GLU A . n 
A 1 71  ARG 71  71  71  ARG ARG A . n 
A 1 72  ILE 72  72  72  ILE ILE A . n 
A 1 73  LYS 73  73  73  LYS LYS A . n 
A 1 74  GLN 74  74  74  GLN GLN A . n 
A 1 75  GLY 75  75  75  GLY GLY A . n 
A 1 76  PRO 76  76  76  PRO PRO A . n 
A 1 77  PRO 77  77  77  PRO PRO A . n 
A 1 78  ALA 78  78  78  ALA ALA A . n 
A 1 79  ALA 79  79  79  ALA ALA A . n 
A 1 80  GLU 80  80  80  GLU GLU A . n 
A 1 81  VAL 81  81  81  VAL VAL A . n 
A 1 82  GLU 82  82  82  GLU GLU A . n 
A 1 83  LYS 83  83  83  LYS LYS A . n 
A 1 84  VAL 84  84  84  VAL VAL A . n 
A 1 85  ASP 85  85  85  ASP ASP A . n 
A 1 86  TYR 86  86  86  TYR TYR A . n 
A 1 87  SER 87  87  87  SER SER A . n 
A 1 88  PHE 88  88  88  PHE PHE A . n 
A 1 89  SER 89  89  89  SER SER A . n 
A 1 90  GLU 90  90  90  GLU GLU A . n 
A 1 91  TYR 91  91  91  TYR TYR A . n 
A 1 92  LYS 92  92  92  LYS LYS A . n 
A 1 93  GLY 93  93  93  GLY GLY A . n 
A 1 94  GLU 94  94  94  GLU GLU A . n 
A 1 95  PHE 95  95  95  PHE PHE A . n 
A 1 96  GLU 96  96  96  GLU GLU A . n 
A 1 97  ASP 97  97  97  ASP ASP A . n 
A 1 98  PHE 98  98  98  PHE PHE A . n 
A 1 99  GLU 99  99  99  GLU GLU A . n 
A 1 100 THR 100 100 100 THR THR A . n 
A 1 101 TYR 101 101 101 TYR TYR A . n 
# 
loop_
_pdbx_nonpoly_scheme.asym_id 
_pdbx_nonpoly_scheme.entity_id 
_pdbx_nonpoly_scheme.mon_id 
_pdbx_nonpoly_scheme.ndb_seq_num 
_pdbx_nonpoly_scheme.pdb_seq_num 
_pdbx_nonpoly_scheme.auth_seq_num 
_pdbx_nonpoly_scheme.pdb_mon_id 
_pdbx_nonpoly_scheme.auth_mon_id 
_pdbx_nonpoly_scheme.pdb_strand_id 
_pdbx_nonpoly_scheme.pdb_ins_code 
B 2 HOH 1  201 1   HOH HOH A . 
B 2 HOH 2  202 2   HOH HOH A . 
B 2 HOH 3  203 3   HOH HOH A . 
B 2 HOH 4  204 4   HOH HOH A . 
B 2 HOH 5  205 5   HOH HOH A . 
B 2 HOH 6  206 6   HOH HOH A . 
B 2 HOH 7  207 7   HOH HOH A . 
B 2 HOH 8  208 8   HOH HOH A . 
B 2 HOH 9  209 9   HOH HOH A . 
B 2 HOH 10 210 10  HOH HOH A . 
B 2 HOH 11 211 11  HOH HOH A . 
B 2 HOH 12 212 12  HOH HOH A . 
B 2 HOH 13 213 13  HOH HOH A . 
B 2 HOH 14 214 14  HOH HOH A . 
B 2 HOH 15 215 15  HOH HOH A . 
B 2 HOH 16 216 16  HOH HOH A . 
B 2 HOH 17 217 17  HOH HOH A . 
B 2 HOH 18 218 18  HOH HOH A . 
B 2 HOH 19 219 19  HOH HOH A . 
B 2 HOH 20 220 20  HOH HOH A . 
B 2 HOH 21 221 21  HOH HOH A . 
B 2 HOH 22 222 22  HOH HOH A . 
B 2 HOH 23 223 23  HOH HOH A . 
B 2 HOH 24 224 24  HOH HOH A . 
B 2 HOH 25 225 25  HOH HOH A . 
B 2 HOH 26 226 26  HOH HOH A . 
B 2 HOH 27 227 27  HOH HOH A . 
B 2 HOH 28 228 28  HOH HOH A . 
B 2 HOH 29 229 29  HOH HOH A . 
B 2 HOH 30 230 30  HOH HOH A . 
B 2 HOH 31 231 31  HOH HOH A . 
B 2 HOH 32 232 32  HOH HOH A . 
B 2 HOH 33 233 33  HOH HOH A . 
B 2 HOH 34 234 34  HOH HOH A . 
B 2 HOH 35 235 35  HOH HOH A . 
B 2 HOH 36 236 36  HOH HOH A . 
B 2 HOH 37 237 37  HOH HOH A . 
B 2 HOH 38 238 38  HOH HOH A . 
B 2 HOH 39 239 39  HOH HOH A . 
B 2 HOH 40 240 40  HOH HOH A . 
B 2 HOH 41 241 41  HOH HOH A . 
B 2 HOH 42 242 42  HOH HOH A . 
B 2 HOH 43 243 43  HOH HOH A . 
B 2 HOH 44 244 44  HOH HOH A . 
B 2 HOH 45 245 45  HOH HOH A . 
B 2 HOH 46 246 46  HOH HOH A . 
B 2 HOH 47 247 47  HOH HOH A . 
B 2 HOH 48 248 48  HOH HOH A . 
B 2 HOH 49 249 49  HOH HOH A . 
B 2 HOH 50 250 50  HOH HOH A . 
B 2 HOH 51 251 51  HOH HOH A . 
B 2 HOH 52 252 52  HOH HOH A . 
B 2 HOH 53 253 53  HOH HOH A . 
B 2 HOH 54 254 54  HOH HOH A . 
B 2 HOH 55 255 56  HOH HOH A . 
B 2 HOH 56 256 57  HOH HOH A . 
B 2 HOH 57 257 58  HOH HOH A . 
B 2 HOH 58 258 59  HOH HOH A . 
B 2 HOH 59 259 60  HOH HOH A . 
B 2 HOH 60 260 61  HOH HOH A . 
B 2 HOH 61 261 63  HOH HOH A . 
B 2 HOH 62 262 66  HOH HOH A . 
B 2 HOH 63 263 68  HOH HOH A . 
B 2 HOH 64 264 69  HOH HOH A . 
B 2 HOH 65 265 70  HOH HOH A . 
B 2 HOH 66 266 71  HOH HOH A . 
B 2 HOH 67 267 72  HOH HOH A . 
B 2 HOH 68 268 73  HOH HOH A . 
B 2 HOH 69 269 74  HOH HOH A . 
B 2 HOH 70 270 77  HOH HOH A . 
B 2 HOH 71 271 78  HOH HOH A . 
B 2 HOH 72 272 79  HOH HOH A . 
B 2 HOH 73 273 80  HOH HOH A . 
B 2 HOH 74 274 81  HOH HOH A . 
B 2 HOH 75 275 85  HOH HOH A . 
B 2 HOH 76 276 90  HOH HOH A . 
B 2 HOH 77 277 91  HOH HOH A . 
B 2 HOH 78 278 94  HOH HOH A . 
B 2 HOH 79 279 95  HOH HOH A . 
B 2 HOH 80 280 96  HOH HOH A . 
B 2 HOH 81 281 98  HOH HOH A . 
B 2 HOH 82 282 99  HOH HOH A . 
B 2 HOH 83 283 100 HOH HOH A . 
B 2 HOH 84 284 101 HOH HOH A . 
B 2 HOH 85 285 102 HOH HOH A . 
B 2 HOH 86 286 109 HOH HOH A . 
B 2 HOH 87 287 110 HOH HOH A . 
B 2 HOH 88 288 117 HOH HOH A . 
B 2 HOH 89 289 122 HOH HOH A . 
B 2 HOH 90 290 123 HOH HOH A . 
B 2 HOH 91 291 131 HOH HOH A . 
B 2 HOH 92 292 132 HOH HOH A . 
# 
_pdbx_struct_assembly.id                   1 
_pdbx_struct_assembly.details              author_and_software_defined_assembly 
_pdbx_struct_assembly.method_details       PISA 
_pdbx_struct_assembly.oligomeric_details   monomeric 
_pdbx_struct_assembly.oligomeric_count     1 
# 
_pdbx_struct_assembly_gen.assembly_id       1 
_pdbx_struct_assembly_gen.oper_expression   1 
_pdbx_struct_assembly_gen.asym_id_list      A,B 
# 
_pdbx_struct_oper_list.id                   1 
_pdbx_struct_oper_list.type                 'identity operation' 
_pdbx_struct_oper_list.name                 1_555 
_pdbx_struct_oper_list.symmetry_operation   x,y,z 
_pdbx_struct_oper_list.matrix[1][1]         1.0000000000 
_pdbx_struct_oper_list.matrix[1][2]         0.0000000000 
_pdbx_struct_oper_list.matrix[1][3]         0.0000000000 
_pdbx_struct_oper_list.vector[1]            0.0000000000 
_pdbx_struct_oper_list.matrix[2][1]         0.0000000000 
_pdbx_struct_oper_list.matrix[2][2]         1.0000000000 
_pdbx_struct_oper_list.matrix[2][3]         0.0000000000 
_pdbx_struct_oper_list.vector[2]            0.0000000000 
_pdbx_struct_oper_list.matrix[3][1]         0.0000000000 
_pdbx_struct_oper_list.matrix[3][2]         0.0000000000 
_pdbx_struct_oper_list.matrix[3][3]         1.0000000000 
_pdbx_struct_oper_list.vector[3]            0.0000000000 
# 
loop_
_pdbx_audit_revision_history.ordinal 
_pdbx_audit_revision_history.data_content_type 
_pdbx_audit_revision_history.major_revision 
_pdbx_audit_revision_history.minor_revision 
_pdbx_audit_revision_history.revision_date 
1 'Structure model' 1 0 2014-02-05 
2 'Structure model' 1 1 2023-09-20 
# 
_pdbx_audit_revision_details.ordinal             1 
_pdbx_audit_revision_details.revision_ordinal    1 
_pdbx_audit_revision_details.data_content_type   'Structure model' 
_pdbx_audit_revision_details.provider            repository 
_pdbx_audit_revision_details.type                'Initial release' 
_pdbx_audit_revision_details.description         ? 
_pdbx_audit_revision_details.details             ? 
# 
loop_
_pdbx_audit_revision_group.ordinal 
_pdbx_audit_revision_group.revision_ordinal 
_pdbx_audit_revision_group.data_content_type 
_pdbx_audit_revision_group.group 
1 2 'Structure model' 'Data collection'        
2 2 'Structure model' 'Database references'    
3 2 'Structure model' 'Refinement description' 
# 
loop_
_pdbx_audit_revision_category.ordinal 
_pdbx_audit_revision_category.revision_ordinal 
_pdbx_audit_revision_category.data_content_type 
_pdbx_audit_revision_category.category 
1 2 'Structure model' chem_comp_atom                
2 2 'Structure model' chem_comp_bond                
3 2 'Structure model' database_2                    
4 2 'Structure model' pdbx_initial_refinement_model 
# 
loop_
_pdbx_audit_revision_item.ordinal 
_pdbx_audit_revision_item.revision_ordinal 
_pdbx_audit_revision_item.data_content_type 
_pdbx_audit_revision_item.item 
1 2 'Structure model' '_database_2.pdbx_DOI'                
2 2 'Structure model' '_database_2.pdbx_database_accession' 
# 
loop_
_software.name 
_software.classification 
_software.version 
_software.citation_id 
_software.pdbx_ordinal 
MxCuBE 'data collection' .        ? 1 
PHASER phasing           .        ? 2 
REFMAC refinement        5.7.0029 ? 3 
MOSFLM 'data reduction'  .        ? 4 
SCALA  'data scaling'    .        ? 5 
# 
loop_
_pdbx_unobs_or_zero_occ_residues.id 
_pdbx_unobs_or_zero_occ_residues.PDB_model_num 
_pdbx_unobs_or_zero_occ_residues.polymer_flag 
_pdbx_unobs_or_zero_occ_residues.occupancy_flag 
_pdbx_unobs_or_zero_occ_residues.auth_asym_id 
_pdbx_unobs_or_zero_occ_residues.auth_comp_id 
_pdbx_unobs_or_zero_occ_residues.auth_seq_id 
_pdbx_unobs_or_zero_occ_residues.PDB_ins_code 
_pdbx_unobs_or_zero_occ_residues.label_asym_id 
_pdbx_unobs_or_zero_occ_residues.label_comp_id 
_pdbx_unobs_or_zero_occ_residues.label_seq_id 
1  1 Y 1 A MET 1  ? A MET 1  
2  1 Y 1 A LYS 2  ? A LYS 2  
3  1 Y 1 A LYS 3  ? A LYS 3  
4  1 Y 1 A TRP 4  ? A TRP 4  
5  1 Y 1 A SER 5  ? A SER 5  
6  1 Y 1 A ASP 6  ? A ASP 6  
7  1 Y 1 A THR 7  ? A THR 7  
8  1 Y 1 A GLU 8  ? A GLU 8  
9  1 Y 1 A VAL 9  ? A VAL 9  
10 1 Y 1 A PHE 10 ? A PHE 10 
11 1 Y 1 A GLU 11 ? A GLU 11 
# 
loop_
_chem_comp_atom.comp_id 
_chem_comp_atom.atom_id 
_chem_comp_atom.type_symbol 
_chem_comp_atom.pdbx_aromatic_flag 
_chem_comp_atom.pdbx_stereo_config 
_chem_comp_atom.pdbx_ordinal 
ALA N    N N N 1   
ALA CA   C N S 2   
ALA C    C N N 3   
ALA O    O N N 4   
ALA CB   C N N 5   
ALA OXT  O N N 6   
ALA H    H N N 7   
ALA H2   H N N 8   
ALA HA   H N N 9   
ALA HB1  H N N 10  
ALA HB2  H N N 11  
ALA HB3  H N N 12  
ALA HXT  H N N 13  
ARG N    N N N 14  
ARG CA   C N S 15  
ARG C    C N N 16  
ARG O    O N N 17  
ARG CB   C N N 18  
ARG CG   C N N 19  
ARG CD   C N N 20  
ARG NE   N N N 21  
ARG CZ   C N N 22  
ARG NH1  N N N 23  
ARG NH2  N N N 24  
ARG OXT  O N N 25  
ARG H    H N N 26  
ARG H2   H N N 27  
ARG HA   H N N 28  
ARG HB2  H N N 29  
ARG HB3  H N N 30  
ARG HG2  H N N 31  
ARG HG3  H N N 32  
ARG HD2  H N N 33  
ARG HD3  H N N 34  
ARG HE   H N N 35  
ARG HH11 H N N 36  
ARG HH12 H N N 37  
ARG HH21 H N N 38  
ARG HH22 H N N 39  
ARG HXT  H N N 40  
ASN N    N N N 41  
ASN CA   C N S 42  
ASN C    C N N 43  
ASN O    O N N 44  
ASN CB   C N N 45  
ASN CG   C N N 46  
ASN OD1  O N N 47  
ASN ND2  N N N 48  
ASN OXT  O N N 49  
ASN H    H N N 50  
ASN H2   H N N 51  
ASN HA   H N N 52  
ASN HB2  H N N 53  
ASN HB3  H N N 54  
ASN HD21 H N N 55  
ASN HD22 H N N 56  
ASN HXT  H N N 57  
ASP N    N N N 58  
ASP CA   C N S 59  
ASP C    C N N 60  
ASP O    O N N 61  
ASP CB   C N N 62  
ASP CG   C N N 63  
ASP OD1  O N N 64  
ASP OD2  O N N 65  
ASP OXT  O N N 66  
ASP H    H N N 67  
ASP H2   H N N 68  
ASP HA   H N N 69  
ASP HB2  H N N 70  
ASP HB3  H N N 71  
ASP HD2  H N N 72  
ASP HXT  H N N 73  
GLN N    N N N 74  
GLN CA   C N S 75  
GLN C    C N N 76  
GLN O    O N N 77  
GLN CB   C N N 78  
GLN CG   C N N 79  
GLN CD   C N N 80  
GLN OE1  O N N 81  
GLN NE2  N N N 82  
GLN OXT  O N N 83  
GLN H    H N N 84  
GLN H2   H N N 85  
GLN HA   H N N 86  
GLN HB2  H N N 87  
GLN HB3  H N N 88  
GLN HG2  H N N 89  
GLN HG3  H N N 90  
GLN HE21 H N N 91  
GLN HE22 H N N 92  
GLN HXT  H N N 93  
GLU N    N N N 94  
GLU CA   C N S 95  
GLU C    C N N 96  
GLU O    O N N 97  
GLU CB   C N N 98  
GLU CG   C N N 99  
GLU CD   C N N 100 
GLU OE1  O N N 101 
GLU OE2  O N N 102 
GLU OXT  O N N 103 
GLU H    H N N 104 
GLU H2   H N N 105 
GLU HA   H N N 106 
GLU HB2  H N N 107 
GLU HB3  H N N 108 
GLU HG2  H N N 109 
GLU HG3  H N N 110 
GLU HE2  H N N 111 
GLU HXT  H N N 112 
GLY N    N N N 113 
GLY CA   C N N 114 
GLY C    C N N 115 
GLY O    O N N 116 
GLY OXT  O N N 117 
GLY H    H N N 118 
GLY H2   H N N 119 
GLY HA2  H N N 120 
GLY HA3  H N N 121 
GLY HXT  H N N 122 
HIS N    N N N 123 
HIS CA   C N S 124 
HIS C    C N N 125 
HIS O    O N N 126 
HIS CB   C N N 127 
HIS CG   C Y N 128 
HIS ND1  N Y N 129 
HIS CD2  C Y N 130 
HIS CE1  C Y N 131 
HIS NE2  N Y N 132 
HIS OXT  O N N 133 
HIS H    H N N 134 
HIS H2   H N N 135 
HIS HA   H N N 136 
HIS HB2  H N N 137 
HIS HB3  H N N 138 
HIS HD1  H N N 139 
HIS HD2  H N N 140 
HIS HE1  H N N 141 
HIS HE2  H N N 142 
HIS HXT  H N N 143 
HOH O    O N N 144 
HOH H1   H N N 145 
HOH H2   H N N 146 
ILE N    N N N 147 
ILE CA   C N S 148 
ILE C    C N N 149 
ILE O    O N N 150 
ILE CB   C N S 151 
ILE CG1  C N N 152 
ILE CG2  C N N 153 
ILE CD1  C N N 154 
ILE OXT  O N N 155 
ILE H    H N N 156 
ILE H2   H N N 157 
ILE HA   H N N 158 
ILE HB   H N N 159 
ILE HG12 H N N 160 
ILE HG13 H N N 161 
ILE HG21 H N N 162 
ILE HG22 H N N 163 
ILE HG23 H N N 164 
ILE HD11 H N N 165 
ILE HD12 H N N 166 
ILE HD13 H N N 167 
ILE HXT  H N N 168 
LEU N    N N N 169 
LEU CA   C N S 170 
LEU C    C N N 171 
LEU O    O N N 172 
LEU CB   C N N 173 
LEU CG   C N N 174 
LEU CD1  C N N 175 
LEU CD2  C N N 176 
LEU OXT  O N N 177 
LEU H    H N N 178 
LEU H2   H N N 179 
LEU HA   H N N 180 
LEU HB2  H N N 181 
LEU HB3  H N N 182 
LEU HG   H N N 183 
LEU HD11 H N N 184 
LEU HD12 H N N 185 
LEU HD13 H N N 186 
LEU HD21 H N N 187 
LEU HD22 H N N 188 
LEU HD23 H N N 189 
LEU HXT  H N N 190 
LYS N    N N N 191 
LYS CA   C N S 192 
LYS C    C N N 193 
LYS O    O N N 194 
LYS CB   C N N 195 
LYS CG   C N N 196 
LYS CD   C N N 197 
LYS CE   C N N 198 
LYS NZ   N N N 199 
LYS OXT  O N N 200 
LYS H    H N N 201 
LYS H2   H N N 202 
LYS HA   H N N 203 
LYS HB2  H N N 204 
LYS HB3  H N N 205 
LYS HG2  H N N 206 
LYS HG3  H N N 207 
LYS HD2  H N N 208 
LYS HD3  H N N 209 
LYS HE2  H N N 210 
LYS HE3  H N N 211 
LYS HZ1  H N N 212 
LYS HZ2  H N N 213 
LYS HZ3  H N N 214 
LYS HXT  H N N 215 
MET N    N N N 216 
MET CA   C N S 217 
MET C    C N N 218 
MET O    O N N 219 
MET CB   C N N 220 
MET CG   C N N 221 
MET SD   S N N 222 
MET CE   C N N 223 
MET OXT  O N N 224 
MET H    H N N 225 
MET H2   H N N 226 
MET HA   H N N 227 
MET HB2  H N N 228 
MET HB3  H N N 229 
MET HG2  H N N 230 
MET HG3  H N N 231 
MET HE1  H N N 232 
MET HE2  H N N 233 
MET HE3  H N N 234 
MET HXT  H N N 235 
PHE N    N N N 236 
PHE CA   C N S 237 
PHE C    C N N 238 
PHE O    O N N 239 
PHE CB   C N N 240 
PHE CG   C Y N 241 
PHE CD1  C Y N 242 
PHE CD2  C Y N 243 
PHE CE1  C Y N 244 
PHE CE2  C Y N 245 
PHE CZ   C Y N 246 
PHE OXT  O N N 247 
PHE H    H N N 248 
PHE H2   H N N 249 
PHE HA   H N N 250 
PHE HB2  H N N 251 
PHE HB3  H N N 252 
PHE HD1  H N N 253 
PHE HD2  H N N 254 
PHE HE1  H N N 255 
PHE HE2  H N N 256 
PHE HZ   H N N 257 
PHE HXT  H N N 258 
PRO N    N N N 259 
PRO CA   C N S 260 
PRO C    C N N 261 
PRO O    O N N 262 
PRO CB   C N N 263 
PRO CG   C N N 264 
PRO CD   C N N 265 
PRO OXT  O N N 266 
PRO H    H N N 267 
PRO HA   H N N 268 
PRO HB2  H N N 269 
PRO HB3  H N N 270 
PRO HG2  H N N 271 
PRO HG3  H N N 272 
PRO HD2  H N N 273 
PRO HD3  H N N 274 
PRO HXT  H N N 275 
SER N    N N N 276 
SER CA   C N S 277 
SER C    C N N 278 
SER O    O N N 279 
SER CB   C N N 280 
SER OG   O N N 281 
SER OXT  O N N 282 
SER H    H N N 283 
SER H2   H N N 284 
SER HA   H N N 285 
SER HB2  H N N 286 
SER HB3  H N N 287 
SER HG   H N N 288 
SER HXT  H N N 289 
THR N    N N N 290 
THR CA   C N S 291 
THR C    C N N 292 
THR O    O N N 293 
THR CB   C N R 294 
THR OG1  O N N 295 
THR CG2  C N N 296 
THR OXT  O N N 297 
THR H    H N N 298 
THR H2   H N N 299 
THR HA   H N N 300 
THR HB   H N N 301 
THR HG1  H N N 302 
THR HG21 H N N 303 
THR HG22 H N N 304 
THR HG23 H N N 305 
THR HXT  H N N 306 
TRP N    N N N 307 
TRP CA   C N S 308 
TRP C    C N N 309 
TRP O    O N N 310 
TRP CB   C N N 311 
TRP CG   C Y N 312 
TRP CD1  C Y N 313 
TRP CD2  C Y N 314 
TRP NE1  N Y N 315 
TRP CE2  C Y N 316 
TRP CE3  C Y N 317 
TRP CZ2  C Y N 318 
TRP CZ3  C Y N 319 
TRP CH2  C Y N 320 
TRP OXT  O N N 321 
TRP H    H N N 322 
TRP H2   H N N 323 
TRP HA   H N N 324 
TRP HB2  H N N 325 
TRP HB3  H N N 326 
TRP HD1  H N N 327 
TRP HE1  H N N 328 
TRP HE3  H N N 329 
TRP HZ2  H N N 330 
TRP HZ3  H N N 331 
TRP HH2  H N N 332 
TRP HXT  H N N 333 
TYR N    N N N 334 
TYR CA   C N S 335 
TYR C    C N N 336 
TYR O    O N N 337 
TYR CB   C N N 338 
TYR CG   C Y N 339 
TYR CD1  C Y N 340 
TYR CD2  C Y N 341 
TYR CE1  C Y N 342 
TYR CE2  C Y N 343 
TYR CZ   C Y N 344 
TYR OH   O N N 345 
TYR OXT  O N N 346 
TYR H    H N N 347 
TYR H2   H N N 348 
TYR HA   H N N 349 
TYR HB2  H N N 350 
TYR HB3  H N N 351 
TYR HD1  H N N 352 
TYR HD2  H N N 353 
TYR HE1  H N N 354 
TYR HE2  H N N 355 
TYR HH   H N N 356 
TYR HXT  H N N 357 
VAL N    N N N 358 
VAL CA   C N S 359 
VAL C    C N N 360 
VAL O    O N N 361 
VAL CB   C N N 362 
VAL CG1  C N N 363 
VAL CG2  C N N 364 
VAL OXT  O N N 365 
VAL H    H N N 366 
VAL H2   H N N 367 
VAL HA   H N N 368 
VAL HB   H N N 369 
VAL HG11 H N N 370 
VAL HG12 H N N 371 
VAL HG13 H N N 372 
VAL HG21 H N N 373 
VAL HG22 H N N 374 
VAL HG23 H N N 375 
VAL HXT  H N N 376 
# 
loop_
_chem_comp_bond.comp_id 
_chem_comp_bond.atom_id_1 
_chem_comp_bond.atom_id_2 
_chem_comp_bond.value_order 
_chem_comp_bond.pdbx_aromatic_flag 
_chem_comp_bond.pdbx_stereo_config 
_chem_comp_bond.pdbx_ordinal 
ALA N   CA   sing N N 1   
ALA N   H    sing N N 2   
ALA N   H2   sing N N 3   
ALA CA  C    sing N N 4   
ALA CA  CB   sing N N 5   
ALA CA  HA   sing N N 6   
ALA C   O    doub N N 7   
ALA C   OXT  sing N N 8   
ALA CB  HB1  sing N N 9   
ALA CB  HB2  sing N N 10  
ALA CB  HB3  sing N N 11  
ALA OXT HXT  sing N N 12  
ARG N   CA   sing N N 13  
ARG N   H    sing N N 14  
ARG N   H2   sing N N 15  
ARG CA  C    sing N N 16  
ARG CA  CB   sing N N 17  
ARG CA  HA   sing N N 18  
ARG C   O    doub N N 19  
ARG C   OXT  sing N N 20  
ARG CB  CG   sing N N 21  
ARG CB  HB2  sing N N 22  
ARG CB  HB3  sing N N 23  
ARG CG  CD   sing N N 24  
ARG CG  HG2  sing N N 25  
ARG CG  HG3  sing N N 26  
ARG CD  NE   sing N N 27  
ARG CD  HD2  sing N N 28  
ARG CD  HD3  sing N N 29  
ARG NE  CZ   sing N N 30  
ARG NE  HE   sing N N 31  
ARG CZ  NH1  sing N N 32  
ARG CZ  NH2  doub N N 33  
ARG NH1 HH11 sing N N 34  
ARG NH1 HH12 sing N N 35  
ARG NH2 HH21 sing N N 36  
ARG NH2 HH22 sing N N 37  
ARG OXT HXT  sing N N 38  
ASN N   CA   sing N N 39  
ASN N   H    sing N N 40  
ASN N   H2   sing N N 41  
ASN CA  C    sing N N 42  
ASN CA  CB   sing N N 43  
ASN CA  HA   sing N N 44  
ASN C   O    doub N N 45  
ASN C   OXT  sing N N 46  
ASN CB  CG   sing N N 47  
ASN CB  HB2  sing N N 48  
ASN CB  HB3  sing N N 49  
ASN CG  OD1  doub N N 50  
ASN CG  ND2  sing N N 51  
ASN ND2 HD21 sing N N 52  
ASN ND2 HD22 sing N N 53  
ASN OXT HXT  sing N N 54  
ASP N   CA   sing N N 55  
ASP N   H    sing N N 56  
ASP N   H2   sing N N 57  
ASP CA  C    sing N N 58  
ASP CA  CB   sing N N 59  
ASP CA  HA   sing N N 60  
ASP C   O    doub N N 61  
ASP C   OXT  sing N N 62  
ASP CB  CG   sing N N 63  
ASP CB  HB2  sing N N 64  
ASP CB  HB3  sing N N 65  
ASP CG  OD1  doub N N 66  
ASP CG  OD2  sing N N 67  
ASP OD2 HD2  sing N N 68  
ASP OXT HXT  sing N N 69  
GLN N   CA   sing N N 70  
GLN N   H    sing N N 71  
GLN N   H2   sing N N 72  
GLN CA  C    sing N N 73  
GLN CA  CB   sing N N 74  
GLN CA  HA   sing N N 75  
GLN C   O    doub N N 76  
GLN C   OXT  sing N N 77  
GLN CB  CG   sing N N 78  
GLN CB  HB2  sing N N 79  
GLN CB  HB3  sing N N 80  
GLN CG  CD   sing N N 81  
GLN CG  HG2  sing N N 82  
GLN CG  HG3  sing N N 83  
GLN CD  OE1  doub N N 84  
GLN CD  NE2  sing N N 85  
GLN NE2 HE21 sing N N 86  
GLN NE2 HE22 sing N N 87  
GLN OXT HXT  sing N N 88  
GLU N   CA   sing N N 89  
GLU N   H    sing N N 90  
GLU N   H2   sing N N 91  
GLU CA  C    sing N N 92  
GLU CA  CB   sing N N 93  
GLU CA  HA   sing N N 94  
GLU C   O    doub N N 95  
GLU C   OXT  sing N N 96  
GLU CB  CG   sing N N 97  
GLU CB  HB2  sing N N 98  
GLU CB  HB3  sing N N 99  
GLU CG  CD   sing N N 100 
GLU CG  HG2  sing N N 101 
GLU CG  HG3  sing N N 102 
GLU CD  OE1  doub N N 103 
GLU CD  OE2  sing N N 104 
GLU OE2 HE2  sing N N 105 
GLU OXT HXT  sing N N 106 
GLY N   CA   sing N N 107 
GLY N   H    sing N N 108 
GLY N   H2   sing N N 109 
GLY CA  C    sing N N 110 
GLY CA  HA2  sing N N 111 
GLY CA  HA3  sing N N 112 
GLY C   O    doub N N 113 
GLY C   OXT  sing N N 114 
GLY OXT HXT  sing N N 115 
HIS N   CA   sing N N 116 
HIS N   H    sing N N 117 
HIS N   H2   sing N N 118 
HIS CA  C    sing N N 119 
HIS CA  CB   sing N N 120 
HIS CA  HA   sing N N 121 
HIS C   O    doub N N 122 
HIS C   OXT  sing N N 123 
HIS CB  CG   sing N N 124 
HIS CB  HB2  sing N N 125 
HIS CB  HB3  sing N N 126 
HIS CG  ND1  sing Y N 127 
HIS CG  CD2  doub Y N 128 
HIS ND1 CE1  doub Y N 129 
HIS ND1 HD1  sing N N 130 
HIS CD2 NE2  sing Y N 131 
HIS CD2 HD2  sing N N 132 
HIS CE1 NE2  sing Y N 133 
HIS CE1 HE1  sing N N 134 
HIS NE2 HE2  sing N N 135 
HIS OXT HXT  sing N N 136 
HOH O   H1   sing N N 137 
HOH O   H2   sing N N 138 
ILE N   CA   sing N N 139 
ILE N   H    sing N N 140 
ILE N   H2   sing N N 141 
ILE CA  C    sing N N 142 
ILE CA  CB   sing N N 143 
ILE CA  HA   sing N N 144 
ILE C   O    doub N N 145 
ILE C   OXT  sing N N 146 
ILE CB  CG1  sing N N 147 
ILE CB  CG2  sing N N 148 
ILE CB  HB   sing N N 149 
ILE CG1 CD1  sing N N 150 
ILE CG1 HG12 sing N N 151 
ILE CG1 HG13 sing N N 152 
ILE CG2 HG21 sing N N 153 
ILE CG2 HG22 sing N N 154 
ILE CG2 HG23 sing N N 155 
ILE CD1 HD11 sing N N 156 
ILE CD1 HD12 sing N N 157 
ILE CD1 HD13 sing N N 158 
ILE OXT HXT  sing N N 159 
LEU N   CA   sing N N 160 
LEU N   H    sing N N 161 
LEU N   H2   sing N N 162 
LEU CA  C    sing N N 163 
LEU CA  CB   sing N N 164 
LEU CA  HA   sing N N 165 
LEU C   O    doub N N 166 
LEU C   OXT  sing N N 167 
LEU CB  CG   sing N N 168 
LEU CB  HB2  sing N N 169 
LEU CB  HB3  sing N N 170 
LEU CG  CD1  sing N N 171 
LEU CG  CD2  sing N N 172 
LEU CG  HG   sing N N 173 
LEU CD1 HD11 sing N N 174 
LEU CD1 HD12 sing N N 175 
LEU CD1 HD13 sing N N 176 
LEU CD2 HD21 sing N N 177 
LEU CD2 HD22 sing N N 178 
LEU CD2 HD23 sing N N 179 
LEU OXT HXT  sing N N 180 
LYS N   CA   sing N N 181 
LYS N   H    sing N N 182 
LYS N   H2   sing N N 183 
LYS CA  C    sing N N 184 
LYS CA  CB   sing N N 185 
LYS CA  HA   sing N N 186 
LYS C   O    doub N N 187 
LYS C   OXT  sing N N 188 
LYS CB  CG   sing N N 189 
LYS CB  HB2  sing N N 190 
LYS CB  HB3  sing N N 191 
LYS CG  CD   sing N N 192 
LYS CG  HG2  sing N N 193 
LYS CG  HG3  sing N N 194 
LYS CD  CE   sing N N 195 
LYS CD  HD2  sing N N 196 
LYS CD  HD3  sing N N 197 
LYS CE  NZ   sing N N 198 
LYS CE  HE2  sing N N 199 
LYS CE  HE3  sing N N 200 
LYS NZ  HZ1  sing N N 201 
LYS NZ  HZ2  sing N N 202 
LYS NZ  HZ3  sing N N 203 
LYS OXT HXT  sing N N 204 
MET N   CA   sing N N 205 
MET N   H    sing N N 206 
MET N   H2   sing N N 207 
MET CA  C    sing N N 208 
MET CA  CB   sing N N 209 
MET CA  HA   sing N N 210 
MET C   O    doub N N 211 
MET C   OXT  sing N N 212 
MET CB  CG   sing N N 213 
MET CB  HB2  sing N N 214 
MET CB  HB3  sing N N 215 
MET CG  SD   sing N N 216 
MET CG  HG2  sing N N 217 
MET CG  HG3  sing N N 218 
MET SD  CE   sing N N 219 
MET CE  HE1  sing N N 220 
MET CE  HE2  sing N N 221 
MET CE  HE3  sing N N 222 
MET OXT HXT  sing N N 223 
PHE N   CA   sing N N 224 
PHE N   H    sing N N 225 
PHE N   H2   sing N N 226 
PHE CA  C    sing N N 227 
PHE CA  CB   sing N N 228 
PHE CA  HA   sing N N 229 
PHE C   O    doub N N 230 
PHE C   OXT  sing N N 231 
PHE CB  CG   sing N N 232 
PHE CB  HB2  sing N N 233 
PHE CB  HB3  sing N N 234 
PHE CG  CD1  doub Y N 235 
PHE CG  CD2  sing Y N 236 
PHE CD1 CE1  sing Y N 237 
PHE CD1 HD1  sing N N 238 
PHE CD2 CE2  doub Y N 239 
PHE CD2 HD2  sing N N 240 
PHE CE1 CZ   doub Y N 241 
PHE CE1 HE1  sing N N 242 
PHE CE2 CZ   sing Y N 243 
PHE CE2 HE2  sing N N 244 
PHE CZ  HZ   sing N N 245 
PHE OXT HXT  sing N N 246 
PRO N   CA   sing N N 247 
PRO N   CD   sing N N 248 
PRO N   H    sing N N 249 
PRO CA  C    sing N N 250 
PRO CA  CB   sing N N 251 
PRO CA  HA   sing N N 252 
PRO C   O    doub N N 253 
PRO C   OXT  sing N N 254 
PRO CB  CG   sing N N 255 
PRO CB  HB2  sing N N 256 
PRO CB  HB3  sing N N 257 
PRO CG  CD   sing N N 258 
PRO CG  HG2  sing N N 259 
PRO CG  HG3  sing N N 260 
PRO CD  HD2  sing N N 261 
PRO CD  HD3  sing N N 262 
PRO OXT HXT  sing N N 263 
SER N   CA   sing N N 264 
SER N   H    sing N N 265 
SER N   H2   sing N N 266 
SER CA  C    sing N N 267 
SER CA  CB   sing N N 268 
SER CA  HA   sing N N 269 
SER C   O    doub N N 270 
SER C   OXT  sing N N 271 
SER CB  OG   sing N N 272 
SER CB  HB2  sing N N 273 
SER CB  HB3  sing N N 274 
SER OG  HG   sing N N 275 
SER OXT HXT  sing N N 276 
THR N   CA   sing N N 277 
THR N   H    sing N N 278 
THR N   H2   sing N N 279 
THR CA  C    sing N N 280 
THR CA  CB   sing N N 281 
THR CA  HA   sing N N 282 
THR C   O    doub N N 283 
THR C   OXT  sing N N 284 
THR CB  OG1  sing N N 285 
THR CB  CG2  sing N N 286 
THR CB  HB   sing N N 287 
THR OG1 HG1  sing N N 288 
THR CG2 HG21 sing N N 289 
THR CG2 HG22 sing N N 290 
THR CG2 HG23 sing N N 291 
THR OXT HXT  sing N N 292 
TRP N   CA   sing N N 293 
TRP N   H    sing N N 294 
TRP N   H2   sing N N 295 
TRP CA  C    sing N N 296 
TRP CA  CB   sing N N 297 
TRP CA  HA   sing N N 298 
TRP C   O    doub N N 299 
TRP C   OXT  sing N N 300 
TRP CB  CG   sing N N 301 
TRP CB  HB2  sing N N 302 
TRP CB  HB3  sing N N 303 
TRP CG  CD1  doub Y N 304 
TRP CG  CD2  sing Y N 305 
TRP CD1 NE1  sing Y N 306 
TRP CD1 HD1  sing N N 307 
TRP CD2 CE2  doub Y N 308 
TRP CD2 CE3  sing Y N 309 
TRP NE1 CE2  sing Y N 310 
TRP NE1 HE1  sing N N 311 
TRP CE2 CZ2  sing Y N 312 
TRP CE3 CZ3  doub Y N 313 
TRP CE3 HE3  sing N N 314 
TRP CZ2 CH2  doub Y N 315 
TRP CZ2 HZ2  sing N N 316 
TRP CZ3 CH2  sing Y N 317 
TRP CZ3 HZ3  sing N N 318 
TRP CH2 HH2  sing N N 319 
TRP OXT HXT  sing N N 320 
TYR N   CA   sing N N 321 
TYR N   H    sing N N 322 
TYR N   H2   sing N N 323 
TYR CA  C    sing N N 324 
TYR CA  CB   sing N N 325 
TYR CA  HA   sing N N 326 
TYR C   O    doub N N 327 
TYR C   OXT  sing N N 328 
TYR CB  CG   sing N N 329 
TYR CB  HB2  sing N N 330 
TYR CB  HB3  sing N N 331 
TYR CG  CD1  doub Y N 332 
TYR CG  CD2  sing Y N 333 
TYR CD1 CE1  sing Y N 334 
TYR CD1 HD1  sing N N 335 
TYR CD2 CE2  doub Y N 336 
TYR CD2 HD2  sing N N 337 
TYR CE1 CZ   doub Y N 338 
TYR CE1 HE1  sing N N 339 
TYR CE2 CZ   sing Y N 340 
TYR CE2 HE2  sing N N 341 
TYR CZ  OH   sing N N 342 
TYR OH  HH   sing N N 343 
TYR OXT HXT  sing N N 344 
VAL N   CA   sing N N 345 
VAL N   H    sing N N 346 
VAL N   H2   sing N N 347 
VAL CA  C    sing N N 348 
VAL CA  CB   sing N N 349 
VAL CA  HA   sing N N 350 
VAL C   O    doub N N 351 
VAL C   OXT  sing N N 352 
VAL CB  CG1  sing N N 353 
VAL CB  CG2  sing N N 354 
VAL CB  HB   sing N N 355 
VAL CG1 HG11 sing N N 356 
VAL CG1 HG12 sing N N 357 
VAL CG1 HG13 sing N N 358 
VAL CG2 HG21 sing N N 359 
VAL CG2 HG22 sing N N 360 
VAL CG2 HG23 sing N N 361 
VAL OXT HXT  sing N N 362 
# 
_pdbx_entity_nonpoly.entity_id   2 
_pdbx_entity_nonpoly.name        water 
_pdbx_entity_nonpoly.comp_id     HOH 
# 
_pdbx_initial_refinement_model.id               1 
_pdbx_initial_refinement_model.entity_id_list   ? 
_pdbx_initial_refinement_model.type             'experimental model' 
_pdbx_initial_refinement_model.source_name      PDB 
_pdbx_initial_refinement_model.accession_code   2BJE 
_pdbx_initial_refinement_model.details          'pdb entry 2BJE' 
# 
